data_5QOU
# 
_entry.id   5QOU 
# 
_audit_conform.dict_name       mmcif_pdbx.dic 
_audit_conform.dict_version    5.387 
_audit_conform.dict_location   http://mmcif.pdb.org/dictionaries/ascii/mmcif_pdbx.dic 
# 
loop_
_database_2.database_id 
_database_2.database_code 
_database_2.pdbx_database_accession 
_database_2.pdbx_DOI 
PDB   5QOU         pdb_00005qou 10.2210/pdb5qou/pdb 
WWPDB D_1001402219 ?            ?                   
# 
loop_
_pdbx_audit_revision_history.ordinal 
_pdbx_audit_revision_history.data_content_type 
_pdbx_audit_revision_history.major_revision 
_pdbx_audit_revision_history.minor_revision 
_pdbx_audit_revision_history.revision_date 
1 'Structure model' 1 0 2019-05-08 
2 'Structure model' 1 1 2019-11-20 
3 'Structure model' 1 2 2024-03-06 
# 
_pdbx_audit_revision_details.ordinal             1 
_pdbx_audit_revision_details.revision_ordinal    1 
_pdbx_audit_revision_details.data_content_type   'Structure model' 
_pdbx_audit_revision_details.provider            repository 
_pdbx_audit_revision_details.type                'Initial release' 
_pdbx_audit_revision_details.description         ? 
_pdbx_audit_revision_details.details             ? 
# 
loop_
_pdbx_audit_revision_group.ordinal 
_pdbx_audit_revision_group.revision_ordinal 
_pdbx_audit_revision_group.data_content_type 
_pdbx_audit_revision_group.group 
1 2 'Structure model' 'Data collection'     
2 3 'Structure model' 'Data collection'     
3 3 'Structure model' 'Database references' 
# 
loop_
_pdbx_audit_revision_category.ordinal 
_pdbx_audit_revision_category.revision_ordinal 
_pdbx_audit_revision_category.data_content_type 
_pdbx_audit_revision_category.category 
1 2 'Structure model' diffrn_source  
2 3 'Structure model' chem_comp_atom 
3 3 'Structure model' chem_comp_bond 
4 3 'Structure model' database_2     
# 
loop_
_pdbx_audit_revision_item.ordinal 
_pdbx_audit_revision_item.revision_ordinal 
_pdbx_audit_revision_item.data_content_type 
_pdbx_audit_revision_item.item 
1 2 'Structure model' '_diffrn_source.pdbx_synchrotron_beamline' 
2 2 'Structure model' '_diffrn_source.type'                      
3 3 'Structure model' '_database_2.pdbx_DOI'                     
4 3 'Structure model' '_database_2.pdbx_database_accession'      
# 
_pdbx_database_status.entry_id                        5QOU 
_pdbx_database_status.status_code                     REL 
_pdbx_database_status.status_code_sf                  REL 
_pdbx_database_status.status_code_mr                  ? 
_pdbx_database_status.status_code_cs                  ? 
_pdbx_database_status.recvd_initial_deposition_date   2019-02-22 
_pdbx_database_status.deposit_site                    RCSB 
_pdbx_database_status.process_site                    RCSB 
_pdbx_database_status.SG_entry                        ? 
_pdbx_database_status.pdb_format_compatible           Y 
_pdbx_database_status.methods_development_category    ? 
_pdbx_database_status.status_code_nmr_data            ? 
# 
loop_
_audit_author.name 
_audit_author.pdbx_ordinal 
_audit_author.identifier_ORCID 
'Nelson, E.R.'      1  ? 
'Velupillai, S.'    2  ? 
'Talon, R.'         3  ? 
'Collins, P.M.'     4  ? 
'Krojer, T.'        5  ? 
'Wang, D.'          6  ? 
'Brandao-Neto, J.'  7  ? 
'Douangamath, A.'   8  ? 
'Burgess-Brown, N.' 9  ? 
'Arrowsmith, C.H.'  10 ? 
'Bountra, C.'       11 ? 
'Huber, K.'         12 ? 
'von Delft, F.'     13 ? 
# 
_citation.id                        primary 
_citation.title                     'PanDDA analysis group deposition' 
_citation.journal_abbrev            'To Be Published' 
_citation.journal_volume            ? 
_citation.page_first                ? 
_citation.page_last                 ? 
_citation.year                      ? 
_citation.journal_id_ASTM           ? 
_citation.country                   ? 
_citation.journal_id_ISSN           ? 
_citation.journal_id_CSD            0353 
_citation.book_publisher            ? 
_citation.pdbx_database_id_PubMed   ? 
_citation.pdbx_database_id_DOI      ? 
# 
loop_
_citation_author.citation_id 
_citation_author.name 
_citation_author.identifier_ORCID 
_citation_author.ordinal 
primary 'Nelson, E.R.'      ? 1  
primary 'Velupillai, S.'    ? 2  
primary 'Talon, R.'         ? 3  
primary 'Collins, P.M.'     ? 4  
primary 'Krojer, T.'        ? 5  
primary 'Wang, D.'          ? 6  
primary 'Brandao-Neto, J.'  ? 7  
primary 'Douangamath, A.'   ? 8  
primary 'Burgess-Brown, N.' ? 9  
primary 'Arrowsmith, C.H.'  ? 10 
primary 'Bountra, C.'       ? 11 
primary 'Huber, K.'         ? 12 
primary 'von Delft, F.'     ? 13 
# 
loop_
_entity.id 
_entity.type 
_entity.src_method 
_entity.pdbx_description 
_entity.formula_weight 
_entity.pdbx_number_of_molecules 
_entity.pdbx_ec 
_entity.pdbx_mutation 
_entity.pdbx_fragment 
_entity.details 
1 polymer     man 'DCP2 (NUDT20)'                                                 19073.738 1  3.6.1.62 ? 'UNP residues 95-260' ? 
2 non-polymer syn 1,2-ETHANEDIOL                                                  62.068    2  ?        ? ?                     ? 
3 non-polymer syn 'DIMETHYL SULFOXIDE'                                            78.133    1  ?        ? ?                     ? 
4 non-polymer syn 'ACETATE ION'                                                   59.044    2  ?        ? ?                     ? 
5 non-polymer syn 'N-[(4-fluorophenyl)methyl]-3-propyl-1H-pyrazole-5-carboxamide' 261.295   1  ?        ? ?                     ? 
6 water       nat water                                                           18.015    60 ?        ? ?                     ? 
# 
_entity_name_com.entity_id   1 
_entity_name_com.name        
'Nucleoside diphosphate-linked moiety X motif 20, Nudix motif 20, mRNA-decapping enzyme 2, hDpc, m7GpppN-mRNA hydrolase' 
# 
_entity_poly.entity_id                      1 
_entity_poly.type                           'polypeptide(L)' 
_entity_poly.nstd_linkage                   no 
_entity_poly.nstd_monomer                   no 
_entity_poly.pdbx_seq_one_letter_code       
;SMGVPTYGAIILDETLENVLLVQGYLAKSGWGFPKGKVNKEEAPHDCAAREVFEETGFDIKDYICKDDYIELRINDQLAR
LYIIPGIPKDTKFNPKTRREIRNIEWFSIEKLPCHRNDMTPKSKLGLAPNKFFMAIPFIRPLRDWLSRRFGDSSDSDNGF
SSTGSTP
;
_entity_poly.pdbx_seq_one_letter_code_can   
;SMGVPTYGAIILDETLENVLLVQGYLAKSGWGFPKGKVNKEEAPHDCAAREVFEETGFDIKDYICKDDYIELRINDQLAR
LYIIPGIPKDTKFNPKTRREIRNIEWFSIEKLPCHRNDMTPKSKLGLAPNKFFMAIPFIRPLRDWLSRRFGDSSDSDNGF
SSTGSTP
;
_entity_poly.pdbx_strand_id                 A 
_entity_poly.pdbx_target_identifier         ? 
# 
loop_
_pdbx_entity_nonpoly.entity_id 
_pdbx_entity_nonpoly.name 
_pdbx_entity_nonpoly.comp_id 
2 1,2-ETHANEDIOL                                                  EDO 
3 'DIMETHYL SULFOXIDE'                                            DMS 
4 'ACETATE ION'                                                   ACT 
5 'N-[(4-fluorophenyl)methyl]-3-propyl-1H-pyrazole-5-carboxamide' LE7 
6 water                                                           HOH 
# 
loop_
_entity_poly_seq.entity_id 
_entity_poly_seq.num 
_entity_poly_seq.mon_id 
_entity_poly_seq.hetero 
1 1   SER n 
1 2   MET n 
1 3   GLY n 
1 4   VAL n 
1 5   PRO n 
1 6   THR n 
1 7   TYR n 
1 8   GLY n 
1 9   ALA n 
1 10  ILE n 
1 11  ILE n 
1 12  LEU n 
1 13  ASP n 
1 14  GLU n 
1 15  THR n 
1 16  LEU n 
1 17  GLU n 
1 18  ASN n 
1 19  VAL n 
1 20  LEU n 
1 21  LEU n 
1 22  VAL n 
1 23  GLN n 
1 24  GLY n 
1 25  TYR n 
1 26  LEU n 
1 27  ALA n 
1 28  LYS n 
1 29  SER n 
1 30  GLY n 
1 31  TRP n 
1 32  GLY n 
1 33  PHE n 
1 34  PRO n 
1 35  LYS n 
1 36  GLY n 
1 37  LYS n 
1 38  VAL n 
1 39  ASN n 
1 40  LYS n 
1 41  GLU n 
1 42  GLU n 
1 43  ALA n 
1 44  PRO n 
1 45  HIS n 
1 46  ASP n 
1 47  CYS n 
1 48  ALA n 
1 49  ALA n 
1 50  ARG n 
1 51  GLU n 
1 52  VAL n 
1 53  PHE n 
1 54  GLU n 
1 55  GLU n 
1 56  THR n 
1 57  GLY n 
1 58  PHE n 
1 59  ASP n 
1 60  ILE n 
1 61  LYS n 
1 62  ASP n 
1 63  TYR n 
1 64  ILE n 
1 65  CYS n 
1 66  LYS n 
1 67  ASP n 
1 68  ASP n 
1 69  TYR n 
1 70  ILE n 
1 71  GLU n 
1 72  LEU n 
1 73  ARG n 
1 74  ILE n 
1 75  ASN n 
1 76  ASP n 
1 77  GLN n 
1 78  LEU n 
1 79  ALA n 
1 80  ARG n 
1 81  LEU n 
1 82  TYR n 
1 83  ILE n 
1 84  ILE n 
1 85  PRO n 
1 86  GLY n 
1 87  ILE n 
1 88  PRO n 
1 89  LYS n 
1 90  ASP n 
1 91  THR n 
1 92  LYS n 
1 93  PHE n 
1 94  ASN n 
1 95  PRO n 
1 96  LYS n 
1 97  THR n 
1 98  ARG n 
1 99  ARG n 
1 100 GLU n 
1 101 ILE n 
1 102 ARG n 
1 103 ASN n 
1 104 ILE n 
1 105 GLU n 
1 106 TRP n 
1 107 PHE n 
1 108 SER n 
1 109 ILE n 
1 110 GLU n 
1 111 LYS n 
1 112 LEU n 
1 113 PRO n 
1 114 CYS n 
1 115 HIS n 
1 116 ARG n 
1 117 ASN n 
1 118 ASP n 
1 119 MET n 
1 120 THR n 
1 121 PRO n 
1 122 LYS n 
1 123 SER n 
1 124 LYS n 
1 125 LEU n 
1 126 GLY n 
1 127 LEU n 
1 128 ALA n 
1 129 PRO n 
1 130 ASN n 
1 131 LYS n 
1 132 PHE n 
1 133 PHE n 
1 134 MET n 
1 135 ALA n 
1 136 ILE n 
1 137 PRO n 
1 138 PHE n 
1 139 ILE n 
1 140 ARG n 
1 141 PRO n 
1 142 LEU n 
1 143 ARG n 
1 144 ASP n 
1 145 TRP n 
1 146 LEU n 
1 147 SER n 
1 148 ARG n 
1 149 ARG n 
1 150 PHE n 
1 151 GLY n 
1 152 ASP n 
1 153 SER n 
1 154 SER n 
1 155 ASP n 
1 156 SER n 
1 157 ASP n 
1 158 ASN n 
1 159 GLY n 
1 160 PHE n 
1 161 SER n 
1 162 SER n 
1 163 THR n 
1 164 GLY n 
1 165 SER n 
1 166 THR n 
1 167 PRO n 
# 
_entity_src_gen.entity_id                          1 
_entity_src_gen.pdbx_src_id                        1 
_entity_src_gen.pdbx_alt_source_flag               sample 
_entity_src_gen.pdbx_seq_type                      'Biological sequence' 
_entity_src_gen.pdbx_beg_seq_num                   1 
_entity_src_gen.pdbx_end_seq_num                   167 
_entity_src_gen.gene_src_common_name               Human 
_entity_src_gen.gene_src_genus                     ? 
_entity_src_gen.pdbx_gene_src_gene                 'DCP2, NUDT20' 
_entity_src_gen.gene_src_species                   ? 
_entity_src_gen.gene_src_strain                    ? 
_entity_src_gen.gene_src_tissue                    ? 
_entity_src_gen.gene_src_tissue_fraction           ? 
_entity_src_gen.gene_src_details                   ? 
_entity_src_gen.pdbx_gene_src_fragment             ? 
_entity_src_gen.pdbx_gene_src_scientific_name      'Homo sapiens' 
_entity_src_gen.pdbx_gene_src_ncbi_taxonomy_id     9606 
_entity_src_gen.pdbx_gene_src_variant              ? 
_entity_src_gen.pdbx_gene_src_cell_line            ? 
_entity_src_gen.pdbx_gene_src_atcc                 ? 
_entity_src_gen.pdbx_gene_src_organ                ? 
_entity_src_gen.pdbx_gene_src_organelle            ? 
_entity_src_gen.pdbx_gene_src_cell                 ? 
_entity_src_gen.pdbx_gene_src_cellular_location    ? 
_entity_src_gen.host_org_common_name               ? 
_entity_src_gen.pdbx_host_org_scientific_name      'Escherichia coli' 
_entity_src_gen.pdbx_host_org_ncbi_taxonomy_id     562 
_entity_src_gen.host_org_genus                     ? 
_entity_src_gen.pdbx_host_org_gene                 ? 
_entity_src_gen.pdbx_host_org_organ                ? 
_entity_src_gen.host_org_species                   ? 
_entity_src_gen.pdbx_host_org_tissue               ? 
_entity_src_gen.pdbx_host_org_tissue_fraction      ? 
_entity_src_gen.pdbx_host_org_strain               ? 
_entity_src_gen.pdbx_host_org_variant              ? 
_entity_src_gen.pdbx_host_org_cell_line            ? 
_entity_src_gen.pdbx_host_org_atcc                 ? 
_entity_src_gen.pdbx_host_org_culture_collection   ? 
_entity_src_gen.pdbx_host_org_cell                 ? 
_entity_src_gen.pdbx_host_org_organelle            ? 
_entity_src_gen.pdbx_host_org_cellular_location    ? 
_entity_src_gen.pdbx_host_org_vector_type          ? 
_entity_src_gen.pdbx_host_org_vector               ? 
_entity_src_gen.host_org_details                   ? 
_entity_src_gen.expression_system_id               ? 
_entity_src_gen.plasmid_name                       ? 
_entity_src_gen.plasmid_details                    ? 
_entity_src_gen.pdbx_description                   ? 
# 
loop_
_chem_comp.id 
_chem_comp.type 
_chem_comp.mon_nstd_flag 
_chem_comp.name 
_chem_comp.pdbx_synonyms 
_chem_comp.formula 
_chem_comp.formula_weight 
ACT non-polymer         . 'ACETATE ION'                                                   ?                 'C2 H3 O2 -1'    
59.044  
ALA 'L-peptide linking' y ALANINE                                                         ?                 'C3 H7 N O2'     
89.093  
ARG 'L-peptide linking' y ARGININE                                                        ?                 'C6 H15 N4 O2 1' 
175.209 
ASN 'L-peptide linking' y ASPARAGINE                                                      ?                 'C4 H8 N2 O3'    
132.118 
ASP 'L-peptide linking' y 'ASPARTIC ACID'                                                 ?                 'C4 H7 N O4'     
133.103 
CYS 'L-peptide linking' y CYSTEINE                                                        ?                 'C3 H7 N O2 S'   
121.158 
DMS non-polymer         . 'DIMETHYL SULFOXIDE'                                            ?                 'C2 H6 O S'      
78.133  
EDO non-polymer         . 1,2-ETHANEDIOL                                                  'ETHYLENE GLYCOL' 'C2 H6 O2'       
62.068  
GLN 'L-peptide linking' y GLUTAMINE                                                       ?                 'C5 H10 N2 O3'   
146.144 
GLU 'L-peptide linking' y 'GLUTAMIC ACID'                                                 ?                 'C5 H9 N O4'     
147.129 
GLY 'peptide linking'   y GLYCINE                                                         ?                 'C2 H5 N O2'     
75.067  
HIS 'L-peptide linking' y HISTIDINE                                                       ?                 'C6 H10 N3 O2 1' 
156.162 
HOH non-polymer         . WATER                                                           ?                 'H2 O'           
18.015  
ILE 'L-peptide linking' y ISOLEUCINE                                                      ?                 'C6 H13 N O2'    
131.173 
LE7 non-polymer         . 'N-[(4-fluorophenyl)methyl]-3-propyl-1H-pyrazole-5-carboxamide' ?                 'C14 H16 F N3 O' 
261.295 
LEU 'L-peptide linking' y LEUCINE                                                         ?                 'C6 H13 N O2'    
131.173 
LYS 'L-peptide linking' y LYSINE                                                          ?                 'C6 H15 N2 O2 1' 
147.195 
MET 'L-peptide linking' y METHIONINE                                                      ?                 'C5 H11 N O2 S'  
149.211 
PHE 'L-peptide linking' y PHENYLALANINE                                                   ?                 'C9 H11 N O2'    
165.189 
PRO 'L-peptide linking' y PROLINE                                                         ?                 'C5 H9 N O2'     
115.130 
SER 'L-peptide linking' y SERINE                                                          ?                 'C3 H7 N O3'     
105.093 
THR 'L-peptide linking' y THREONINE                                                       ?                 'C4 H9 N O3'     
119.119 
TRP 'L-peptide linking' y TRYPTOPHAN                                                      ?                 'C11 H12 N2 O2'  
204.225 
TYR 'L-peptide linking' y TYROSINE                                                        ?                 'C9 H11 N O3'    
181.189 
VAL 'L-peptide linking' y VALINE                                                          ?                 'C5 H11 N O2'    
117.146 
# 
loop_
_pdbx_poly_seq_scheme.asym_id 
_pdbx_poly_seq_scheme.entity_id 
_pdbx_poly_seq_scheme.seq_id 
_pdbx_poly_seq_scheme.mon_id 
_pdbx_poly_seq_scheme.ndb_seq_num 
_pdbx_poly_seq_scheme.pdb_seq_num 
_pdbx_poly_seq_scheme.auth_seq_num 
_pdbx_poly_seq_scheme.pdb_mon_id 
_pdbx_poly_seq_scheme.auth_mon_id 
_pdbx_poly_seq_scheme.pdb_strand_id 
_pdbx_poly_seq_scheme.pdb_ins_code 
_pdbx_poly_seq_scheme.hetero 
A 1 1   SER 1   94  ?   ?   ?   A . n 
A 1 2   MET 2   95  ?   ?   ?   A . n 
A 1 3   GLY 3   96  96  GLY GLY A . n 
A 1 4   VAL 4   97  97  VAL VAL A . n 
A 1 5   PRO 5   98  98  PRO PRO A . n 
A 1 6   THR 6   99  99  THR THR A . n 
A 1 7   TYR 7   100 100 TYR TYR A . n 
A 1 8   GLY 8   101 101 GLY GLY A . n 
A 1 9   ALA 9   102 102 ALA ALA A . n 
A 1 10  ILE 10  103 103 ILE ILE A . n 
A 1 11  ILE 11  104 104 ILE ILE A . n 
A 1 12  LEU 12  105 105 LEU LEU A . n 
A 1 13  ASP 13  106 106 ASP ASP A . n 
A 1 14  GLU 14  107 107 GLU GLU A . n 
A 1 15  THR 15  108 108 THR THR A . n 
A 1 16  LEU 16  109 109 LEU LEU A . n 
A 1 17  GLU 17  110 110 GLU GLU A . n 
A 1 18  ASN 18  111 111 ASN ASN A . n 
A 1 19  VAL 19  112 112 VAL VAL A . n 
A 1 20  LEU 20  113 113 LEU LEU A . n 
A 1 21  LEU 21  114 114 LEU LEU A . n 
A 1 22  VAL 22  115 115 VAL VAL A . n 
A 1 23  GLN 23  116 116 GLN GLN A . n 
A 1 24  GLY 24  117 117 GLY GLY A . n 
A 1 25  TYR 25  118 118 TYR TYR A . n 
A 1 26  LEU 26  119 119 LEU LEU A . n 
A 1 27  ALA 27  120 120 ALA ALA A . n 
A 1 28  LYS 28  121 121 LYS LYS A . n 
A 1 29  SER 29  122 122 SER SER A . n 
A 1 30  GLY 30  123 123 GLY GLY A . n 
A 1 31  TRP 31  124 124 TRP TRP A . n 
A 1 32  GLY 32  125 125 GLY GLY A . n 
A 1 33  PHE 33  126 126 PHE PHE A . n 
A 1 34  PRO 34  127 127 PRO PRO A . n 
A 1 35  LYS 35  128 128 LYS LYS A . n 
A 1 36  GLY 36  129 129 GLY GLY A . n 
A 1 37  LYS 37  130 130 LYS LYS A . n 
A 1 38  VAL 38  131 131 VAL VAL A . n 
A 1 39  ASN 39  132 132 ASN ASN A . n 
A 1 40  LYS 40  133 133 LYS LYS A . n 
A 1 41  GLU 41  134 134 GLU GLU A . n 
A 1 42  GLU 42  135 135 GLU GLU A . n 
A 1 43  ALA 43  136 136 ALA ALA A . n 
A 1 44  PRO 44  137 137 PRO PRO A . n 
A 1 45  HIS 45  138 138 HIS HIS A . n 
A 1 46  ASP 46  139 139 ASP ASP A . n 
A 1 47  CYS 47  140 140 CYS CYS A . n 
A 1 48  ALA 48  141 141 ALA ALA A . n 
A 1 49  ALA 49  142 142 ALA ALA A . n 
A 1 50  ARG 50  143 143 ARG ARG A . n 
A 1 51  GLU 51  144 144 GLU GLU A . n 
A 1 52  VAL 52  145 145 VAL VAL A . n 
A 1 53  PHE 53  146 146 PHE PHE A . n 
A 1 54  GLU 54  147 147 GLU GLU A . n 
A 1 55  GLU 55  148 148 GLU GLU A . n 
A 1 56  THR 56  149 149 THR THR A . n 
A 1 57  GLY 57  150 150 GLY GLY A . n 
A 1 58  PHE 58  151 151 PHE PHE A . n 
A 1 59  ASP 59  152 152 ASP ASP A . n 
A 1 60  ILE 60  153 153 ILE ILE A . n 
A 1 61  LYS 61  154 154 LYS LYS A . n 
A 1 62  ASP 62  155 155 ASP ASP A . n 
A 1 63  TYR 63  156 156 TYR TYR A . n 
A 1 64  ILE 64  157 157 ILE ILE A . n 
A 1 65  CYS 65  158 158 CYS CYS A . n 
A 1 66  LYS 66  159 159 LYS LYS A . n 
A 1 67  ASP 67  160 160 ASP ASP A . n 
A 1 68  ASP 68  161 ?   ?   ?   A . n 
A 1 69  TYR 69  162 162 TYR TYR A . n 
A 1 70  ILE 70  163 163 ILE ILE A . n 
A 1 71  GLU 71  164 164 GLU GLU A . n 
A 1 72  LEU 72  165 165 LEU LEU A . n 
A 1 73  ARG 73  166 166 ARG ARG A . n 
A 1 74  ILE 74  167 167 ILE ILE A . n 
A 1 75  ASN 75  168 168 ASN ASN A . n 
A 1 76  ASP 76  169 169 ASP ASP A . n 
A 1 77  GLN 77  170 170 GLN GLN A . n 
A 1 78  LEU 78  171 171 LEU LEU A . n 
A 1 79  ALA 79  172 172 ALA ALA A . n 
A 1 80  ARG 80  173 173 ARG ARG A . n 
A 1 81  LEU 81  174 174 LEU LEU A . n 
A 1 82  TYR 82  175 175 TYR TYR A . n 
A 1 83  ILE 83  176 176 ILE ILE A . n 
A 1 84  ILE 84  177 177 ILE ILE A . n 
A 1 85  PRO 85  178 178 PRO PRO A . n 
A 1 86  GLY 86  179 179 GLY GLY A . n 
A 1 87  ILE 87  180 180 ILE ILE A . n 
A 1 88  PRO 88  181 181 PRO PRO A . n 
A 1 89  LYS 89  182 182 LYS LYS A . n 
A 1 90  ASP 90  183 183 ASP ASP A . n 
A 1 91  THR 91  184 184 THR THR A . n 
A 1 92  LYS 92  185 185 LYS LYS A . n 
A 1 93  PHE 93  186 186 PHE PHE A . n 
A 1 94  ASN 94  187 187 ASN ASN A . n 
A 1 95  PRO 95  188 188 PRO PRO A . n 
A 1 96  LYS 96  189 189 LYS LYS A . n 
A 1 97  THR 97  190 190 THR THR A . n 
A 1 98  ARG 98  191 191 ARG ARG A . n 
A 1 99  ARG 99  192 192 ARG ARG A . n 
A 1 100 GLU 100 193 193 GLU GLU A . n 
A 1 101 ILE 101 194 194 ILE ILE A . n 
A 1 102 ARG 102 195 195 ARG ARG A . n 
A 1 103 ASN 103 196 196 ASN ASN A . n 
A 1 104 ILE 104 197 197 ILE ILE A . n 
A 1 105 GLU 105 198 198 GLU GLU A . n 
A 1 106 TRP 106 199 199 TRP TRP A . n 
A 1 107 PHE 107 200 200 PHE PHE A . n 
A 1 108 SER 108 201 201 SER SER A . n 
A 1 109 ILE 109 202 202 ILE ILE A . n 
A 1 110 GLU 110 203 203 GLU GLU A . n 
A 1 111 LYS 111 204 204 LYS LYS A . n 
A 1 112 LEU 112 205 205 LEU LEU A . n 
A 1 113 PRO 113 206 206 PRO PRO A . n 
A 1 114 CYS 114 207 207 CYS CYS A . n 
A 1 115 HIS 115 208 208 HIS HIS A . n 
A 1 116 ARG 116 209 209 ARG ARG A . n 
A 1 117 ASN 117 210 210 ASN ASN A . n 
A 1 118 ASP 118 211 211 ASP ASP A . n 
A 1 119 MET 119 212 212 MET MET A . n 
A 1 120 THR 120 213 213 THR THR A . n 
A 1 121 PRO 121 214 214 PRO PRO A . n 
A 1 122 LYS 122 215 215 LYS LYS A . n 
A 1 123 SER 123 216 216 SER SER A . n 
A 1 124 LYS 124 217 217 LYS LYS A . n 
A 1 125 LEU 125 218 218 LEU LEU A . n 
A 1 126 GLY 126 219 219 GLY GLY A . n 
A 1 127 LEU 127 220 220 LEU LEU A . n 
A 1 128 ALA 128 221 221 ALA ALA A . n 
A 1 129 PRO 129 222 222 PRO PRO A . n 
A 1 130 ASN 130 223 223 ASN ASN A . n 
A 1 131 LYS 131 224 224 LYS LYS A . n 
A 1 132 PHE 132 225 225 PHE PHE A . n 
A 1 133 PHE 133 226 226 PHE PHE A . n 
A 1 134 MET 134 227 227 MET MET A . n 
A 1 135 ALA 135 228 228 ALA ALA A . n 
A 1 136 ILE 136 229 229 ILE ILE A . n 
A 1 137 PRO 137 230 230 PRO PRO A . n 
A 1 138 PHE 138 231 231 PHE PHE A . n 
A 1 139 ILE 139 232 232 ILE ILE A . n 
A 1 140 ARG 140 233 233 ARG ARG A . n 
A 1 141 PRO 141 234 234 PRO PRO A . n 
A 1 142 LEU 142 235 235 LEU LEU A . n 
A 1 143 ARG 143 236 236 ARG ARG A . n 
A 1 144 ASP 144 237 237 ASP ASP A . n 
A 1 145 TRP 145 238 238 TRP TRP A . n 
A 1 146 LEU 146 239 239 LEU LEU A . n 
A 1 147 SER 147 240 240 SER SER A . n 
A 1 148 ARG 148 241 241 ARG ARG A . n 
A 1 149 ARG 149 242 242 ARG ARG A . n 
A 1 150 PHE 150 243 243 PHE PHE A . n 
A 1 151 GLY 151 244 244 GLY GLY A . n 
A 1 152 ASP 152 245 ?   ?   ?   A . n 
A 1 153 SER 153 246 ?   ?   ?   A . n 
A 1 154 SER 154 247 ?   ?   ?   A . n 
A 1 155 ASP 155 248 ?   ?   ?   A . n 
A 1 156 SER 156 249 ?   ?   ?   A . n 
A 1 157 ASP 157 250 ?   ?   ?   A . n 
A 1 158 ASN 158 251 ?   ?   ?   A . n 
A 1 159 GLY 159 252 ?   ?   ?   A . n 
A 1 160 PHE 160 253 ?   ?   ?   A . n 
A 1 161 SER 161 254 ?   ?   ?   A . n 
A 1 162 SER 162 255 ?   ?   ?   A . n 
A 1 163 THR 163 256 ?   ?   ?   A . n 
A 1 164 GLY 164 257 ?   ?   ?   A . n 
A 1 165 SER 165 258 ?   ?   ?   A . n 
A 1 166 THR 166 259 ?   ?   ?   A . n 
A 1 167 PRO 167 260 ?   ?   ?   A . n 
# 
loop_
_pdbx_nonpoly_scheme.asym_id 
_pdbx_nonpoly_scheme.entity_id 
_pdbx_nonpoly_scheme.mon_id 
_pdbx_nonpoly_scheme.ndb_seq_num 
_pdbx_nonpoly_scheme.pdb_seq_num 
_pdbx_nonpoly_scheme.auth_seq_num 
_pdbx_nonpoly_scheme.pdb_mon_id 
_pdbx_nonpoly_scheme.auth_mon_id 
_pdbx_nonpoly_scheme.pdb_strand_id 
_pdbx_nonpoly_scheme.pdb_ins_code 
B 2 EDO 1  301 2   EDO EDO A . 
C 2 EDO 1  302 3   EDO EDO A . 
D 3 DMS 1  303 1   DMS DMS A . 
E 4 ACT 1  304 1   ACT ACT A . 
F 4 ACT 1  305 2   ACT ACT A . 
G 5 LE7 1  306 1   LE7 LIG A . 
H 6 HOH 1  401 33  HOH HOH A . 
H 6 HOH 2  402 83  HOH HOH A . 
H 6 HOH 3  403 66  HOH HOH A . 
H 6 HOH 4  404 60  HOH HOH A . 
H 6 HOH 5  405 4   HOH HOH A . 
H 6 HOH 6  406 78  HOH HOH A . 
H 6 HOH 7  407 84  HOH HOH A . 
H 6 HOH 8  408 17  HOH HOH A . 
H 6 HOH 9  409 13  HOH HOH A . 
H 6 HOH 10 410 31  HOH HOH A . 
H 6 HOH 11 411 7   HOH HOH A . 
H 6 HOH 12 412 1   HOH HOH A . 
H 6 HOH 13 413 5   HOH HOH A . 
H 6 HOH 14 414 2   HOH HOH A . 
H 6 HOH 15 415 35  HOH HOH A . 
H 6 HOH 16 416 23  HOH HOH A . 
H 6 HOH 17 417 8   HOH HOH A . 
H 6 HOH 18 418 67  HOH HOH A . 
H 6 HOH 19 419 9   HOH HOH A . 
H 6 HOH 20 420 24  HOH HOH A . 
H 6 HOH 21 421 10  HOH HOH A . 
H 6 HOH 22 422 65  HOH HOH A . 
H 6 HOH 23 423 100 HOH HOH A . 
H 6 HOH 24 424 96  HOH HOH A . 
H 6 HOH 25 425 39  HOH HOH A . 
H 6 HOH 26 426 47  HOH HOH A . 
H 6 HOH 27 427 32  HOH HOH A . 
H 6 HOH 28 428 3   HOH HOH A . 
H 6 HOH 29 429 27  HOH HOH A . 
H 6 HOH 30 430 55  HOH HOH A . 
H 6 HOH 31 431 43  HOH HOH A . 
H 6 HOH 32 432 11  HOH HOH A . 
H 6 HOH 33 433 68  HOH HOH A . 
H 6 HOH 34 434 29  HOH HOH A . 
H 6 HOH 35 435 80  HOH HOH A . 
H 6 HOH 36 436 30  HOH HOH A . 
H 6 HOH 37 437 107 HOH HOH A . 
H 6 HOH 38 438 22  HOH HOH A . 
H 6 HOH 39 439 72  HOH HOH A . 
H 6 HOH 40 440 38  HOH HOH A . 
H 6 HOH 41 441 25  HOH HOH A . 
H 6 HOH 42 442 6   HOH HOH A . 
H 6 HOH 43 443 15  HOH HOH A . 
H 6 HOH 44 444 46  HOH HOH A . 
H 6 HOH 45 445 26  HOH HOH A . 
H 6 HOH 46 446 59  HOH HOH A . 
H 6 HOH 47 447 28  HOH HOH A . 
H 6 HOH 48 448 97  HOH HOH A . 
H 6 HOH 49 449 19  HOH HOH A . 
H 6 HOH 50 450 42  HOH HOH A . 
H 6 HOH 51 451 52  HOH HOH A . 
H 6 HOH 52 452 57  HOH HOH A . 
H 6 HOH 53 453 40  HOH HOH A . 
H 6 HOH 54 454 69  HOH HOH A . 
H 6 HOH 55 455 92  HOH HOH A . 
H 6 HOH 56 456 36  HOH HOH A . 
H 6 HOH 57 457 20  HOH HOH A . 
H 6 HOH 58 458 56  HOH HOH A . 
H 6 HOH 59 459 51  HOH HOH A . 
H 6 HOH 60 460 41  HOH HOH A . 
# 
loop_
_pdbx_unobs_or_zero_occ_atoms.id 
_pdbx_unobs_or_zero_occ_atoms.PDB_model_num 
_pdbx_unobs_or_zero_occ_atoms.polymer_flag 
_pdbx_unobs_or_zero_occ_atoms.occupancy_flag 
_pdbx_unobs_or_zero_occ_atoms.auth_asym_id 
_pdbx_unobs_or_zero_occ_atoms.auth_comp_id 
_pdbx_unobs_or_zero_occ_atoms.auth_seq_id 
_pdbx_unobs_or_zero_occ_atoms.PDB_ins_code 
_pdbx_unobs_or_zero_occ_atoms.auth_atom_id 
_pdbx_unobs_or_zero_occ_atoms.label_alt_id 
_pdbx_unobs_or_zero_occ_atoms.label_asym_id 
_pdbx_unobs_or_zero_occ_atoms.label_comp_id 
_pdbx_unobs_or_zero_occ_atoms.label_seq_id 
_pdbx_unobs_or_zero_occ_atoms.label_atom_id 
1  1 Y 1 A LYS 130 ? CE  ? A LYS 37  CE  
2  1 Y 1 A LYS 130 ? NZ  ? A LYS 37  NZ  
3  1 Y 1 A LYS 133 ? CG  ? A LYS 40  CG  
4  1 Y 1 A LYS 133 ? CD  ? A LYS 40  CD  
5  1 Y 1 A LYS 133 ? CE  ? A LYS 40  CE  
6  1 Y 1 A LYS 133 ? NZ  ? A LYS 40  NZ  
7  1 Y 1 A GLU 134 ? CG  ? A GLU 41  CG  
8  1 Y 1 A GLU 134 ? CD  ? A GLU 41  CD  
9  1 Y 1 A GLU 134 ? OE1 ? A GLU 41  OE1 
10 1 Y 1 A GLU 134 ? OE2 ? A GLU 41  OE2 
11 1 Y 1 A LYS 159 ? CD  ? A LYS 66  CD  
12 1 Y 1 A LYS 159 ? CE  ? A LYS 66  CE  
13 1 Y 1 A LYS 159 ? NZ  ? A LYS 66  NZ  
14 1 Y 1 A ASP 169 ? CB  ? A ASP 76  CB  
15 1 Y 1 A ASP 169 ? CG  ? A ASP 76  CG  
16 1 Y 1 A ASP 169 ? OD1 ? A ASP 76  OD1 
17 1 Y 1 A ASP 169 ? OD2 ? A ASP 76  OD2 
18 1 Y 1 A GLN 170 ? CG  ? A GLN 77  CG  
19 1 Y 1 A GLN 170 ? CD  ? A GLN 77  CD  
20 1 Y 1 A GLN 170 ? OE1 ? A GLN 77  OE1 
21 1 Y 1 A GLN 170 ? NE2 ? A GLN 77  NE2 
22 1 Y 1 A LYS 185 ? CE  ? A LYS 92  CE  
23 1 Y 1 A LYS 185 ? NZ  ? A LYS 92  NZ  
24 1 Y 1 A ARG 191 ? CD  ? A ARG 98  CD  
25 1 Y 1 A ARG 191 ? NE  ? A ARG 98  NE  
26 1 Y 1 A ARG 191 ? CZ  ? A ARG 98  CZ  
27 1 Y 1 A ARG 191 ? NH1 ? A ARG 98  NH1 
28 1 Y 1 A ARG 191 ? NH2 ? A ARG 98  NH2 
29 1 Y 1 A LYS 215 ? CD  ? A LYS 122 CD  
30 1 Y 1 A LYS 215 ? CE  ? A LYS 122 CE  
31 1 Y 1 A LYS 215 ? NZ  ? A LYS 122 NZ  
32 1 Y 1 A LYS 217 ? CE  ? A LYS 124 CE  
33 1 Y 1 A LYS 217 ? NZ  ? A LYS 124 NZ  
34 1 Y 1 A ARG 241 ? CD  ? A ARG 148 CD  
35 1 Y 1 A ARG 241 ? NE  ? A ARG 148 NE  
36 1 Y 1 A ARG 241 ? CZ  ? A ARG 148 CZ  
37 1 Y 1 A ARG 241 ? NH1 ? A ARG 148 NH1 
38 1 Y 1 A ARG 241 ? NH2 ? A ARG 148 NH2 
# 
loop_
_software.pdbx_ordinal 
_software.name 
_software.version 
_software.date 
_software.type 
_software.contact_author 
_software.contact_author_email 
_software.classification 
_software.location 
_software.language 
_software.citation_id 
1 REFMAC      5.8.0189 ?               program 'Garib N. Murshudov' garib@ysbl.york.ac.uk    refinement        
http://www.ccp4.ac.uk/dist/html/refmac5.html        Fortran_77 ? 
2 Aimless     0.5.32   29/03/17        program 'Phil Evans'         ?                        'data scaling'    
http://www.mrc-lmb.cam.ac.uk/harry/pre/aimless.html ?          ? 
3 PDB_EXTRACT 3.23     'SEP. 23, 2016' package PDB                  deposit@deposit.rcsb.org 'data extraction' 
http://sw-tools.pdb.org/apps/PDB_EXTRACT/           C++        ? 
4 XDS         .        ?               program ?                    ?                        'data reduction'  ? ?          ? 
5 REFMAC      .        ?               program ?                    ?                        phasing           ? ?          ? 
# 
_cell.entry_id           5QOU 
_cell.length_a           48.268 
_cell.length_b           60.447 
_cell.length_c           65.695 
_cell.angle_alpha        90.000 
_cell.angle_beta         90.000 
_cell.angle_gamma        90.000 
_cell.Z_PDB              4 
_cell.pdbx_unique_axis   ? 
# 
_symmetry.entry_id                         5QOU 
_symmetry.space_group_name_H-M             'P 21 21 21' 
_symmetry.pdbx_full_space_group_name_H-M   ? 
_symmetry.cell_setting                     ? 
_symmetry.Int_Tables_number                19 
# 
_exptl.crystals_number   1 
_exptl.entry_id          5QOU 
_exptl.method            'X-RAY DIFFRACTION' 
# 
_exptl_crystal.id                    1 
_exptl_crystal.pdbx_mosaicity        0.100 
_exptl_crystal.pdbx_mosaicity_esd    ? 
_exptl_crystal.density_Matthews      2.51 
_exptl_crystal.density_diffrn        ? 
_exptl_crystal.density_meas          ? 
_exptl_crystal.density_meas_temp     ? 
_exptl_crystal.density_percent_sol   51.04 
_exptl_crystal.size_max              ? 
_exptl_crystal.size_mid              ? 
_exptl_crystal.size_min              ? 
_exptl_crystal.size_rad              ? 
_exptl_crystal.description           ? 
# 
_exptl_crystal_grow.crystal_id      1 
_exptl_crystal_grow.method          'VAPOR DIFFUSION, SITTING DROP' 
_exptl_crystal_grow.pH              4.5 
_exptl_crystal_grow.temp            277 
_exptl_crystal_grow.pdbx_details    '0.1 M acetate, pH 4.5, 5-25% PEG3350' 
_exptl_crystal_grow.temp_details    ? 
_exptl_crystal_grow.pdbx_pH_range   ? 
# 
_diffrn.id                     1 
_diffrn.ambient_temp           ? 
_diffrn.crystal_id             1 
_diffrn.ambient_temp_details   ? 
# 
_diffrn_detector.detector               PIXEL 
_diffrn_detector.type                   'DECTRIS PILATUS 2M' 
_diffrn_detector.pdbx_collection_date   2017-07-26 
_diffrn_detector.diffrn_id              1 
_diffrn_detector.details                ? 
# 
_diffrn_radiation.diffrn_id                        1 
_diffrn_radiation.wavelength_id                    1 
_diffrn_radiation.pdbx_diffrn_protocol             'SINGLE WAVELENGTH' 
_diffrn_radiation.pdbx_monochromatic_or_laue_m_l   ? 
_diffrn_radiation.monochromator                    ? 
_diffrn_radiation.pdbx_scattering_type             x-ray 
# 
_diffrn_radiation_wavelength.id           1 
_diffrn_radiation_wavelength.wavelength   0.91587 
_diffrn_radiation_wavelength.wt           1.0 
# 
_diffrn_source.diffrn_id                   1 
_diffrn_source.source                      SYNCHROTRON 
_diffrn_source.type                        'DIAMOND BEAMLINE I04-1' 
_diffrn_source.pdbx_wavelength_list        0.91587 
_diffrn_source.pdbx_synchrotron_site       Diamond 
_diffrn_source.pdbx_synchrotron_beamline   I04-1 
_diffrn_source.pdbx_wavelength             ? 
# 
_reflns.entry_id                     5QOU 
_reflns.pdbx_diffrn_id               1 
_reflns.pdbx_ordinal                 1 
_reflns.observed_criterion_sigma_I   ? 
_reflns.observed_criterion_sigma_F   ? 
_reflns.d_resolution_low             28.860 
_reflns.d_resolution_high            2.190 
_reflns.number_obs                   10290 
_reflns.number_all                   ? 
_reflns.percent_possible_obs         99.300 
_reflns.pdbx_Rmerge_I_obs            0.068 
_reflns.pdbx_Rsym_value              ? 
_reflns.pdbx_netI_over_sigmaI        16.300 
_reflns.B_iso_Wilson_estimate        ? 
_reflns.pdbx_redundancy              6.500 
_reflns.pdbx_Rrim_I_all              0.074 
_reflns.pdbx_Rpim_I_all              0.029 
_reflns.pdbx_CC_half                 0.999 
_reflns.pdbx_netI_over_av_sigmaI     ? 
_reflns.pdbx_number_measured_all     67048 
_reflns.pdbx_scaling_rejects         0 
_reflns.pdbx_chi_squared             ? 
_reflns.Rmerge_F_all                 ? 
_reflns.Rmerge_F_obs                 ? 
_reflns.observed_criterion_F_max     ? 
_reflns.observed_criterion_F_min     ? 
_reflns.observed_criterion_I_max     ? 
_reflns.observed_criterion_I_min     ? 
_reflns.pdbx_d_res_high_opt          ? 
_reflns.pdbx_d_res_low_opt           ? 
_reflns.details                      ? 
# 
loop_
_reflns_shell.pdbx_diffrn_id 
_reflns_shell.pdbx_ordinal 
_reflns_shell.d_res_high 
_reflns_shell.d_res_low 
_reflns_shell.number_measured_obs 
_reflns_shell.number_measured_all 
_reflns_shell.number_unique_obs 
_reflns_shell.pdbx_rejects 
_reflns_shell.Rmerge_I_obs 
_reflns_shell.meanI_over_sigI_obs 
_reflns_shell.pdbx_Rsym_value 
_reflns_shell.pdbx_chi_squared 
_reflns_shell.pdbx_redundancy 
_reflns_shell.percent_possible_obs 
_reflns_shell.pdbx_netI_over_sigmaI_obs 
_reflns_shell.number_possible 
_reflns_shell.number_unique_all 
_reflns_shell.Rmerge_F_all 
_reflns_shell.Rmerge_F_obs 
_reflns_shell.Rmerge_I_all 
_reflns_shell.meanI_over_sigI_all 
_reflns_shell.percent_possible_all 
_reflns_shell.pdbx_Rrim_I_all 
_reflns_shell.pdbx_Rpim_I_all 
_reflns_shell.pdbx_CC_half 
1 1 2.190 2.250  ? 4479 ? ? 1.069 ? ? ? 6.400 ? 1.900  ? 704 ? ? ? ? 96.100 1.164 0.454 0.791 
1 2 9.790 28.860 ? 782  ? ? 0.021 ? ? ? 5.700 ? 54.600 ? 137 ? ? ? ? 95.300 0.023 0.009 0.999 
# 
_refine.entry_id                                 5QOU 
_refine.pdbx_refine_id                           'X-RAY DIFFRACTION' 
_refine.ls_d_res_high                            2.1900 
_refine.ls_d_res_low                             44.5200 
_refine.pdbx_ls_sigma_F                          0.000 
_refine.pdbx_data_cutoff_high_absF               ? 
_refine.pdbx_data_cutoff_low_absF                ? 
_refine.ls_percent_reflns_obs                    99.0800 
_refine.ls_number_reflns_obs                     9779 
_refine.ls_number_reflns_all                     ? 
_refine.pdbx_ls_cross_valid_method               THROUGHOUT 
_refine.ls_matrix_type                           ? 
_refine.pdbx_R_Free_selection_details            RANDOM 
_refine.details                                  
'HYDROGENS HAVE BEEN ADDED IN THE RIDING POSITIONS U VALUES : REFINED INDIVIDUALLY' 
_refine.ls_R_factor_all                          ? 
_refine.ls_R_factor_obs                          0.1970 
_refine.ls_R_factor_R_work                       0.1946 
_refine.ls_wR_factor_R_work                      ? 
_refine.ls_R_factor_R_free                       0.2516 
_refine.ls_wR_factor_R_free                      ? 
_refine.ls_percent_reflns_R_free                 4.7000 
_refine.ls_number_reflns_R_free                  485 
_refine.ls_number_reflns_R_work                  ? 
_refine.ls_R_factor_R_free_error                 ? 
_refine.B_iso_mean                               53.7530 
_refine.solvent_model_param_bsol                 ? 
_refine.solvent_model_param_ksol                 ? 
_refine.pdbx_isotropic_thermal_model             ? 
_refine.aniso_B[1][1]                            4.4000 
_refine.aniso_B[2][2]                            -3.2400 
_refine.aniso_B[3][3]                            -1.1600 
_refine.aniso_B[1][2]                            0.0000 
_refine.aniso_B[1][3]                            -0.0000 
_refine.aniso_B[2][3]                            0.0000 
_refine.correlation_coeff_Fo_to_Fc               0.9560 
_refine.correlation_coeff_Fo_to_Fc_free          0.9170 
_refine.overall_SU_R_Cruickshank_DPI             ? 
_refine.pdbx_overall_SU_R_free_Cruickshank_DPI   ? 
_refine.pdbx_overall_SU_R_Blow_DPI               ? 
_refine.pdbx_overall_SU_R_free_Blow_DPI          ? 
_refine.overall_SU_R_free                        ? 
_refine.pdbx_overall_ESU_R                       0.3360 
_refine.pdbx_overall_ESU_R_Free                  0.2360 
_refine.overall_SU_ML                            0.2150 
_refine.overall_SU_B                             8.8960 
_refine.solvent_model_details                    MASK 
_refine.pdbx_solvent_vdw_probe_radii             1.2000 
_refine.pdbx_solvent_ion_probe_radii             0.8000 
_refine.pdbx_solvent_shrinkage_radii             0.8000 
_refine.ls_number_parameters                     ? 
_refine.ls_number_restraints                     ? 
_refine.pdbx_starting_model                      'PDB entry 5MP0' 
_refine.pdbx_method_to_determine_struct          'FOURIER SYNTHESIS' 
_refine.pdbx_stereochemistry_target_values       'MAXIMUM LIKELIHOOD' 
_refine.pdbx_stereochem_target_val_spec_case     ? 
_refine.overall_FOM_work_R_set                   ? 
_refine.B_iso_max                                138.820 
_refine.B_iso_min                                29.040 
_refine.pdbx_overall_phase_error                 ? 
_refine.occupancy_max                            ? 
_refine.occupancy_min                            ? 
_refine.pdbx_diffrn_id                           1 
_refine.pdbx_TLS_residual_ADP_flag               ? 
_refine.pdbx_ls_sigma_I                          ? 
_refine.pdbx_data_cutoff_high_rms_absF           ? 
_refine.ls_R_factor_R_free_error_details         ? 
# 
_refine_hist.cycle_id                         final 
_refine_hist.pdbx_refine_id                   'X-RAY DIFFRACTION' 
_refine_hist.d_res_high                       2.1900 
_refine_hist.d_res_low                        44.5200 
_refine_hist.pdbx_number_atoms_ligand         39 
_refine_hist.number_atoms_solvent             60 
_refine_hist.number_atoms_total               1273 
_refine_hist.pdbx_number_residues_total       148 
_refine_hist.pdbx_B_iso_mean_ligand           68.09 
_refine_hist.pdbx_B_iso_mean_solvent          52.55 
_refine_hist.pdbx_number_atoms_protein        1174 
_refine_hist.pdbx_number_atoms_nucleic_acid   0 
# 
loop_
_refine_ls_restr.pdbx_refine_id 
_refine_ls_restr.type 
_refine_ls_restr.number 
_refine_ls_restr.dev_ideal 
_refine_ls_restr.dev_ideal_target 
_refine_ls_restr.weight 
_refine_ls_restr.pdbx_restraint_function 
'X-RAY DIFFRACTION' r_bond_refined_d       1995 0.012  0.019  ? ? 
'X-RAY DIFFRACTION' r_bond_other_d         1511 0.002  0.020  ? ? 
'X-RAY DIFFRACTION' r_angle_refined_deg    2265 1.646  1.955  ? ? 
'X-RAY DIFFRACTION' r_angle_other_deg      3510 1.026  2.972  ? ? 
'X-RAY DIFFRACTION' r_dihedral_angle_1_deg 216  6.017  5.000  ? ? 
'X-RAY DIFFRACTION' r_dihedral_angle_2_deg 82   33.402 22.683 ? ? 
'X-RAY DIFFRACTION' r_dihedral_angle_3_deg 277  14.579 15.000 ? ? 
'X-RAY DIFFRACTION' r_dihedral_angle_4_deg 17   16.268 15.000 ? ? 
'X-RAY DIFFRACTION' r_chiral_restr         219  0.089  0.200  ? ? 
'X-RAY DIFFRACTION' r_gen_planes_refined   1990 0.008  0.021  ? ? 
'X-RAY DIFFRACTION' r_gen_planes_other     389  0.002  0.020  ? ? 
'X-RAY DIFFRACTION' r_mcbond_it            949  3.685  5.395  ? ? 
'X-RAY DIFFRACTION' r_mcbond_other         914  3.717  5.351  ? ? 
'X-RAY DIFFRACTION' r_mcangle_it           1026 6.298  7.876  ? ? 
# 
_refine_ls_shell.d_res_high                       2.1900 
_refine_ls_shell.d_res_low                        2.2470 
_refine_ls_shell.pdbx_total_number_of_bins_used   20 
_refine_ls_shell.percent_reflns_obs               95.7800 
_refine_ls_shell.number_reflns_R_work             667 
_refine_ls_shell.R_factor_all                     ? 
_refine_ls_shell.R_factor_R_work                  0.3080 
_refine_ls_shell.R_factor_R_free                  0.3380 
_refine_ls_shell.percent_reflns_R_free            ? 
_refine_ls_shell.number_reflns_R_free             37 
_refine_ls_shell.R_factor_R_free_error            ? 
_refine_ls_shell.number_reflns_all                704 
_refine_ls_shell.number_reflns_obs                ? 
_refine_ls_shell.pdbx_refine_id                   'X-RAY DIFFRACTION' 
# 
_struct.entry_id                  5QOU 
_struct.title                     
'PanDDA analysis group deposition -- Crystal Structure of DCP2 (NUDT20) in complex with Z296300542' 
_struct.pdbx_model_details        ? 
_struct.pdbx_CASP_flag            ? 
_struct.pdbx_model_type_details   ? 
# 
_struct_keywords.entry_id        5QOU 
_struct_keywords.text            'SGC - Diamond I04-1 fragment screening, PanDDA, XChemExplorer, HYDROLASE' 
_struct_keywords.pdbx_keywords   HYDROLASE 
# 
loop_
_struct_asym.id 
_struct_asym.pdbx_blank_PDB_chainid_flag 
_struct_asym.pdbx_modified 
_struct_asym.entity_id 
_struct_asym.details 
A N N 1 ? 
B N N 2 ? 
C N N 2 ? 
D N N 3 ? 
E N N 4 ? 
F N N 4 ? 
G N N 5 ? 
H N N 6 ? 
# 
_struct_ref.id                         1 
_struct_ref.db_name                    UNP 
_struct_ref.db_code                    DCP2_HUMAN 
_struct_ref.pdbx_db_accession          Q8IU60 
_struct_ref.pdbx_db_isoform            ? 
_struct_ref.entity_id                  1 
_struct_ref.pdbx_seq_one_letter_code   
;MGVPTYGAIILDETLENVLLVQGYLAKSGWGFPKGKVNKEEAPHDCAAREVFEETGFDIKDYICKDDYIELRINDQLARL
YIIPGIPKDTKFNPKTRREIRNIEWFSIEKLPCHRNDMTPKSKLGLAPNKFFMAIPFIRPLRDWLSRRFGDSSDSDNGFS
STGSTP
;
_struct_ref.pdbx_align_begin           95 
# 
_struct_ref_seq.align_id                      1 
_struct_ref_seq.ref_id                        1 
_struct_ref_seq.pdbx_PDB_id_code              5QOU 
_struct_ref_seq.pdbx_strand_id                A 
_struct_ref_seq.seq_align_beg                 2 
_struct_ref_seq.pdbx_seq_align_beg_ins_code   ? 
_struct_ref_seq.seq_align_end                 167 
_struct_ref_seq.pdbx_seq_align_end_ins_code   ? 
_struct_ref_seq.pdbx_db_accession             Q8IU60 
_struct_ref_seq.db_align_beg                  95 
_struct_ref_seq.pdbx_db_align_beg_ins_code    ? 
_struct_ref_seq.db_align_end                  260 
_struct_ref_seq.pdbx_db_align_end_ins_code    ? 
_struct_ref_seq.pdbx_auth_seq_align_beg       95 
_struct_ref_seq.pdbx_auth_seq_align_end       260 
# 
_struct_ref_seq_dif.align_id                     1 
_struct_ref_seq_dif.pdbx_pdb_id_code             5QOU 
_struct_ref_seq_dif.mon_id                       SER 
_struct_ref_seq_dif.pdbx_pdb_strand_id           A 
_struct_ref_seq_dif.seq_num                      1 
_struct_ref_seq_dif.pdbx_pdb_ins_code            ? 
_struct_ref_seq_dif.pdbx_seq_db_name             UNP 
_struct_ref_seq_dif.pdbx_seq_db_accession_code   Q8IU60 
_struct_ref_seq_dif.db_mon_id                    ? 
_struct_ref_seq_dif.pdbx_seq_db_seq_num          ? 
_struct_ref_seq_dif.details                      'expression tag' 
_struct_ref_seq_dif.pdbx_auth_seq_num            94 
_struct_ref_seq_dif.pdbx_ordinal                 1 
# 
_pdbx_struct_assembly.id                   1 
_pdbx_struct_assembly.details              author_and_software_defined_assembly 
_pdbx_struct_assembly.method_details       PISA 
_pdbx_struct_assembly.oligomeric_details   monomeric 
_pdbx_struct_assembly.oligomeric_count     1 
# 
loop_
_pdbx_struct_assembly_prop.biol_id 
_pdbx_struct_assembly_prop.type 
_pdbx_struct_assembly_prop.value 
_pdbx_struct_assembly_prop.details 
1 'ABSA (A^2)' 890  ? 
1 MORE         6    ? 
1 'SSA (A^2)'  8660 ? 
# 
_pdbx_struct_assembly_gen.assembly_id       1 
_pdbx_struct_assembly_gen.oper_expression   1 
_pdbx_struct_assembly_gen.asym_id_list      A,B,C,D,E,F,G,H 
# 
_pdbx_struct_oper_list.id                   1 
_pdbx_struct_oper_list.type                 'identity operation' 
_pdbx_struct_oper_list.name                 1_555 
_pdbx_struct_oper_list.symmetry_operation   x,y,z 
_pdbx_struct_oper_list.matrix[1][1]         1.0000000000 
_pdbx_struct_oper_list.matrix[1][2]         0.0000000000 
_pdbx_struct_oper_list.matrix[1][3]         0.0000000000 
_pdbx_struct_oper_list.vector[1]            0.0000000000 
_pdbx_struct_oper_list.matrix[2][1]         0.0000000000 
_pdbx_struct_oper_list.matrix[2][2]         1.0000000000 
_pdbx_struct_oper_list.matrix[2][3]         0.0000000000 
_pdbx_struct_oper_list.vector[2]            0.0000000000 
_pdbx_struct_oper_list.matrix[3][1]         0.0000000000 
_pdbx_struct_oper_list.matrix[3][2]         0.0000000000 
_pdbx_struct_oper_list.matrix[3][3]         1.0000000000 
_pdbx_struct_oper_list.vector[3]            0.0000000000 
# 
loop_
_struct_conf.conf_type_id 
_struct_conf.id 
_struct_conf.pdbx_PDB_helix_id 
_struct_conf.beg_label_comp_id 
_struct_conf.beg_label_asym_id 
_struct_conf.beg_label_seq_id 
_struct_conf.pdbx_beg_PDB_ins_code 
_struct_conf.end_label_comp_id 
_struct_conf.end_label_asym_id 
_struct_conf.end_label_seq_id 
_struct_conf.pdbx_end_PDB_ins_code 
_struct_conf.beg_auth_comp_id 
_struct_conf.beg_auth_asym_id 
_struct_conf.beg_auth_seq_id 
_struct_conf.end_auth_comp_id 
_struct_conf.end_auth_asym_id 
_struct_conf.end_auth_seq_id 
_struct_conf.pdbx_PDB_helix_class 
_struct_conf.details 
_struct_conf.pdbx_PDB_helix_length 
HELX_P HELX_P1 AA1 LEU A 26  ? SER A 29  ? LEU A 119 SER A 122 5 ? 4  
HELX_P HELX_P2 AA2 ALA A 43  ? GLY A 57  ? ALA A 136 GLY A 150 1 ? 15 
HELX_P HELX_P3 AA3 GLU A 110 ? LEU A 112 ? GLU A 203 LEU A 205 5 ? 3  
HELX_P HELX_P4 AA4 MET A 119 ? SER A 123 ? MET A 212 SER A 216 5 ? 5  
HELX_P HELX_P5 AA5 ALA A 135 ? PRO A 137 ? ALA A 228 PRO A 230 5 ? 3  
HELX_P HELX_P6 AA6 PHE A 138 ? PHE A 150 ? PHE A 231 PHE A 243 1 ? 13 
# 
_struct_conf_type.id          HELX_P 
_struct_conf_type.criteria    ? 
_struct_conf_type.reference   ? 
# 
loop_
_struct_sheet.id 
_struct_sheet.type 
_struct_sheet.number_strands 
_struct_sheet.details 
AA1 ? 4 ? 
AA2 ? 3 ? 
# 
loop_
_struct_sheet_order.sheet_id 
_struct_sheet_order.range_id_1 
_struct_sheet_order.range_id_2 
_struct_sheet_order.offset 
_struct_sheet_order.sense 
AA1 1 2 ? anti-parallel 
AA1 2 3 ? parallel      
AA1 3 4 ? anti-parallel 
AA2 1 2 ? anti-parallel 
AA2 2 3 ? anti-parallel 
# 
loop_
_struct_sheet_range.sheet_id 
_struct_sheet_range.id 
_struct_sheet_range.beg_label_comp_id 
_struct_sheet_range.beg_label_asym_id 
_struct_sheet_range.beg_label_seq_id 
_struct_sheet_range.pdbx_beg_PDB_ins_code 
_struct_sheet_range.end_label_comp_id 
_struct_sheet_range.end_label_asym_id 
_struct_sheet_range.end_label_seq_id 
_struct_sheet_range.pdbx_end_PDB_ins_code 
_struct_sheet_range.beg_auth_comp_id 
_struct_sheet_range.beg_auth_asym_id 
_struct_sheet_range.beg_auth_seq_id 
_struct_sheet_range.end_auth_comp_id 
_struct_sheet_range.end_auth_asym_id 
_struct_sheet_range.end_auth_seq_id 
AA1 1 LYS A 35  ? LYS A 37  ? LYS A 128 LYS A 130 
AA1 2 THR A 6   ? ILE A 11  ? THR A 99  ILE A 104 
AA1 3 GLN A 77  ? ILE A 84  ? GLN A 170 ILE A 177 
AA1 4 ILE A 70  ? ILE A 74  ? ILE A 163 ILE A 167 
AA2 1 TRP A 31  ? GLY A 32  ? TRP A 124 GLY A 125 
AA2 2 ASN A 18  ? GLY A 24  ? ASN A 111 GLY A 117 
AA2 3 ILE A 101 ? SER A 108 ? ILE A 194 SER A 201 
# 
loop_
_pdbx_struct_sheet_hbond.sheet_id 
_pdbx_struct_sheet_hbond.range_id_1 
_pdbx_struct_sheet_hbond.range_id_2 
_pdbx_struct_sheet_hbond.range_1_label_atom_id 
_pdbx_struct_sheet_hbond.range_1_label_comp_id 
_pdbx_struct_sheet_hbond.range_1_label_asym_id 
_pdbx_struct_sheet_hbond.range_1_label_seq_id 
_pdbx_struct_sheet_hbond.range_1_PDB_ins_code 
_pdbx_struct_sheet_hbond.range_1_auth_atom_id 
_pdbx_struct_sheet_hbond.range_1_auth_comp_id 
_pdbx_struct_sheet_hbond.range_1_auth_asym_id 
_pdbx_struct_sheet_hbond.range_1_auth_seq_id 
_pdbx_struct_sheet_hbond.range_2_label_atom_id 
_pdbx_struct_sheet_hbond.range_2_label_comp_id 
_pdbx_struct_sheet_hbond.range_2_label_asym_id 
_pdbx_struct_sheet_hbond.range_2_label_seq_id 
_pdbx_struct_sheet_hbond.range_2_PDB_ins_code 
_pdbx_struct_sheet_hbond.range_2_auth_atom_id 
_pdbx_struct_sheet_hbond.range_2_auth_comp_id 
_pdbx_struct_sheet_hbond.range_2_auth_asym_id 
_pdbx_struct_sheet_hbond.range_2_auth_seq_id 
AA1 1 2 O GLY A 36 ? O GLY A 129 N TYR A 7   ? N TYR A 100 
AA1 2 3 N ILE A 10 ? N ILE A 103 O ILE A 84  ? O ILE A 177 
AA1 3 4 O LEU A 81 ? O LEU A 174 N ILE A 70  ? N ILE A 163 
AA2 1 2 O GLY A 32 ? O GLY A 125 N VAL A 22  ? N VAL A 115 
AA2 2 3 N VAL A 19 ? N VAL A 112 O PHE A 107 ? O PHE A 200 
# 
loop_
_struct_site.id 
_struct_site.pdbx_evidence_code 
_struct_site.pdbx_auth_asym_id 
_struct_site.pdbx_auth_comp_id 
_struct_site.pdbx_auth_seq_id 
_struct_site.pdbx_auth_ins_code 
_struct_site.pdbx_num_residues 
_struct_site.details 
AC1 Software A EDO 301 ? 1  'binding site for residue EDO A 301' 
AC2 Software A DMS 303 ? 2  'binding site for residue DMS A 303' 
AC3 Software A ACT 304 ? 3  'binding site for residue ACT A 304' 
AC4 Software A ACT 305 ? 3  'binding site for residue ACT A 305' 
AC5 Software A LE7 306 ? 11 'binding site for residue LE7 A 306' 
# 
loop_
_struct_site_gen.id 
_struct_site_gen.site_id 
_struct_site_gen.pdbx_num_res 
_struct_site_gen.label_comp_id 
_struct_site_gen.label_asym_id 
_struct_site_gen.label_seq_id 
_struct_site_gen.pdbx_auth_ins_code 
_struct_site_gen.auth_comp_id 
_struct_site_gen.auth_asym_id 
_struct_site_gen.auth_seq_id 
_struct_site_gen.label_atom_id 
_struct_site_gen.label_alt_id 
_struct_site_gen.symmetry 
_struct_site_gen.details 
1  AC1 1  ASP A 59  ? ASP A 152 . ? 1_555 ? 
2  AC2 2  ASN A 18  ? ASN A 111 . ? 1_555 ? 
3  AC2 2  TRP A 106 ? TRP A 199 . ? 1_555 ? 
4  AC3 3  SER A 29  ? SER A 122 . ? 1_555 ? 
5  AC3 3  TYR A 63  ? TYR A 156 . ? 3_357 ? 
6  AC3 3  HOH H .   ? HOH A 433 . ? 1_555 ? 
7  AC4 3  ARG A 116 ? ARG A 209 . ? 1_555 ? 
8  AC4 3  PRO A 129 ? PRO A 222 . ? 1_555 ? 
9  AC4 3  ASN A 130 ? ASN A 223 . ? 1_555 ? 
10 AC5 11 VAL A 22  ? VAL A 115 . ? 1_555 ? 
11 AC5 11 GLY A 24  ? GLY A 117 . ? 1_555 ? 
12 AC5 11 ALA A 27  ? ALA A 120 . ? 1_555 ? 
13 AC5 11 LYS A 28  ? LYS A 121 . ? 1_555 ? 
14 AC5 11 SER A 29  ? SER A 122 . ? 1_555 ? 
15 AC5 11 GLY A 30  ? GLY A 123 . ? 1_555 ? 
16 AC5 11 GLY A 32  ? GLY A 125 . ? 1_555 ? 
17 AC5 11 GLU A 55  ? GLU A 148 . ? 1_555 ? 
18 AC5 11 ILE A 101 ? ILE A 194 . ? 1_555 ? 
19 AC5 11 PHE A 133 ? PHE A 226 . ? 1_555 ? 
20 AC5 11 MET A 134 ? MET A 227 . ? 1_555 ? 
# 
loop_
_pdbx_validate_torsion.id 
_pdbx_validate_torsion.PDB_model_num 
_pdbx_validate_torsion.auth_comp_id 
_pdbx_validate_torsion.auth_asym_id 
_pdbx_validate_torsion.auth_seq_id 
_pdbx_validate_torsion.PDB_ins_code 
_pdbx_validate_torsion.label_alt_id 
_pdbx_validate_torsion.phi 
_pdbx_validate_torsion.psi 
1 1 LEU A 119 ? ? 58.26   -117.85 
2 1 LYS A 121 ? ? -100.92 46.85   
3 1 ASP A 169 ? ? 85.44   -20.99  
4 1 PHE A 243 ? ? -117.26 -92.42  
# 
_phasing.method   MR 
# 
loop_
_pdbx_unobs_or_zero_occ_residues.id 
_pdbx_unobs_or_zero_occ_residues.PDB_model_num 
_pdbx_unobs_or_zero_occ_residues.polymer_flag 
_pdbx_unobs_or_zero_occ_residues.occupancy_flag 
_pdbx_unobs_or_zero_occ_residues.auth_asym_id 
_pdbx_unobs_or_zero_occ_residues.auth_comp_id 
_pdbx_unobs_or_zero_occ_residues.auth_seq_id 
_pdbx_unobs_or_zero_occ_residues.PDB_ins_code 
_pdbx_unobs_or_zero_occ_residues.label_asym_id 
_pdbx_unobs_or_zero_occ_residues.label_comp_id 
_pdbx_unobs_or_zero_occ_residues.label_seq_id 
1  1 Y 1 A SER 94  ? A SER 1   
2  1 Y 1 A MET 95  ? A MET 2   
3  1 Y 1 A ASP 161 ? A ASP 68  
4  1 Y 1 A ASP 245 ? A ASP 152 
5  1 Y 1 A SER 246 ? A SER 153 
6  1 Y 1 A SER 247 ? A SER 154 
7  1 Y 1 A ASP 248 ? A ASP 155 
8  1 Y 1 A SER 249 ? A SER 156 
9  1 Y 1 A ASP 250 ? A ASP 157 
10 1 Y 1 A ASN 251 ? A ASN 158 
11 1 Y 1 A GLY 252 ? A GLY 159 
12 1 Y 1 A PHE 253 ? A PHE 160 
13 1 Y 1 A SER 254 ? A SER 161 
14 1 Y 1 A SER 255 ? A SER 162 
15 1 Y 1 A THR 256 ? A THR 163 
16 1 Y 1 A GLY 257 ? A GLY 164 
17 1 Y 1 A SER 258 ? A SER 165 
18 1 Y 1 A THR 259 ? A THR 166 
19 1 Y 1 A PRO 260 ? A PRO 167 
# 
loop_
_chem_comp_atom.comp_id 
_chem_comp_atom.atom_id 
_chem_comp_atom.type_symbol 
_chem_comp_atom.pdbx_aromatic_flag 
_chem_comp_atom.pdbx_stereo_config 
_chem_comp_atom.pdbx_ordinal 
ACT C    C N N 1   
ACT O    O N N 2   
ACT OXT  O N N 3   
ACT CH3  C N N 4   
ACT H1   H N N 5   
ACT H2   H N N 6   
ACT H3   H N N 7   
ALA N    N N N 8   
ALA CA   C N S 9   
ALA C    C N N 10  
ALA O    O N N 11  
ALA CB   C N N 12  
ALA OXT  O N N 13  
ALA H    H N N 14  
ALA H2   H N N 15  
ALA HA   H N N 16  
ALA HB1  H N N 17  
ALA HB2  H N N 18  
ALA HB3  H N N 19  
ALA HXT  H N N 20  
ARG N    N N N 21  
ARG CA   C N S 22  
ARG C    C N N 23  
ARG O    O N N 24  
ARG CB   C N N 25  
ARG CG   C N N 26  
ARG CD   C N N 27  
ARG NE   N N N 28  
ARG CZ   C N N 29  
ARG NH1  N N N 30  
ARG NH2  N N N 31  
ARG OXT  O N N 32  
ARG H    H N N 33  
ARG H2   H N N 34  
ARG HA   H N N 35  
ARG HB2  H N N 36  
ARG HB3  H N N 37  
ARG HG2  H N N 38  
ARG HG3  H N N 39  
ARG HD2  H N N 40  
ARG HD3  H N N 41  
ARG HE   H N N 42  
ARG HH11 H N N 43  
ARG HH12 H N N 44  
ARG HH21 H N N 45  
ARG HH22 H N N 46  
ARG HXT  H N N 47  
ASN N    N N N 48  
ASN CA   C N S 49  
ASN C    C N N 50  
ASN O    O N N 51  
ASN CB   C N N 52  
ASN CG   C N N 53  
ASN OD1  O N N 54  
ASN ND2  N N N 55  
ASN OXT  O N N 56  
ASN H    H N N 57  
ASN H2   H N N 58  
ASN HA   H N N 59  
ASN HB2  H N N 60  
ASN HB3  H N N 61  
ASN HD21 H N N 62  
ASN HD22 H N N 63  
ASN HXT  H N N 64  
ASP N    N N N 65  
ASP CA   C N S 66  
ASP C    C N N 67  
ASP O    O N N 68  
ASP CB   C N N 69  
ASP CG   C N N 70  
ASP OD1  O N N 71  
ASP OD2  O N N 72  
ASP OXT  O N N 73  
ASP H    H N N 74  
ASP H2   H N N 75  
ASP HA   H N N 76  
ASP HB2  H N N 77  
ASP HB3  H N N 78  
ASP HD2  H N N 79  
ASP HXT  H N N 80  
CYS N    N N N 81  
CYS CA   C N R 82  
CYS C    C N N 83  
CYS O    O N N 84  
CYS CB   C N N 85  
CYS SG   S N N 86  
CYS OXT  O N N 87  
CYS H    H N N 88  
CYS H2   H N N 89  
CYS HA   H N N 90  
CYS HB2  H N N 91  
CYS HB3  H N N 92  
CYS HG   H N N 93  
CYS HXT  H N N 94  
DMS S    S N N 95  
DMS O    O N N 96  
DMS C1   C N N 97  
DMS C2   C N N 98  
DMS H11  H N N 99  
DMS H12  H N N 100 
DMS H13  H N N 101 
DMS H21  H N N 102 
DMS H22  H N N 103 
DMS H23  H N N 104 
EDO C1   C N N 105 
EDO O1   O N N 106 
EDO C2   C N N 107 
EDO O2   O N N 108 
EDO H11  H N N 109 
EDO H12  H N N 110 
EDO HO1  H N N 111 
EDO H21  H N N 112 
EDO H22  H N N 113 
EDO HO2  H N N 114 
GLN N    N N N 115 
GLN CA   C N S 116 
GLN C    C N N 117 
GLN O    O N N 118 
GLN CB   C N N 119 
GLN CG   C N N 120 
GLN CD   C N N 121 
GLN OE1  O N N 122 
GLN NE2  N N N 123 
GLN OXT  O N N 124 
GLN H    H N N 125 
GLN H2   H N N 126 
GLN HA   H N N 127 
GLN HB2  H N N 128 
GLN HB3  H N N 129 
GLN HG2  H N N 130 
GLN HG3  H N N 131 
GLN HE21 H N N 132 
GLN HE22 H N N 133 
GLN HXT  H N N 134 
GLU N    N N N 135 
GLU CA   C N S 136 
GLU C    C N N 137 
GLU O    O N N 138 
GLU CB   C N N 139 
GLU CG   C N N 140 
GLU CD   C N N 141 
GLU OE1  O N N 142 
GLU OE2  O N N 143 
GLU OXT  O N N 144 
GLU H    H N N 145 
GLU H2   H N N 146 
GLU HA   H N N 147 
GLU HB2  H N N 148 
GLU HB3  H N N 149 
GLU HG2  H N N 150 
GLU HG3  H N N 151 
GLU HE2  H N N 152 
GLU HXT  H N N 153 
GLY N    N N N 154 
GLY CA   C N N 155 
GLY C    C N N 156 
GLY O    O N N 157 
GLY OXT  O N N 158 
GLY H    H N N 159 
GLY H2   H N N 160 
GLY HA2  H N N 161 
GLY HA3  H N N 162 
GLY HXT  H N N 163 
HIS N    N N N 164 
HIS CA   C N S 165 
HIS C    C N N 166 
HIS O    O N N 167 
HIS CB   C N N 168 
HIS CG   C Y N 169 
HIS ND1  N Y N 170 
HIS CD2  C Y N 171 
HIS CE1  C Y N 172 
HIS NE2  N Y N 173 
HIS OXT  O N N 174 
HIS H    H N N 175 
HIS H2   H N N 176 
HIS HA   H N N 177 
HIS HB2  H N N 178 
HIS HB3  H N N 179 
HIS HD1  H N N 180 
HIS HD2  H N N 181 
HIS HE1  H N N 182 
HIS HE2  H N N 183 
HIS HXT  H N N 184 
HOH O    O N N 185 
HOH H1   H N N 186 
HOH H2   H N N 187 
ILE N    N N N 188 
ILE CA   C N S 189 
ILE C    C N N 190 
ILE O    O N N 191 
ILE CB   C N S 192 
ILE CG1  C N N 193 
ILE CG2  C N N 194 
ILE CD1  C N N 195 
ILE OXT  O N N 196 
ILE H    H N N 197 
ILE H2   H N N 198 
ILE HA   H N N 199 
ILE HB   H N N 200 
ILE HG12 H N N 201 
ILE HG13 H N N 202 
ILE HG21 H N N 203 
ILE HG22 H N N 204 
ILE HG23 H N N 205 
ILE HD11 H N N 206 
ILE HD12 H N N 207 
ILE HD13 H N N 208 
ILE HXT  H N N 209 
LE7 N1   N Y N 210 
LE7 N3   N N N 211 
LE7 C4   C Y N 212 
LE7 C5   C Y N 213 
LE7 C6   C Y N 214 
LE7 C7   C N N 215 
LE7 C8   C N N 216 
LE7 C10  C Y N 217 
LE7 C13  C Y N 218 
LE7 C1   C N N 219 
LE7 C11  C Y N 220 
LE7 C12  C Y N 221 
LE7 C14  C Y N 222 
LE7 C2   C N N 223 
LE7 C3   C N N 224 
LE7 C9   C Y N 225 
LE7 F1   F N N 226 
LE7 N2   N Y N 227 
LE7 O1   O N N 228 
LE7 H1   H N N 229 
LE7 H2   H N N 230 
LE7 H3   H N N 231 
LE7 H4   H N N 232 
LE7 H5   H N N 233 
LE7 H6   H N N 234 
LE7 H7   H N N 235 
LE7 H8   H N N 236 
LE7 H9   H N N 237 
LE7 H10  H N N 238 
LE7 H11  H N N 239 
LE7 H12  H N N 240 
LE7 H13  H N N 241 
LE7 H14  H N N 242 
LE7 H15  H N N 243 
LE7 H16  H N N 244 
LEU N    N N N 245 
LEU CA   C N S 246 
LEU C    C N N 247 
LEU O    O N N 248 
LEU CB   C N N 249 
LEU CG   C N N 250 
LEU CD1  C N N 251 
LEU CD2  C N N 252 
LEU OXT  O N N 253 
LEU H    H N N 254 
LEU H2   H N N 255 
LEU HA   H N N 256 
LEU HB2  H N N 257 
LEU HB3  H N N 258 
LEU HG   H N N 259 
LEU HD11 H N N 260 
LEU HD12 H N N 261 
LEU HD13 H N N 262 
LEU HD21 H N N 263 
LEU HD22 H N N 264 
LEU HD23 H N N 265 
LEU HXT  H N N 266 
LYS N    N N N 267 
LYS CA   C N S 268 
LYS C    C N N 269 
LYS O    O N N 270 
LYS CB   C N N 271 
LYS CG   C N N 272 
LYS CD   C N N 273 
LYS CE   C N N 274 
LYS NZ   N N N 275 
LYS OXT  O N N 276 
LYS H    H N N 277 
LYS H2   H N N 278 
LYS HA   H N N 279 
LYS HB2  H N N 280 
LYS HB3  H N N 281 
LYS HG2  H N N 282 
LYS HG3  H N N 283 
LYS HD2  H N N 284 
LYS HD3  H N N 285 
LYS HE2  H N N 286 
LYS HE3  H N N 287 
LYS HZ1  H N N 288 
LYS HZ2  H N N 289 
LYS HZ3  H N N 290 
LYS HXT  H N N 291 
MET N    N N N 292 
MET CA   C N S 293 
MET C    C N N 294 
MET O    O N N 295 
MET CB   C N N 296 
MET CG   C N N 297 
MET SD   S N N 298 
MET CE   C N N 299 
MET OXT  O N N 300 
MET H    H N N 301 
MET H2   H N N 302 
MET HA   H N N 303 
MET HB2  H N N 304 
MET HB3  H N N 305 
MET HG2  H N N 306 
MET HG3  H N N 307 
MET HE1  H N N 308 
MET HE2  H N N 309 
MET HE3  H N N 310 
MET HXT  H N N 311 
PHE N    N N N 312 
PHE CA   C N S 313 
PHE C    C N N 314 
PHE O    O N N 315 
PHE CB   C N N 316 
PHE CG   C Y N 317 
PHE CD1  C Y N 318 
PHE CD2  C Y N 319 
PHE CE1  C Y N 320 
PHE CE2  C Y N 321 
PHE CZ   C Y N 322 
PHE OXT  O N N 323 
PHE H    H N N 324 
PHE H2   H N N 325 
PHE HA   H N N 326 
PHE HB2  H N N 327 
PHE HB3  H N N 328 
PHE HD1  H N N 329 
PHE HD2  H N N 330 
PHE HE1  H N N 331 
PHE HE2  H N N 332 
PHE HZ   H N N 333 
PHE HXT  H N N 334 
PRO N    N N N 335 
PRO CA   C N S 336 
PRO C    C N N 337 
PRO O    O N N 338 
PRO CB   C N N 339 
PRO CG   C N N 340 
PRO CD   C N N 341 
PRO OXT  O N N 342 
PRO H    H N N 343 
PRO HA   H N N 344 
PRO HB2  H N N 345 
PRO HB3  H N N 346 
PRO HG2  H N N 347 
PRO HG3  H N N 348 
PRO HD2  H N N 349 
PRO HD3  H N N 350 
PRO HXT  H N N 351 
SER N    N N N 352 
SER CA   C N S 353 
SER C    C N N 354 
SER O    O N N 355 
SER CB   C N N 356 
SER OG   O N N 357 
SER OXT  O N N 358 
SER H    H N N 359 
SER H2   H N N 360 
SER HA   H N N 361 
SER HB2  H N N 362 
SER HB3  H N N 363 
SER HG   H N N 364 
SER HXT  H N N 365 
THR N    N N N 366 
THR CA   C N S 367 
THR C    C N N 368 
THR O    O N N 369 
THR CB   C N R 370 
THR OG1  O N N 371 
THR CG2  C N N 372 
THR OXT  O N N 373 
THR H    H N N 374 
THR H2   H N N 375 
THR HA   H N N 376 
THR HB   H N N 377 
THR HG1  H N N 378 
THR HG21 H N N 379 
THR HG22 H N N 380 
THR HG23 H N N 381 
THR HXT  H N N 382 
TRP N    N N N 383 
TRP CA   C N S 384 
TRP C    C N N 385 
TRP O    O N N 386 
TRP CB   C N N 387 
TRP CG   C Y N 388 
TRP CD1  C Y N 389 
TRP CD2  C Y N 390 
TRP NE1  N Y N 391 
TRP CE2  C Y N 392 
TRP CE3  C Y N 393 
TRP CZ2  C Y N 394 
TRP CZ3  C Y N 395 
TRP CH2  C Y N 396 
TRP OXT  O N N 397 
TRP H    H N N 398 
TRP H2   H N N 399 
TRP HA   H N N 400 
TRP HB2  H N N 401 
TRP HB3  H N N 402 
TRP HD1  H N N 403 
TRP HE1  H N N 404 
TRP HE3  H N N 405 
TRP HZ2  H N N 406 
TRP HZ3  H N N 407 
TRP HH2  H N N 408 
TRP HXT  H N N 409 
TYR N    N N N 410 
TYR CA   C N S 411 
TYR C    C N N 412 
TYR O    O N N 413 
TYR CB   C N N 414 
TYR CG   C Y N 415 
TYR CD1  C Y N 416 
TYR CD2  C Y N 417 
TYR CE1  C Y N 418 
TYR CE2  C Y N 419 
TYR CZ   C Y N 420 
TYR OH   O N N 421 
TYR OXT  O N N 422 
TYR H    H N N 423 
TYR H2   H N N 424 
TYR HA   H N N 425 
TYR HB2  H N N 426 
TYR HB3  H N N 427 
TYR HD1  H N N 428 
TYR HD2  H N N 429 
TYR HE1  H N N 430 
TYR HE2  H N N 431 
TYR HH   H N N 432 
TYR HXT  H N N 433 
VAL N    N N N 434 
VAL CA   C N S 435 
VAL C    C N N 436 
VAL O    O N N 437 
VAL CB   C N N 438 
VAL CG1  C N N 439 
VAL CG2  C N N 440 
VAL OXT  O N N 441 
VAL H    H N N 442 
VAL H2   H N N 443 
VAL HA   H N N 444 
VAL HB   H N N 445 
VAL HG11 H N N 446 
VAL HG12 H N N 447 
VAL HG13 H N N 448 
VAL HG21 H N N 449 
VAL HG22 H N N 450 
VAL HG23 H N N 451 
VAL HXT  H N N 452 
# 
loop_
_chem_comp_bond.comp_id 
_chem_comp_bond.atom_id_1 
_chem_comp_bond.atom_id_2 
_chem_comp_bond.value_order 
_chem_comp_bond.pdbx_aromatic_flag 
_chem_comp_bond.pdbx_stereo_config 
_chem_comp_bond.pdbx_ordinal 
ACT C   O    doub N N 1   
ACT C   OXT  sing N N 2   
ACT C   CH3  sing N N 3   
ACT CH3 H1   sing N N 4   
ACT CH3 H2   sing N N 5   
ACT CH3 H3   sing N N 6   
ALA N   CA   sing N N 7   
ALA N   H    sing N N 8   
ALA N   H2   sing N N 9   
ALA CA  C    sing N N 10  
ALA CA  CB   sing N N 11  
ALA CA  HA   sing N N 12  
ALA C   O    doub N N 13  
ALA C   OXT  sing N N 14  
ALA CB  HB1  sing N N 15  
ALA CB  HB2  sing N N 16  
ALA CB  HB3  sing N N 17  
ALA OXT HXT  sing N N 18  
ARG N   CA   sing N N 19  
ARG N   H    sing N N 20  
ARG N   H2   sing N N 21  
ARG CA  C    sing N N 22  
ARG CA  CB   sing N N 23  
ARG CA  HA   sing N N 24  
ARG C   O    doub N N 25  
ARG C   OXT  sing N N 26  
ARG CB  CG   sing N N 27  
ARG CB  HB2  sing N N 28  
ARG CB  HB3  sing N N 29  
ARG CG  CD   sing N N 30  
ARG CG  HG2  sing N N 31  
ARG CG  HG3  sing N N 32  
ARG CD  NE   sing N N 33  
ARG CD  HD2  sing N N 34  
ARG CD  HD3  sing N N 35  
ARG NE  CZ   sing N N 36  
ARG NE  HE   sing N N 37  
ARG CZ  NH1  sing N N 38  
ARG CZ  NH2  doub N N 39  
ARG NH1 HH11 sing N N 40  
ARG NH1 HH12 sing N N 41  
ARG NH2 HH21 sing N N 42  
ARG NH2 HH22 sing N N 43  
ARG OXT HXT  sing N N 44  
ASN N   CA   sing N N 45  
ASN N   H    sing N N 46  
ASN N   H2   sing N N 47  
ASN CA  C    sing N N 48  
ASN CA  CB   sing N N 49  
ASN CA  HA   sing N N 50  
ASN C   O    doub N N 51  
ASN C   OXT  sing N N 52  
ASN CB  CG   sing N N 53  
ASN CB  HB2  sing N N 54  
ASN CB  HB3  sing N N 55  
ASN CG  OD1  doub N N 56  
ASN CG  ND2  sing N N 57  
ASN ND2 HD21 sing N N 58  
ASN ND2 HD22 sing N N 59  
ASN OXT HXT  sing N N 60  
ASP N   CA   sing N N 61  
ASP N   H    sing N N 62  
ASP N   H2   sing N N 63  
ASP CA  C    sing N N 64  
ASP CA  CB   sing N N 65  
ASP CA  HA   sing N N 66  
ASP C   O    doub N N 67  
ASP C   OXT  sing N N 68  
ASP CB  CG   sing N N 69  
ASP CB  HB2  sing N N 70  
ASP CB  HB3  sing N N 71  
ASP CG  OD1  doub N N 72  
ASP CG  OD2  sing N N 73  
ASP OD2 HD2  sing N N 74  
ASP OXT HXT  sing N N 75  
CYS N   CA   sing N N 76  
CYS N   H    sing N N 77  
CYS N   H2   sing N N 78  
CYS CA  C    sing N N 79  
CYS CA  CB   sing N N 80  
CYS CA  HA   sing N N 81  
CYS C   O    doub N N 82  
CYS C   OXT  sing N N 83  
CYS CB  SG   sing N N 84  
CYS CB  HB2  sing N N 85  
CYS CB  HB3  sing N N 86  
CYS SG  HG   sing N N 87  
CYS OXT HXT  sing N N 88  
DMS S   O    doub N N 89  
DMS S   C1   sing N N 90  
DMS S   C2   sing N N 91  
DMS C1  H11  sing N N 92  
DMS C1  H12  sing N N 93  
DMS C1  H13  sing N N 94  
DMS C2  H21  sing N N 95  
DMS C2  H22  sing N N 96  
DMS C2  H23  sing N N 97  
EDO C1  O1   sing N N 98  
EDO C1  C2   sing N N 99  
EDO C1  H11  sing N N 100 
EDO C1  H12  sing N N 101 
EDO O1  HO1  sing N N 102 
EDO C2  O2   sing N N 103 
EDO C2  H21  sing N N 104 
EDO C2  H22  sing N N 105 
EDO O2  HO2  sing N N 106 
GLN N   CA   sing N N 107 
GLN N   H    sing N N 108 
GLN N   H2   sing N N 109 
GLN CA  C    sing N N 110 
GLN CA  CB   sing N N 111 
GLN CA  HA   sing N N 112 
GLN C   O    doub N N 113 
GLN C   OXT  sing N N 114 
GLN CB  CG   sing N N 115 
GLN CB  HB2  sing N N 116 
GLN CB  HB3  sing N N 117 
GLN CG  CD   sing N N 118 
GLN CG  HG2  sing N N 119 
GLN CG  HG3  sing N N 120 
GLN CD  OE1  doub N N 121 
GLN CD  NE2  sing N N 122 
GLN NE2 HE21 sing N N 123 
GLN NE2 HE22 sing N N 124 
GLN OXT HXT  sing N N 125 
GLU N   CA   sing N N 126 
GLU N   H    sing N N 127 
GLU N   H2   sing N N 128 
GLU CA  C    sing N N 129 
GLU CA  CB   sing N N 130 
GLU CA  HA   sing N N 131 
GLU C   O    doub N N 132 
GLU C   OXT  sing N N 133 
GLU CB  CG   sing N N 134 
GLU CB  HB2  sing N N 135 
GLU CB  HB3  sing N N 136 
GLU CG  CD   sing N N 137 
GLU CG  HG2  sing N N 138 
GLU CG  HG3  sing N N 139 
GLU CD  OE1  doub N N 140 
GLU CD  OE2  sing N N 141 
GLU OE2 HE2  sing N N 142 
GLU OXT HXT  sing N N 143 
GLY N   CA   sing N N 144 
GLY N   H    sing N N 145 
GLY N   H2   sing N N 146 
GLY CA  C    sing N N 147 
GLY CA  HA2  sing N N 148 
GLY CA  HA3  sing N N 149 
GLY C   O    doub N N 150 
GLY C   OXT  sing N N 151 
GLY OXT HXT  sing N N 152 
HIS N   CA   sing N N 153 
HIS N   H    sing N N 154 
HIS N   H2   sing N N 155 
HIS CA  C    sing N N 156 
HIS CA  CB   sing N N 157 
HIS CA  HA   sing N N 158 
HIS C   O    doub N N 159 
HIS C   OXT  sing N N 160 
HIS CB  CG   sing N N 161 
HIS CB  HB2  sing N N 162 
HIS CB  HB3  sing N N 163 
HIS CG  ND1  sing Y N 164 
HIS CG  CD2  doub Y N 165 
HIS ND1 CE1  doub Y N 166 
HIS ND1 HD1  sing N N 167 
HIS CD2 NE2  sing Y N 168 
HIS CD2 HD2  sing N N 169 
HIS CE1 NE2  sing Y N 170 
HIS CE1 HE1  sing N N 171 
HIS NE2 HE2  sing N N 172 
HIS OXT HXT  sing N N 173 
HOH O   H1   sing N N 174 
HOH O   H2   sing N N 175 
ILE N   CA   sing N N 176 
ILE N   H    sing N N 177 
ILE N   H2   sing N N 178 
ILE CA  C    sing N N 179 
ILE CA  CB   sing N N 180 
ILE CA  HA   sing N N 181 
ILE C   O    doub N N 182 
ILE C   OXT  sing N N 183 
ILE CB  CG1  sing N N 184 
ILE CB  CG2  sing N N 185 
ILE CB  HB   sing N N 186 
ILE CG1 CD1  sing N N 187 
ILE CG1 HG12 sing N N 188 
ILE CG1 HG13 sing N N 189 
ILE CG2 HG21 sing N N 190 
ILE CG2 HG22 sing N N 191 
ILE CG2 HG23 sing N N 192 
ILE CD1 HD11 sing N N 193 
ILE CD1 HD12 sing N N 194 
ILE CD1 HD13 sing N N 195 
ILE OXT HXT  sing N N 196 
LE7 C1  C2   sing N N 197 
LE7 C2  C3   sing N N 198 
LE7 C3  C4   sing N N 199 
LE7 N2  C4   doub Y N 200 
LE7 N2  N1   sing Y N 201 
LE7 C4  C5   sing Y N 202 
LE7 N1  C6   sing Y N 203 
LE7 C5  C6   doub Y N 204 
LE7 C6  C7   sing N N 205 
LE7 C7  O1   doub N N 206 
LE7 C7  N3   sing N N 207 
LE7 N3  C8   sing N N 208 
LE7 C8  C9   sing N N 209 
LE7 C9  C10  doub Y N 210 
LE7 C9  C14  sing Y N 211 
LE7 C10 C11  sing Y N 212 
LE7 C14 C13  doub Y N 213 
LE7 C11 C12  doub Y N 214 
LE7 C13 C12  sing Y N 215 
LE7 C12 F1   sing N N 216 
LE7 N1  H1   sing N N 217 
LE7 N3  H2   sing N N 218 
LE7 C5  H3   sing N N 219 
LE7 C8  H4   sing N N 220 
LE7 C8  H5   sing N N 221 
LE7 C10 H6   sing N N 222 
LE7 C13 H7   sing N N 223 
LE7 C1  H8   sing N N 224 
LE7 C1  H9   sing N N 225 
LE7 C1  H10  sing N N 226 
LE7 C11 H11  sing N N 227 
LE7 C14 H12  sing N N 228 
LE7 C2  H13  sing N N 229 
LE7 C2  H14  sing N N 230 
LE7 C3  H15  sing N N 231 
LE7 C3  H16  sing N N 232 
LEU N   CA   sing N N 233 
LEU N   H    sing N N 234 
LEU N   H2   sing N N 235 
LEU CA  C    sing N N 236 
LEU CA  CB   sing N N 237 
LEU CA  HA   sing N N 238 
LEU C   O    doub N N 239 
LEU C   OXT  sing N N 240 
LEU CB  CG   sing N N 241 
LEU CB  HB2  sing N N 242 
LEU CB  HB3  sing N N 243 
LEU CG  CD1  sing N N 244 
LEU CG  CD2  sing N N 245 
LEU CG  HG   sing N N 246 
LEU CD1 HD11 sing N N 247 
LEU CD1 HD12 sing N N 248 
LEU CD1 HD13 sing N N 249 
LEU CD2 HD21 sing N N 250 
LEU CD2 HD22 sing N N 251 
LEU CD2 HD23 sing N N 252 
LEU OXT HXT  sing N N 253 
LYS N   CA   sing N N 254 
LYS N   H    sing N N 255 
LYS N   H2   sing N N 256 
LYS CA  C    sing N N 257 
LYS CA  CB   sing N N 258 
LYS CA  HA   sing N N 259 
LYS C   O    doub N N 260 
LYS C   OXT  sing N N 261 
LYS CB  CG   sing N N 262 
LYS CB  HB2  sing N N 263 
LYS CB  HB3  sing N N 264 
LYS CG  CD   sing N N 265 
LYS CG  HG2  sing N N 266 
LYS CG  HG3  sing N N 267 
LYS CD  CE   sing N N 268 
LYS CD  HD2  sing N N 269 
LYS CD  HD3  sing N N 270 
LYS CE  NZ   sing N N 271 
LYS CE  HE2  sing N N 272 
LYS CE  HE3  sing N N 273 
LYS NZ  HZ1  sing N N 274 
LYS NZ  HZ2  sing N N 275 
LYS NZ  HZ3  sing N N 276 
LYS OXT HXT  sing N N 277 
MET N   CA   sing N N 278 
MET N   H    sing N N 279 
MET N   H2   sing N N 280 
MET CA  C    sing N N 281 
MET CA  CB   sing N N 282 
MET CA  HA   sing N N 283 
MET C   O    doub N N 284 
MET C   OXT  sing N N 285 
MET CB  CG   sing N N 286 
MET CB  HB2  sing N N 287 
MET CB  HB3  sing N N 288 
MET CG  SD   sing N N 289 
MET CG  HG2  sing N N 290 
MET CG  HG3  sing N N 291 
MET SD  CE   sing N N 292 
MET CE  HE1  sing N N 293 
MET CE  HE2  sing N N 294 
MET CE  HE3  sing N N 295 
MET OXT HXT  sing N N 296 
PHE N   CA   sing N N 297 
PHE N   H    sing N N 298 
PHE N   H2   sing N N 299 
PHE CA  C    sing N N 300 
PHE CA  CB   sing N N 301 
PHE CA  HA   sing N N 302 
PHE C   O    doub N N 303 
PHE C   OXT  sing N N 304 
PHE CB  CG   sing N N 305 
PHE CB  HB2  sing N N 306 
PHE CB  HB3  sing N N 307 
PHE CG  CD1  doub Y N 308 
PHE CG  CD2  sing Y N 309 
PHE CD1 CE1  sing Y N 310 
PHE CD1 HD1  sing N N 311 
PHE CD2 CE2  doub Y N 312 
PHE CD2 HD2  sing N N 313 
PHE CE1 CZ   doub Y N 314 
PHE CE1 HE1  sing N N 315 
PHE CE2 CZ   sing Y N 316 
PHE CE2 HE2  sing N N 317 
PHE CZ  HZ   sing N N 318 
PHE OXT HXT  sing N N 319 
PRO N   CA   sing N N 320 
PRO N   CD   sing N N 321 
PRO N   H    sing N N 322 
PRO CA  C    sing N N 323 
PRO CA  CB   sing N N 324 
PRO CA  HA   sing N N 325 
PRO C   O    doub N N 326 
PRO C   OXT  sing N N 327 
PRO CB  CG   sing N N 328 
PRO CB  HB2  sing N N 329 
PRO CB  HB3  sing N N 330 
PRO CG  CD   sing N N 331 
PRO CG  HG2  sing N N 332 
PRO CG  HG3  sing N N 333 
PRO CD  HD2  sing N N 334 
PRO CD  HD3  sing N N 335 
PRO OXT HXT  sing N N 336 
SER N   CA   sing N N 337 
SER N   H    sing N N 338 
SER N   H2   sing N N 339 
SER CA  C    sing N N 340 
SER CA  CB   sing N N 341 
SER CA  HA   sing N N 342 
SER C   O    doub N N 343 
SER C   OXT  sing N N 344 
SER CB  OG   sing N N 345 
SER CB  HB2  sing N N 346 
SER CB  HB3  sing N N 347 
SER OG  HG   sing N N 348 
SER OXT HXT  sing N N 349 
THR N   CA   sing N N 350 
THR N   H    sing N N 351 
THR N   H2   sing N N 352 
THR CA  C    sing N N 353 
THR CA  CB   sing N N 354 
THR CA  HA   sing N N 355 
THR C   O    doub N N 356 
THR C   OXT  sing N N 357 
THR CB  OG1  sing N N 358 
THR CB  CG2  sing N N 359 
THR CB  HB   sing N N 360 
THR OG1 HG1  sing N N 361 
THR CG2 HG21 sing N N 362 
THR CG2 HG22 sing N N 363 
THR CG2 HG23 sing N N 364 
THR OXT HXT  sing N N 365 
TRP N   CA   sing N N 366 
TRP N   H    sing N N 367 
TRP N   H2   sing N N 368 
TRP CA  C    sing N N 369 
TRP CA  CB   sing N N 370 
TRP CA  HA   sing N N 371 
TRP C   O    doub N N 372 
TRP C   OXT  sing N N 373 
TRP CB  CG   sing N N 374 
TRP CB  HB2  sing N N 375 
TRP CB  HB3  sing N N 376 
TRP CG  CD1  doub Y N 377 
TRP CG  CD2  sing Y N 378 
TRP CD1 NE1  sing Y N 379 
TRP CD1 HD1  sing N N 380 
TRP CD2 CE2  doub Y N 381 
TRP CD2 CE3  sing Y N 382 
TRP NE1 CE2  sing Y N 383 
TRP NE1 HE1  sing N N 384 
TRP CE2 CZ2  sing Y N 385 
TRP CE3 CZ3  doub Y N 386 
TRP CE3 HE3  sing N N 387 
TRP CZ2 CH2  doub Y N 388 
TRP CZ2 HZ2  sing N N 389 
TRP CZ3 CH2  sing Y N 390 
TRP CZ3 HZ3  sing N N 391 
TRP CH2 HH2  sing N N 392 
TRP OXT HXT  sing N N 393 
TYR N   CA   sing N N 394 
TYR N   H    sing N N 395 
TYR N   H2   sing N N 396 
TYR CA  C    sing N N 397 
TYR CA  CB   sing N N 398 
TYR CA  HA   sing N N 399 
TYR C   O    doub N N 400 
TYR C   OXT  sing N N 401 
TYR CB  CG   sing N N 402 
TYR CB  HB2  sing N N 403 
TYR CB  HB3  sing N N 404 
TYR CG  CD1  doub Y N 405 
TYR CG  CD2  sing Y N 406 
TYR CD1 CE1  sing Y N 407 
TYR CD1 HD1  sing N N 408 
TYR CD2 CE2  doub Y N 409 
TYR CD2 HD2  sing N N 410 
TYR CE1 CZ   doub Y N 411 
TYR CE1 HE1  sing N N 412 
TYR CE2 CZ   sing Y N 413 
TYR CE2 HE2  sing N N 414 
TYR CZ  OH   sing N N 415 
TYR OH  HH   sing N N 416 
TYR OXT HXT  sing N N 417 
VAL N   CA   sing N N 418 
VAL N   H    sing N N 419 
VAL N   H2   sing N N 420 
VAL CA  C    sing N N 421 
VAL CA  CB   sing N N 422 
VAL CA  HA   sing N N 423 
VAL C   O    doub N N 424 
VAL C   OXT  sing N N 425 
VAL CB  CG1  sing N N 426 
VAL CB  CG2  sing N N 427 
VAL CB  HB   sing N N 428 
VAL CG1 HG11 sing N N 429 
VAL CG1 HG12 sing N N 430 
VAL CG1 HG13 sing N N 431 
VAL CG2 HG21 sing N N 432 
VAL CG2 HG22 sing N N 433 
VAL CG2 HG23 sing N N 434 
VAL OXT HXT  sing N N 435 
# 
_pdbx_deposit_group.group_id            G_1002061 
_pdbx_deposit_group.group_description   
;XDomainX of XOrganismX DCP2 (NUDT20) screened against the XXX Fragment Library by X-ray Crystallography at the XChem facility of Diamond Light Source beamline I04-1
;
_pdbx_deposit_group.group_title         'PanDDA analysis group deposition' 
_pdbx_deposit_group.group_type          'changed state' 
# 
_pdbx_related_exp_data_set.ordinal              1 
_pdbx_related_exp_data_set.data_reference       10.5281/zenodo.1437589 
_pdbx_related_exp_data_set.metadata_reference   10.5281/zenodo.1437589 
_pdbx_related_exp_data_set.data_set_type        'other data' 
_pdbx_related_exp_data_set.details              'Complete PanDDA analysis' 
# 
_atom_sites.entry_id                    5QOU 
_atom_sites.fract_transf_matrix[1][1]   -0.01970504 
_atom_sites.fract_transf_matrix[1][2]   -0.00033406 
_atom_sites.fract_transf_matrix[1][3]   0.00639025 
_atom_sites.fract_transf_matrix[2][1]   0.00286391 
_atom_sites.fract_transf_matrix[2][2]   0.01322097 
_atom_sites.fract_transf_matrix[2][3]   0.00952233 
_atom_sites.fract_transf_matrix[3][1]   -0.00389352 
_atom_sites.fract_transf_matrix[3][2]   0.00914636 
_atom_sites.fract_transf_matrix[3][3]   -0.01152796 
_atom_sites.fract_transf_vector[1]      -0.883691 
_atom_sites.fract_transf_vector[2]      0.227426 
_atom_sites.fract_transf_vector[3]      1.166960 
# 
loop_
_atom_type.symbol 
C 
F 
N 
O 
S 
# 
loop_
_atom_site.group_PDB 
_atom_site.id 
_atom_site.type_symbol 
_atom_site.label_atom_id 
_atom_site.label_alt_id 
_atom_site.label_comp_id 
_atom_site.label_asym_id 
_atom_site.label_entity_id 
_atom_site.label_seq_id 
_atom_site.pdbx_PDB_ins_code 
_atom_site.Cartn_x 
_atom_site.Cartn_y 
_atom_site.Cartn_z 
_atom_site.occupancy 
_atom_site.B_iso_or_equiv 
_atom_site.pdbx_formal_charge 
_atom_site.auth_seq_id 
_atom_site.auth_comp_id 
_atom_site.auth_asym_id 
_atom_site.auth_atom_id 
_atom_site.pdbx_PDB_model_num 
ATOM   1    N N   . GLY A 1 3   ? -17.969 1.892   6.072   1.00 92.94  ? 96  GLY A N   1 
ATOM   2    C CA  . GLY A 1 3   ? -17.339 2.774   5.038   1.00 92.67  ? 96  GLY A CA  1 
ATOM   3    C C   . GLY A 1 3   ? -17.328 2.207   3.614   1.00 89.71  ? 96  GLY A C   1 
ATOM   4    O O   . GLY A 1 3   ? -17.737 1.064   3.352   1.00 87.59  ? 96  GLY A O   1 
ATOM   5    N N   . VAL A 1 4   ? -16.840 3.018   2.687   1.00 83.85  ? 97  VAL A N   1 
ATOM   6    C CA  . VAL A 1 4   ? -16.821 2.645   1.267   1.00 81.61  ? 97  VAL A CA  1 
ATOM   7    C C   . VAL A 1 4   ? -15.579 1.779   1.002   1.00 62.39  ? 97  VAL A C   1 
ATOM   8    O O   . VAL A 1 4   ? -14.520 2.105   1.489   1.00 52.06  ? 97  VAL A O   1 
ATOM   9    C CB  . VAL A 1 4   ? -16.805 3.910   0.384   1.00 85.88  ? 97  VAL A CB  1 
ATOM   10   C CG1 . VAL A 1 4   ? -16.825 3.540   -1.090  1.00 87.22  ? 97  VAL A CG1 1 
ATOM   11   C CG2 . VAL A 1 4   ? -17.991 4.810   0.727   1.00 91.27  ? 97  VAL A CG2 1 
ATOM   12   N N   . PRO A 1 5   ? -15.703 0.678   0.232   1.00 55.30  ? 98  PRO A N   1 
ATOM   13   C CA  . PRO A 1 5   ? -14.491 -0.115  -0.052  1.00 54.01  ? 98  PRO A CA  1 
ATOM   14   C C   . PRO A 1 5   ? -13.343 0.740   -0.639  1.00 49.58  ? 98  PRO A C   1 
ATOM   15   O O   . PRO A 1 5   ? -13.611 1.744   -1.303  1.00 50.32  ? 98  PRO A O   1 
ATOM   16   C CB  . PRO A 1 5   ? -14.980 -1.165  -1.056  1.00 54.67  ? 98  PRO A CB  1 
ATOM   17   C CG  . PRO A 1 5   ? -16.432 -1.273  -0.806  1.00 53.82  ? 98  PRO A CG  1 
ATOM   18   C CD  . PRO A 1 5   ? -16.916 0.051   -0.322  1.00 50.27  ? 98  PRO A CD  1 
ATOM   19   N N   . THR A 1 6   ? -12.085 0.390   -0.338  1.00 48.39  ? 99  THR A N   1 
ATOM   20   C CA  . THR A 1 6   ? -10.901 1.034   -0.967  1.00 43.46  ? 99  THR A CA  1 
ATOM   21   C C   . THR A 1 6   ? -10.096 0.019   -1.774  1.00 41.97  ? 99  THR A C   1 
ATOM   22   O O   . THR A 1 6   ? -10.086 -1.156  -1.435  1.00 38.92  ? 99  THR A O   1 
ATOM   23   C CB  . THR A 1 6   ? -10.001 1.709   0.061   1.00 46.72  ? 99  THR A CB  1 
ATOM   24   O OG1 . THR A 1 6   ? -9.416  0.711   0.918   1.00 46.91  ? 99  THR A OG1 1 
ATOM   25   C CG2 . THR A 1 6   ? -10.829 2.704   0.880   1.00 44.60  ? 99  THR A CG2 1 
ATOM   26   N N   . TYR A 1 7   ? -9.459  0.481   -2.858  1.00 40.30  ? 100 TYR A N   1 
ATOM   27   C CA  . TYR A 1 7   ? -8.677  -0.358  -3.726  1.00 38.12  ? 100 TYR A CA  1 
ATOM   28   C C   . TYR A 1 7   ? -7.378  0.353   -4.108  1.00 40.52  ? 100 TYR A C   1 
ATOM   29   O O   . TYR A 1 7   ? -7.326  1.575   -4.196  1.00 40.08  ? 100 TYR A O   1 
ATOM   30   C CB  . TYR A 1 7   ? -9.475  -0.697  -4.996  1.00 43.35  ? 100 TYR A CB  1 
ATOM   31   C CG  . TYR A 1 7   ? -10.759 -1.440  -4.720  1.00 42.09  ? 100 TYR A CG  1 
ATOM   32   C CD1 . TYR A 1 7   ? -10.759 -2.826  -4.532  1.00 44.41  ? 100 TYR A CD1 1 
ATOM   33   C CD2 . TYR A 1 7   ? -11.970 -0.753  -4.600  1.00 46.84  ? 100 TYR A CD2 1 
ATOM   34   C CE1 . TYR A 1 7   ? -11.929 -3.511  -4.234  1.00 46.67  ? 100 TYR A CE1 1 
ATOM   35   C CE2 . TYR A 1 7   ? -13.164 -1.424  -4.335  1.00 47.99  ? 100 TYR A CE2 1 
ATOM   36   C CZ  . TYR A 1 7   ? -13.150 -2.793  -4.152  1.00 50.87  ? 100 TYR A CZ  1 
ATOM   37   O OH  . TYR A 1 7   ? -14.337 -3.429  -3.846  1.00 58.81  ? 100 TYR A OH  1 
ATOM   38   N N   . GLY A 1 8   ? -6.335  -0.427  -4.365  1.00 37.74  ? 101 GLY A N   1 
ATOM   39   C CA  . GLY A 1 8   ? -5.046  0.134   -4.642  1.00 36.21  ? 101 GLY A CA  1 
ATOM   40   C C   . GLY A 1 8   ? -4.072  -0.950  -5.011  1.00 34.22  ? 101 GLY A C   1 
ATOM   41   O O   . GLY A 1 8   ? -4.479  -1.992  -5.475  1.00 32.21  ? 101 GLY A O   1 
ATOM   42   N N   . ALA A 1 9   ? -2.787  -0.688  -4.822  1.00 34.25  ? 102 ALA A N   1 
ATOM   43   C CA  . ALA A 1 9   ? -1.776  -1.676  -5.157  1.00 35.13  ? 102 ALA A CA  1 
ATOM   44   C C   . ALA A 1 9   ? -0.557  -1.684  -4.275  1.00 35.84  ? 102 ALA A C   1 
ATOM   45   O O   . ALA A 1 9   ? -0.182  -0.656  -3.672  1.00 31.74  ? 102 ALA A O   1 
ATOM   46   C CB  . ALA A 1 9   ? -1.320  -1.495  -6.581  1.00 38.01  ? 102 ALA A CB  1 
ATOM   47   N N   . ILE A 1 10  ? 0.016   -2.889  -4.212  1.00 32.89  ? 103 ILE A N   1 
ATOM   48   C CA  . ILE A 1 10  ? 1.304   -3.160  -3.650  1.00 30.84  ? 103 ILE A CA  1 
ATOM   49   C C   . ILE A 1 10  ? 2.194   -3.419  -4.831  1.00 33.72  ? 103 ILE A C   1 
ATOM   50   O O   . ILE A 1 10  ? 2.107   -4.465  -5.486  1.00 39.45  ? 103 ILE A O   1 
ATOM   51   C CB  . ILE A 1 10  ? 1.318   -4.402  -2.776  1.00 29.04  ? 103 ILE A CB  1 
ATOM   52   C CG1 . ILE A 1 10  ? 0.436   -4.213  -1.555  1.00 30.22  ? 103 ILE A CG1 1 
ATOM   53   C CG2 . ILE A 1 10  ? 2.741   -4.713  -2.365  1.00 30.26  ? 103 ILE A CG2 1 
ATOM   54   C CD1 . ILE A 1 10  ? 0.163   -5.481  -0.770  1.00 31.14  ? 103 ILE A CD1 1 
ATOM   55   N N   . ILE A 1 11  ? 3.057   -2.460  -5.090  1.00 33.33  ? 104 ILE A N   1 
ATOM   56   C CA  . ILE A 1 11  ? 3.930   -2.501  -6.239  1.00 34.75  ? 104 ILE A CA  1 
ATOM   57   C C   . ILE A 1 11  ? 5.298   -2.872  -5.702  1.00 35.98  ? 104 ILE A C   1 
ATOM   58   O O   . ILE A 1 11  ? 5.800   -2.233  -4.773  1.00 35.63  ? 104 ILE A O   1 
ATOM   59   C CB  . ILE A 1 11  ? 3.987   -1.123  -6.892  1.00 35.12  ? 104 ILE A CB  1 
ATOM   60   C CG1 . ILE A 1 11  ? 2.643   -0.810  -7.521  1.00 34.28  ? 104 ILE A CG1 1 
ATOM   61   C CG2 . ILE A 1 11  ? 5.145   -0.996  -7.892  1.00 35.09  ? 104 ILE A CG2 1 
ATOM   62   C CD1 . ILE A 1 11  ? 2.495   0.655   -7.862  1.00 38.11  ? 104 ILE A CD1 1 
ATOM   63   N N   . LEU A 1 12  ? 5.882   -3.908  -6.292  1.00 33.10  ? 105 LEU A N   1 
ATOM   64   C CA  . LEU A 1 12  ? 7.179   -4.364  -5.935  1.00 32.99  ? 105 LEU A CA  1 
ATOM   65   C C   . LEU A 1 12  ? 8.135   -4.178  -7.070  1.00 35.03  ? 105 LEU A C   1 
ATOM   66   O O   . LEU A 1 12  ? 7.745   -4.161  -8.244  1.00 36.10  ? 105 LEU A O   1 
ATOM   67   C CB  . LEU A 1 12  ? 7.154   -5.826  -5.587  1.00 33.35  ? 105 LEU A CB  1 
ATOM   68   C CG  . LEU A 1 12  ? 6.253   -6.191  -4.430  1.00 38.61  ? 105 LEU A CG  1 
ATOM   69   C CD1 . LEU A 1 12  ? 4.987   -6.864  -4.926  1.00 43.40  ? 105 LEU A CD1 1 
ATOM   70   C CD2 . LEU A 1 12  ? 6.951   -7.128  -3.505  1.00 43.58  ? 105 LEU A CD2 1 
ATOM   71   N N   . ASP A 1 13  ? 9.412   -4.112  -6.716  1.00 35.33  ? 106 ASP A N   1 
ATOM   72   C CA  . ASP A 1 13  ? 10.466  -3.978  -7.714  1.00 39.31  ? 106 ASP A CA  1 
ATOM   73   C C   . ASP A 1 13  ? 10.835  -5.335  -8.343  1.00 37.44  ? 106 ASP A C   1 
ATOM   74   O O   . ASP A 1 13  ? 10.106  -6.309  -8.203  1.00 38.06  ? 106 ASP A O   1 
ATOM   75   C CB  . ASP A 1 13  ? 11.673  -3.176  -7.137  1.00 40.34  ? 106 ASP A CB  1 
ATOM   76   C CG  . ASP A 1 13  ? 12.482  -3.933  -6.115  1.00 40.54  ? 106 ASP A CG  1 
ATOM   77   O OD1 . ASP A 1 13  ? 12.050  -4.949  -5.524  1.00 44.34  ? 106 ASP A OD1 1 
ATOM   78   O OD2 . ASP A 1 13  ? 13.587  -3.468  -5.881  1.00 52.76  ? 106 ASP A OD2 1 
ATOM   79   N N   . GLU A 1 14  ? 11.943  -5.359  -9.061  1.00 41.76  ? 107 GLU A N   1 
ATOM   80   C CA  . GLU A 1 14  ? 12.384  -6.526  -9.818  1.00 46.49  ? 107 GLU A CA  1 
ATOM   81   C C   . GLU A 1 14  ? 12.970  -7.604  -8.914  1.00 46.98  ? 107 GLU A C   1 
ATOM   82   O O   . GLU A 1 14  ? 12.832  -8.771  -9.239  1.00 47.70  ? 107 GLU A O   1 
ATOM   83   C CB  . GLU A 1 14  ? 13.365  -6.142  -10.962 1.00 53.94  ? 107 GLU A CB  1 
ATOM   84   C CG  . GLU A 1 14  ? 14.613  -5.313  -10.591 1.00 66.03  ? 107 GLU A CG  1 
ATOM   85   C CD  . GLU A 1 14  ? 14.453  -3.796  -10.818 1.00 72.07  ? 107 GLU A CD  1 
ATOM   86   O OE1 . GLU A 1 14  ? 13.838  -3.115  -9.968  1.00 68.53  ? 107 GLU A OE1 1 
ATOM   87   O OE2 . GLU A 1 14  ? 14.969  -3.263  -11.827 1.00 85.25  ? 107 GLU A OE2 1 
ATOM   88   N N   . THR A 1 15  ? 13.578  -7.213  -7.782  1.00 44.94  ? 108 THR A N   1 
ATOM   89   C CA  . THR A 1 15  ? 14.176  -8.137  -6.817  1.00 43.49  ? 108 THR A CA  1 
ATOM   90   C C   . THR A 1 15  ? 13.168  -8.718  -5.853  1.00 43.47  ? 108 THR A C   1 
ATOM   91   O O   . THR A 1 15  ? 13.464  -9.679  -5.104  1.00 41.00  ? 108 THR A O   1 
ATOM   92   C CB  . THR A 1 15  ? 15.227  -7.441  -5.918  1.00 52.97  ? 108 THR A CB  1 
ATOM   93   O OG1 . THR A 1 15  ? 14.567  -6.629  -4.952  1.00 53.98  ? 108 THR A OG1 1 
ATOM   94   C CG2 . THR A 1 15  ? 16.198  -6.575  -6.750  1.00 56.85  ? 108 THR A CG2 1 
ATOM   95   N N   . LEU A 1 16  ? 12.000  -8.095  -5.804  1.00 38.81  ? 109 LEU A N   1 
ATOM   96   C CA  . LEU A 1 16  ? 11.020  -8.398  -4.776  1.00 42.44  ? 109 LEU A CA  1 
ATOM   97   C C   . LEU A 1 16  ? 11.377  -8.010  -3.323  1.00 44.54  ? 109 LEU A C   1 
ATOM   98   O O   . LEU A 1 16  ? 10.664  -8.437  -2.396  1.00 44.93  ? 109 LEU A O   1 
ATOM   99   C CB  . LEU A 1 16  ? 10.604  -9.890  -4.833  1.00 41.91  ? 109 LEU A CB  1 
ATOM   100  C CG  . LEU A 1 16  ? 10.213  -10.520 -6.158  1.00 42.06  ? 109 LEU A CG  1 
ATOM   101  C CD1 . LEU A 1 16  ? 10.077  -12.035 -6.054  1.00 46.44  ? 109 LEU A CD1 1 
ATOM   102  C CD2 . LEU A 1 16  ? 8.923   -9.892  -6.645  1.00 43.51  ? 109 LEU A CD2 1 
ATOM   103  N N   . GLU A 1 17  ? 12.433  -7.224  -3.123  0.50 47.94  ? 110 GLU A N   1 
ATOM   104  C CA  . GLU A 1 17  ? 12.840  -6.806  -1.780  0.50 51.87  ? 110 GLU A CA  1 
ATOM   105  C C   . GLU A 1 17  ? 12.140  -5.504  -1.354  0.50 49.88  ? 110 GLU A C   1 
ATOM   106  O O   . GLU A 1 17  ? 11.928  -5.288  -0.159  0.50 50.72  ? 110 GLU A O   1 
ATOM   107  C CB  . GLU A 1 17  ? 14.366  -6.632  -1.711  0.50 57.17  ? 110 GLU A CB  1 
ATOM   108  C CG  . GLU A 1 17  ? 15.177  -7.908  -1.927  0.50 61.64  ? 110 GLU A CG  1 
ATOM   109  C CD  . GLU A 1 17  ? 14.934  -8.966  -0.859  0.50 66.50  ? 110 GLU A CD  1 
ATOM   110  O OE1 . GLU A 1 17  ? 15.928  -9.476  -0.274  0.50 71.08  ? 110 GLU A OE1 1 
ATOM   111  O OE2 . GLU A 1 17  ? 13.749  -9.290  -0.600  0.50 69.96  ? 110 GLU A OE2 1 
ATOM   112  N N   . ASN A 1 18  ? 11.791  -4.654  -2.326  1.00 46.71  ? 111 ASN A N   1 
ATOM   113  C CA  . ASN A 1 18  ? 11.206  -3.318  -2.074  1.00 43.96  ? 111 ASN A CA  1 
ATOM   114  C C   . ASN A 1 18  ? 9.742   -3.093  -2.509  1.00 44.00  ? 111 ASN A C   1 
ATOM   115  O O   . ASN A 1 18  ? 9.281   -3.616  -3.511  1.00 41.82  ? 111 ASN A O   1 
ATOM   116  C CB  . ASN A 1 18  ? 12.101  -2.313  -2.766  1.00 42.90  ? 111 ASN A CB  1 
ATOM   117  C CG  . ASN A 1 18  ? 13.556  -2.443  -2.315  1.00 48.41  ? 111 ASN A CG  1 
ATOM   118  O OD1 . ASN A 1 18  ? 13.862  -2.360  -1.120  1.00 51.64  ? 111 ASN A OD1 1 
ATOM   119  N ND2 . ASN A 1 18  ? 14.434  -2.725  -3.249  1.00 45.52  ? 111 ASN A ND2 1 
ATOM   120  N N   . VAL A 1 19  ? 9.025   -2.270  -1.752  1.00 42.78  ? 112 VAL A N   1 
ATOM   121  C CA  . VAL A 1 19  ? 7.652   -1.950  -2.073  1.00 38.53  ? 112 VAL A CA  1 
ATOM   122  C C   . VAL A 1 19  ? 7.515   -0.445  -2.189  1.00 37.23  ? 112 VAL A C   1 
ATOM   123  O O   . VAL A 1 19  ? 8.260   0.314   -1.545  1.00 39.11  ? 112 VAL A O   1 
ATOM   124  C CB  . VAL A 1 19  ? 6.682   -2.430  -1.017  1.00 37.26  ? 112 VAL A CB  1 
ATOM   125  C CG1 . VAL A 1 19  ? 6.550   -3.934  -1.043  1.00 41.50  ? 112 VAL A CG1 1 
ATOM   126  C CG2 . VAL A 1 19  ? 7.074   -1.927  0.373   1.00 37.96  ? 112 VAL A CG2 1 
ATOM   127  N N   . LEU A 1 20  ? 6.501   -0.016  -2.929  1.00 30.86  ? 113 LEU A N   1 
ATOM   128  C CA  . LEU A 1 20  ? 6.285   1.421   -3.177  1.00 31.36  ? 113 LEU A CA  1 
ATOM   129  C C   . LEU A 1 20  ? 5.238   1.980   -2.252  1.00 34.23  ? 113 LEU A C   1 
ATOM   130  O O   . LEU A 1 20  ? 4.102   1.520   -2.263  1.00 29.83  ? 113 LEU A O   1 
ATOM   131  C CB  . LEU A 1 20  ? 5.870   1.678   -4.616  1.00 31.43  ? 113 LEU A CB  1 
ATOM   132  C CG  . LEU A 1 20  ? 6.032   3.141   -5.035  1.00 36.24  ? 113 LEU A CG  1 
ATOM   133  C CD1 . LEU A 1 20  ? 7.501   3.555   -5.243  1.00 39.23  ? 113 LEU A CD1 1 
ATOM   134  C CD2 . LEU A 1 20  ? 5.219   3.402   -6.275  1.00 36.51  ? 113 LEU A CD2 1 
ATOM   135  N N   . LEU A 1 21  ? 5.627   2.997   -1.473  1.00 33.57  ? 114 LEU A N   1 
ATOM   136  C CA  . LEU A 1 21  ? 4.720   3.585   -0.518  1.00 34.60  ? 114 LEU A CA  1 
ATOM   137  C C   . LEU A 1 21  ? 4.627   5.035   -0.867  1.00 34.57  ? 114 LEU A C   1 
ATOM   138  O O   . LEU A 1 21  ? 5.536   5.590   -1.493  1.00 33.52  ? 114 LEU A O   1 
ATOM   139  C CB  . LEU A 1 21  ? 5.191   3.426   0.931   1.00 33.90  ? 114 LEU A CB  1 
ATOM   140  C CG  . LEU A 1 21  ? 5.346   2.000   1.443   1.00 32.50  ? 114 LEU A CG  1 
ATOM   141  C CD1 . LEU A 1 21  ? 5.672   2.054   2.906   1.00 35.85  ? 114 LEU A CD1 1 
ATOM   142  C CD2 . LEU A 1 21  ? 4.122   1.146   1.301   1.00 34.71  ? 114 LEU A CD2 1 
ATOM   143  N N   . VAL A 1 22  ? 3.505   5.626   -0.472  1.00 31.65  ? 115 VAL A N   1 
ATOM   144  C CA  . VAL A 1 22  ? 3.252   7.037   -0.648  1.00 34.94  ? 115 VAL A CA  1 
ATOM   145  C C   . VAL A 1 22  ? 2.910   7.655   0.705   1.00 36.53  ? 115 VAL A C   1 
ATOM   146  O O   . VAL A 1 22  ? 2.390   6.971   1.581   1.00 35.35  ? 115 VAL A O   1 
ATOM   147  C CB  . VAL A 1 22  ? 2.095   7.326   -1.623  1.00 35.45  ? 115 VAL A CB  1 
ATOM   148  C CG1 . VAL A 1 22  ? 2.450   6.776   -2.980  1.00 36.50  ? 115 VAL A CG1 1 
ATOM   149  C CG2 . VAL A 1 22  ? 0.761   6.762   -1.126  1.00 33.13  ? 115 VAL A CG2 1 
ATOM   150  N N   . GLN A 1 23  ? 3.202   8.953   0.836   1.00 36.69  ? 116 GLN A N   1 
ATOM   151  C CA  . GLN A 1 23  ? 2.991   9.735   2.064   1.00 34.58  ? 116 GLN A CA  1 
ATOM   152  C C   . GLN A 1 23  ? 2.041   10.842  1.739   1.00 35.03  ? 116 GLN A C   1 
ATOM   153  O O   . GLN A 1 23  ? 2.249   11.557  0.765   1.00 32.54  ? 116 GLN A O   1 
ATOM   154  C CB  . GLN A 1 23  ? 4.304   10.342  2.530   1.00 35.22  ? 116 GLN A CB  1 
ATOM   155  C CG  . GLN A 1 23  ? 4.218   11.009  3.897   1.00 36.16  ? 116 GLN A CG  1 
ATOM   156  C CD  . GLN A 1 23  ? 5.541   11.645  4.272   1.00 37.34  ? 116 GLN A CD  1 
ATOM   157  O OE1 . GLN A 1 23  ? 6.312   12.031  3.413   1.00 36.78  ? 116 GLN A OE1 1 
ATOM   158  N NE2 . GLN A 1 23  ? 5.805   11.726  5.535   1.00 37.22  ? 116 GLN A NE2 1 
ATOM   159  N N   . GLY A 1 24  ? 0.958   10.972  2.488   1.00 38.61  ? 117 GLY A N   1 
ATOM   160  C CA  . GLY A 1 24  ? 0.042   12.076  2.192   1.00 43.07  ? 117 GLY A CA  1 
ATOM   161  C C   . GLY A 1 24  ? 0.301   13.234  3.146   1.00 41.38  ? 117 GLY A C   1 
ATOM   162  O O   . GLY A 1 24  ? 1.394   13.391  3.680   1.00 42.93  ? 117 GLY A O   1 
ATOM   163  N N   . TYR A 1 25  ? -0.754  13.976  3.396   1.00 39.64  ? 118 TYR A N   1 
ATOM   164  C CA  . TYR A 1 25  ? -0.747  15.102  4.304   1.00 43.13  ? 118 TYR A CA  1 
ATOM   165  C C   . TYR A 1 25  ? -1.801  14.978  5.387   1.00 49.22  ? 118 TYR A C   1 
ATOM   166  O O   . TYR A 1 25  ? -2.773  14.209  5.280   1.00 43.39  ? 118 TYR A O   1 
ATOM   167  C CB  . TYR A 1 25  ? -1.056  16.380  3.532   1.00 40.28  ? 118 TYR A CB  1 
ATOM   168  C CG  . TYR A 1 25  ? -0.010  16.770  2.506   1.00 38.58  ? 118 TYR A CG  1 
ATOM   169  C CD1 . TYR A 1 25  ? 1.221   17.249  2.903   1.00 36.91  ? 118 TYR A CD1 1 
ATOM   170  C CD2 . TYR A 1 25  ? -0.256  16.658  1.128   1.00 35.65  ? 118 TYR A CD2 1 
ATOM   171  C CE1 . TYR A 1 25  ? 2.164   17.669  1.961   1.00 37.02  ? 118 TYR A CE1 1 
ATOM   172  C CE2 . TYR A 1 25  ? 0.717   17.026  0.200   1.00 36.59  ? 118 TYR A CE2 1 
ATOM   173  C CZ  . TYR A 1 25  ? 1.921   17.540  0.635   1.00 35.38  ? 118 TYR A CZ  1 
ATOM   174  O OH  . TYR A 1 25  ? 2.922   17.895  -0.227  1.00 42.10  ? 118 TYR A OH  1 
ATOM   175  N N   . LEU A 1 26  ? -1.578  15.763  6.441   1.00 56.21  ? 119 LEU A N   1 
ATOM   176  C CA  . LEU A 1 26  ? -2.554  15.996  7.485   1.00 56.36  ? 119 LEU A CA  1 
ATOM   177  C C   . LEU A 1 26  ? -3.012  14.718  8.177   1.00 57.70  ? 119 LEU A C   1 
ATOM   178  O O   . LEU A 1 26  ? -2.201  14.044  8.801   1.00 62.75  ? 119 LEU A O   1 
ATOM   179  C CB  . LEU A 1 26  ? -3.720  16.827  6.920   1.00 59.58  ? 119 LEU A CB  1 
ATOM   180  C CG  . LEU A 1 26  ? -3.310  18.247  6.512   1.00 59.68  ? 119 LEU A CG  1 
ATOM   181  C CD1 . LEU A 1 26  ? -4.494  18.893  5.822   1.00 55.31  ? 119 LEU A CD1 1 
ATOM   182  C CD2 . LEU A 1 26  ? -2.794  19.063  7.727   1.00 60.08  ? 119 LEU A CD2 1 
ATOM   183  N N   . ALA A 1 27  ? -4.295  14.386  8.091   1.00 58.54  ? 120 ALA A N   1 
ATOM   184  C CA  . ALA A 1 27  ? -4.794  13.120  8.605   1.00 60.41  ? 120 ALA A CA  1 
ATOM   185  C C   . ALA A 1 27  ? -4.057  11.886  7.997   1.00 61.46  ? 120 ALA A C   1 
ATOM   186  O O   . ALA A 1 27  ? -3.802  10.908  8.711   1.00 62.73  ? 120 ALA A O   1 
ATOM   187  C CB  . ALA A 1 27  ? -6.307  13.026  8.355   1.00 60.73  ? 120 ALA A CB  1 
ATOM   188  N N   . LYS A 1 28  ? -3.722  11.972  6.709   0.42 58.08  ? 121 LYS A N   1 
ATOM   189  C CA  . LYS A 1 28  ? -3.055  10.894  5.990   0.42 54.27  ? 121 LYS A CA  1 
ATOM   190  C C   . LYS A 1 28  ? -1.553  11.172  5.854   0.42 51.90  ? 121 LYS A C   1 
ATOM   191  O O   . LYS A 1 28  ? -0.970  11.002  4.788   0.42 48.62  ? 121 LYS A O   1 
ATOM   192  C CB  . LYS A 1 28  ? -3.713  10.699  4.622   0.42 54.63  ? 121 LYS A CB  1 
ATOM   193  C CG  . LYS A 1 28  ? -5.206  10.409  4.696   0.42 55.45  ? 121 LYS A CG  1 
ATOM   194  C CD  . LYS A 1 28  ? -5.820  10.273  3.309   0.42 56.93  ? 121 LYS A CD  1 
ATOM   195  C CE  . LYS A 1 28  ? -5.516  8.921   2.678   0.42 56.10  ? 121 LYS A CE  1 
ATOM   196  N NZ  . LYS A 1 28  ? -6.275  8.714   1.413   0.42 56.36  ? 121 LYS A NZ  1 
ATOM   197  N N   . SER A 1 29  ? -0.932  11.569  6.961   1.00 50.73  ? 122 SER A N   1 
ATOM   198  C CA  . SER A 1 29  ? 0.474   12.037  6.973   1.00 52.84  ? 122 SER A CA  1 
ATOM   199  C C   . SER A 1 29  ? 1.581   10.997  7.013   1.00 48.31  ? 122 SER A C   1 
ATOM   200  O O   . SER A 1 29  ? 2.755   11.326  6.794   1.00 54.07  ? 122 SER A O   1 
ATOM   201  C CB  . SER A 1 29  ? 0.687   12.937  8.187   1.00 51.77  ? 122 SER A CB  1 
ATOM   202  O OG  . SER A 1 29  ? 1.559   13.959  7.778   1.00 75.08  ? 122 SER A OG  1 
ATOM   203  N N   . GLY A 1 30  ? 1.233   9.773   7.367   1.00 42.75  ? 123 GLY A N   1 
ATOM   204  C CA  . GLY A 1 30  ? 2.174   8.677   7.299   1.00 42.32  ? 123 GLY A CA  1 
ATOM   205  C C   . GLY A 1 30  ? 2.316   8.055   5.943   1.00 42.05  ? 123 GLY A C   1 
ATOM   206  O O   . GLY A 1 30  ? 1.820   8.583   4.943   1.00 39.50  ? 123 GLY A O   1 
ATOM   207  N N   . TRP A 1 31  ? 3.015   6.922   5.926   1.00 37.76  ? 124 TRP A N   1 
ATOM   208  C CA  . TRP A 1 31  ? 3.296   6.245   4.703   1.00 35.02  ? 124 TRP A CA  1 
ATOM   209  C C   . TRP A 1 31  ? 2.314   5.106   4.586   1.00 34.02  ? 124 TRP A C   1 
ATOM   210  O O   . TRP A 1 31  ? 2.050   4.420   5.578   1.00 34.87  ? 124 TRP A O   1 
ATOM   211  C CB  . TRP A 1 31  ? 4.705   5.701   4.719   1.00 32.97  ? 124 TRP A CB  1 
ATOM   212  C CG  . TRP A 1 31  ? 5.733   6.703   4.593   1.00 35.26  ? 124 TRP A CG  1 
ATOM   213  C CD1 . TRP A 1 31  ? 6.376   7.322   5.601   1.00 36.62  ? 124 TRP A CD1 1 
ATOM   214  C CD2 . TRP A 1 31  ? 6.276   7.238   3.371   1.00 35.37  ? 124 TRP A CD2 1 
ATOM   215  N NE1 . TRP A 1 31  ? 7.321   8.188   5.093   1.00 35.80  ? 124 TRP A NE1 1 
ATOM   216  C CE2 . TRP A 1 31  ? 7.266   8.165   3.728   1.00 32.44  ? 124 TRP A CE2 1 
ATOM   217  C CE3 . TRP A 1 31  ? 6.020   7.012   2.009   1.00 34.27  ? 124 TRP A CE3 1 
ATOM   218  C CZ2 . TRP A 1 31  ? 8.025   8.874   2.777   1.00 34.24  ? 124 TRP A CZ2 1 
ATOM   219  C CZ3 . TRP A 1 31  ? 6.798   7.705   1.047   1.00 35.64  ? 124 TRP A CZ3 1 
ATOM   220  C CH2 . TRP A 1 31  ? 7.777   8.627   1.443   1.00 35.02  ? 124 TRP A CH2 1 
ATOM   221  N N   . GLY A 1 32  ? 1.852   4.848   3.364   1.00 31.45  ? 125 GLY A N   1 
ATOM   222  C CA  . GLY A 1 32  ? 0.971   3.734   3.106   1.00 31.27  ? 125 GLY A CA  1 
ATOM   223  C C   . GLY A 1 32  ? 0.984   3.366   1.657   1.00 34.24  ? 125 GLY A C   1 
ATOM   224  O O   . GLY A 1 32  ? 1.640   4.020   0.868   1.00 34.25  ? 125 GLY A O   1 
ATOM   225  N N   . PHE A 1 33  ? 0.307   2.263   1.327   1.00 33.50  ? 126 PHE A N   1 
ATOM   226  C CA  . PHE A 1 33  ? 0.156   1.855   -0.032  1.00 33.39  ? 126 PHE A CA  1 
ATOM   227  C C   . PHE A 1 33  ? -0.857  2.790   -0.698  1.00 33.33  ? 126 PHE A C   1 
ATOM   228  O O   . PHE A 1 33  ? -1.825  3.221   -0.092  1.00 37.81  ? 126 PHE A O   1 
ATOM   229  C CB  . PHE A 1 33  ? -0.325  0.421   -0.127  1.00 30.89  ? 126 PHE A CB  1 
ATOM   230  C CG  . PHE A 1 33  ? 0.669   -0.538  0.371   1.00 30.36  ? 126 PHE A CG  1 
ATOM   231  C CD1 . PHE A 1 33  ? 1.783   -0.813  -0.377  1.00 33.76  ? 126 PHE A CD1 1 
ATOM   232  C CD2 . PHE A 1 33  ? 0.524   -1.123  1.597   1.00 32.82  ? 126 PHE A CD2 1 
ATOM   233  C CE1 . PHE A 1 33  ? 2.720   -1.685  0.077   1.00 32.10  ? 126 PHE A CE1 1 
ATOM   234  C CE2 . PHE A 1 33  ? 1.476   -1.960  2.092   1.00 31.92  ? 126 PHE A CE2 1 
ATOM   235  C CZ  . PHE A 1 33  ? 2.577   -2.243  1.329   1.00 34.03  ? 126 PHE A CZ  1 
ATOM   236  N N   . PRO A 1 34  ? -0.618  3.095   -1.967  1.00 33.55  ? 127 PRO A N   1 
ATOM   237  C CA  . PRO A 1 34  ? -1.518  3.892   -2.729  1.00 32.86  ? 127 PRO A CA  1 
ATOM   238  C C   . PRO A 1 34  ? -2.853  3.158   -2.966  1.00 35.14  ? 127 PRO A C   1 
ATOM   239  O O   . PRO A 1 34  ? -2.869  1.995   -3.353  1.00 36.05  ? 127 PRO A O   1 
ATOM   240  C CB  . PRO A 1 34  ? -0.757  4.120   -4.027  1.00 31.72  ? 127 PRO A CB  1 
ATOM   241  C CG  . PRO A 1 34  ? 0.079   2.923   -4.175  1.00 33.59  ? 127 PRO A CG  1 
ATOM   242  C CD  . PRO A 1 34  ? 0.459   2.517   -2.791  1.00 31.20  ? 127 PRO A CD  1 
ATOM   243  N N   . LYS A 1 35  ? -3.947  3.865   -2.701  1.00 35.03  ? 128 LYS A N   1 
ATOM   244  C CA  . LYS A 1 35  ? -5.274  3.293   -2.625  1.00 37.76  ? 128 LYS A CA  1 
ATOM   245  C C   . LYS A 1 35  ? -6.295  4.415   -2.406  1.00 38.35  ? 128 LYS A C   1 
ATOM   246  O O   . LYS A 1 35  ? -5.957  5.520   -1.994  1.00 36.79  ? 128 LYS A O   1 
ATOM   247  C CB  . LYS A 1 35  ? -5.386  2.260   -1.482  1.00 43.23  ? 128 LYS A CB  1 
ATOM   248  C CG  . LYS A 1 35  ? -5.544  2.848   -0.073  1.00 42.76  ? 128 LYS A CG  1 
ATOM   249  C CD  . LYS A 1 35  ? -5.779  1.749   0.936   1.00 46.54  ? 128 LYS A CD  1 
ATOM   250  C CE  . LYS A 1 35  ? -6.009  2.313   2.339   1.00 50.55  ? 128 LYS A CE  1 
ATOM   251  N NZ  . LYS A 1 35  ? -7.285  3.070   2.478   1.00 55.93  ? 128 LYS A NZ  1 
ATOM   252  N N   . GLY A 1 36  ? -7.548  4.132   -2.688  1.00 41.15  ? 129 GLY A N   1 
ATOM   253  C CA  . GLY A 1 36  ? -8.590  5.112   -2.430  1.00 42.26  ? 129 GLY A CA  1 
ATOM   254  C C   . GLY A 1 36  ? -9.994  4.530   -2.607  1.00 45.66  ? 129 GLY A C   1 
ATOM   255  O O   . GLY A 1 36  ? -10.161 3.361   -2.989  1.00 42.73  ? 129 GLY A O   1 
ATOM   256  N N   . LYS A 1 37  ? -10.974 5.387   -2.322  1.00 49.39  ? 130 LYS A N   1 
ATOM   257  C CA  . LYS A 1 37  ? -12.399 5.073   -2.288  1.00 51.79  ? 130 LYS A CA  1 
ATOM   258  C C   . LYS A 1 37  ? -12.979 4.694   -3.673  1.00 50.19  ? 130 LYS A C   1 
ATOM   259  O O   . LYS A 1 37  ? -12.682 5.327   -4.677  1.00 48.25  ? 130 LYS A O   1 
ATOM   260  C CB  . LYS A 1 37  ? -13.157 6.245   -1.607  1.00 56.11  ? 130 LYS A CB  1 
ATOM   261  C CG  . LYS A 1 37  ? -13.156 6.172   -0.059  1.00 62.28  ? 130 LYS A CG  1 
ATOM   262  C CD  . LYS A 1 37  ? -13.589 7.478   0.615   1.00 65.56  ? 130 LYS A CD  1 
ATOM   263  N N   . VAL A 1 38  ? -13.750 3.607   -3.728  1.00 51.26  ? 131 VAL A N   1 
ATOM   264  C CA  . VAL A 1 38  ? -14.381 3.197   -4.986  1.00 57.25  ? 131 VAL A CA  1 
ATOM   265  C C   . VAL A 1 38  ? -15.518 4.175   -5.367  1.00 57.48  ? 131 VAL A C   1 
ATOM   266  O O   . VAL A 1 38  ? -16.296 4.556   -4.495  1.00 57.85  ? 131 VAL A O   1 
ATOM   267  C CB  . VAL A 1 38  ? -14.852 1.721   -4.921  1.00 60.48  ? 131 VAL A CB  1 
ATOM   268  C CG1 . VAL A 1 38  ? -16.035 1.507   -3.967  1.00 57.98  ? 131 VAL A CG1 1 
ATOM   269  C CG2 . VAL A 1 38  ? -15.174 1.195   -6.311  1.00 62.94  ? 131 VAL A CG2 1 
ATOM   270  N N   . ASN A 1 39  ? -15.572 4.604   -6.639  1.00 60.31  ? 132 ASN A N   1 
ATOM   271  C CA  . ASN A 1 39  ? -16.719 5.396   -7.164  1.00 64.56  ? 132 ASN A CA  1 
ATOM   272  C C   . ASN A 1 39  ? -17.929 4.484   -7.422  1.00 62.31  ? 132 ASN A C   1 
ATOM   273  O O   . ASN A 1 39  ? -17.750 3.289   -7.647  1.00 66.12  ? 132 ASN A O   1 
ATOM   274  C CB  . ASN A 1 39  ? -16.332 6.157   -8.437  1.00 59.26  ? 132 ASN A CB  1 
ATOM   275  C CG  . ASN A 1 39  ? -15.348 7.269   -8.167  1.00 58.52  ? 132 ASN A CG  1 
ATOM   276  O OD1 . ASN A 1 39  ? -15.327 7.832   -7.088  1.00 64.01  ? 132 ASN A OD1 1 
ATOM   277  N ND2 . ASN A 1 39  ? -14.538 7.603   -9.151  1.00 64.24  ? 132 ASN A ND2 1 
ATOM   278  N N   . LYS A 1 40  ? -19.149 5.029   -7.357  1.00 73.62  ? 133 LYS A N   1 
ATOM   279  C CA  . LYS A 1 40  ? -20.380 4.207   -7.523  1.00 76.54  ? 133 LYS A CA  1 
ATOM   280  C C   . LYS A 1 40  ? -20.412 3.609   -8.943  1.00 72.04  ? 133 LYS A C   1 
ATOM   281  O O   . LYS A 1 40  ? -20.009 4.265   -9.919  1.00 66.52  ? 133 LYS A O   1 
ATOM   282  C CB  . LYS A 1 40  ? -21.653 5.021   -7.223  1.00 80.71  ? 133 LYS A CB  1 
ATOM   283  N N   . GLU A 1 41  ? -20.809 2.342   -9.036  1.00 73.57  ? 134 GLU A N   1 
ATOM   284  C CA  . GLU A 1 41  ? -20.763 1.600   -10.310 1.00 81.95  ? 134 GLU A CA  1 
ATOM   285  C C   . GLU A 1 41  ? -19.330 1.280   -10.884 1.00 85.03  ? 134 GLU A C   1 
ATOM   286  O O   . GLU A 1 41  ? -19.242 0.638   -11.938 1.00 83.41  ? 134 GLU A O   1 
ATOM   287  C CB  . GLU A 1 41  ? -21.658 2.283   -11.377 1.00 78.89  ? 134 GLU A CB  1 
ATOM   288  N N   . GLU A 1 42  ? -18.236 1.635   -10.177 1.00 77.33  ? 135 GLU A N   1 
ATOM   289  C CA  . GLU A 1 42  ? -16.833 1.353   -10.629 1.00 64.56  ? 135 GLU A CA  1 
ATOM   290  C C   . GLU A 1 42  ? -16.352 -0.068  -10.218 1.00 59.42  ? 135 GLU A C   1 
ATOM   291  O O   . GLU A 1 42  ? -16.621 -0.517  -9.111  1.00 61.87  ? 135 GLU A O   1 
ATOM   292  C CB  . GLU A 1 42  ? -15.876 2.431   -10.084 1.00 63.97  ? 135 GLU A CB  1 
ATOM   293  C CG  . GLU A 1 42  ? -14.424 2.336   -10.557 1.00 64.74  ? 135 GLU A CG  1 
ATOM   294  C CD  . GLU A 1 42  ? -13.512 3.427   -9.995  1.00 63.10  ? 135 GLU A CD  1 
ATOM   295  O OE1 . GLU A 1 42  ? -13.591 3.756   -8.786  1.00 56.04  ? 135 GLU A OE1 1 
ATOM   296  O OE2 . GLU A 1 42  ? -12.678 3.951   -10.773 1.00 64.05  ? 135 GLU A OE2 1 
ATOM   297  N N   . ALA A 1 43  ? -15.671 -0.781  -11.121 1.00 57.24  ? 136 ALA A N   1 
ATOM   298  C CA  . ALA A 1 43  ? -15.136 -2.119  -10.804 1.00 60.13  ? 136 ALA A CA  1 
ATOM   299  C C   . ALA A 1 43  ? -13.833 -2.011  -9.995  1.00 57.07  ? 136 ALA A C   1 
ATOM   300  O O   . ALA A 1 43  ? -12.998 -1.133  -10.263 1.00 53.43  ? 136 ALA A O   1 
ATOM   301  C CB  . ALA A 1 43  ? -14.891 -2.961  -12.056 1.00 56.91  ? 136 ALA A CB  1 
ATOM   302  N N   . PRO A 1 44  ? -13.639 -2.937  -9.056  1.00 55.57  ? 137 PRO A N   1 
ATOM   303  C CA  . PRO A 1 44  ? -12.427 -2.928  -8.229  1.00 58.12  ? 137 PRO A CA  1 
ATOM   304  C C   . PRO A 1 44  ? -11.115 -2.697  -9.011  1.00 56.00  ? 137 PRO A C   1 
ATOM   305  O O   . PRO A 1 44  ? -10.376 -1.769  -8.651  1.00 49.15  ? 137 PRO A O   1 
ATOM   306  C CB  . PRO A 1 44  ? -12.444 -4.321  -7.570  1.00 65.54  ? 137 PRO A CB  1 
ATOM   307  C CG  . PRO A 1 44  ? -13.893 -4.706  -7.525  1.00 64.34  ? 137 PRO A CG  1 
ATOM   308  C CD  . PRO A 1 44  ? -14.459 -4.150  -8.816  1.00 60.77  ? 137 PRO A CD  1 
ATOM   309  N N   . HIS A 1 45  ? -10.857 -3.479  -10.076 1.00 49.68  ? 138 HIS A N   1 
ATOM   310  C CA  . HIS A 1 45  ? -9.598  -3.358  -10.848 1.00 51.19  ? 138 HIS A CA  1 
ATOM   311  C C   . HIS A 1 45  ? -9.445  -1.975  -11.454 1.00 48.59  ? 138 HIS A C   1 
ATOM   312  O O   . HIS A 1 45  ? -8.320  -1.448  -11.576 1.00 43.02  ? 138 HIS A O   1 
ATOM   313  C CB  . HIS A 1 45  ? -9.413  -4.484  -11.906 1.00 54.13  ? 138 HIS A CB  1 
ATOM   314  C CG  . HIS A 1 45  ? -10.166 -4.291  -13.195 1.00 65.98  ? 138 HIS A CG  1 
ATOM   315  N ND1 . HIS A 1 45  ? -11.472 -4.723  -13.374 1.00 66.82  ? 138 HIS A ND1 1 
ATOM   316  C CD2 . HIS A 1 45  ? -9.769  -3.790  -14.395 1.00 68.91  ? 138 HIS A CD2 1 
ATOM   317  C CE1 . HIS A 1 45  ? -11.851 -4.466  -14.617 1.00 75.23  ? 138 HIS A CE1 1 
ATOM   318  N NE2 . HIS A 1 45  ? -10.839 -3.898  -15.258 1.00 75.68  ? 138 HIS A NE2 1 
ATOM   319  N N   . ASP A 1 46  ? -10.581 -1.365  -11.787 1.00 43.65  ? 139 ASP A N   1 
ATOM   320  C CA  . ASP A 1 46  ? -10.561 -0.015  -12.329 1.00 43.99  ? 139 ASP A CA  1 
ATOM   321  C C   . ASP A 1 46  ? -10.268 1.063   -11.298 1.00 39.78  ? 139 ASP A C   1 
ATOM   322  O O   . ASP A 1 46  ? -9.583  2.024   -11.599 1.00 43.45  ? 139 ASP A O   1 
ATOM   323  C CB  . ASP A 1 46  ? -11.882 0.312   -13.020 1.00 47.47  ? 139 ASP A CB  1 
ATOM   324  C CG  . ASP A 1 46  ? -11.991 -0.314  -14.410 1.00 53.48  ? 139 ASP A CG  1 
ATOM   325  O OD1 . ASP A 1 46  ? -10.987 -0.344  -15.154 1.00 52.54  ? 139 ASP A OD1 1 
ATOM   326  O OD2 . ASP A 1 46  ? -13.103 -0.750  -14.767 1.00 57.98  ? 139 ASP A OD2 1 
ATOM   327  N N   . CYS A 1 47  ? -10.855 0.943   -10.120 1.00 38.77  ? 140 CYS A N   1 
ATOM   328  C CA  . CYS A 1 47  ? -10.601 1.859   -9.021  1.00 39.83  ? 140 CYS A CA  1 
ATOM   329  C C   . CYS A 1 47  ? -9.130  1.781   -8.591  1.00 39.67  ? 140 CYS A C   1 
ATOM   330  O O   . CYS A 1 47  ? -8.464  2.796   -8.409  1.00 42.11  ? 140 CYS A O   1 
ATOM   331  C CB  . CYS A 1 47  ? -11.454 1.449   -7.848  1.00 44.75  ? 140 CYS A CB  1 
ATOM   332  S SG  . CYS A 1 47  ? -11.146 2.447   -6.395  1.00 50.91  ? 140 CYS A SG  1 
ATOM   333  N N   . ALA A 1 48  ? -8.635  0.560   -8.470  1.00 40.08  ? 141 ALA A N   1 
ATOM   334  C CA  . ALA A 1 48  ? -7.266  0.325   -8.138  1.00 39.08  ? 141 ALA A CA  1 
ATOM   335  C C   . ALA A 1 48  ? -6.321  1.050   -9.093  1.00 39.25  ? 141 ALA A C   1 
ATOM   336  O O   . ALA A 1 48  ? -5.437  1.762   -8.629  1.00 37.51  ? 141 ALA A O   1 
ATOM   337  C CB  . ALA A 1 48  ? -6.970  -1.157  -8.108  1.00 38.48  ? 141 ALA A CB  1 
ATOM   338  N N   . ALA A 1 49  ? -6.516  0.894   -10.404 1.00 40.02  ? 142 ALA A N   1 
ATOM   339  C CA  . ALA A 1 49  ? -5.629  1.556   -11.394 1.00 39.95  ? 142 ALA A CA  1 
ATOM   340  C C   . ALA A 1 49  ? -5.740  3.066   -11.346 1.00 37.53  ? 142 ALA A C   1 
ATOM   341  O O   . ALA A 1 49  ? -4.735  3.761   -11.429 1.00 36.45  ? 142 ALA A O   1 
ATOM   342  C CB  . ALA A 1 49  ? -5.895  1.067   -12.796 1.00 38.85  ? 142 ALA A CB  1 
ATOM   343  N N   . ARG A 1 50  ? -6.956  3.561   -11.154 1.00 37.61  ? 143 ARG A N   1 
ATOM   344  C CA  . ARG A 1 50  ? -7.214  4.994   -11.089 1.00 41.10  ? 143 ARG A CA  1 
ATOM   345  C C   . ARG A 1 50  ? -6.560  5.624   -9.861  1.00 40.82  ? 143 ARG A C   1 
ATOM   346  O O   . ARG A 1 50  ? -5.942  6.684   -9.949  1.00 35.67  ? 143 ARG A O   1 
ATOM   347  C CB  . ARG A 1 50  ? -8.736  5.237   -11.040 1.00 45.16  ? 143 ARG A CB  1 
ATOM   348  C CG  . ARG A 1 50  ? -9.163  6.704   -10.914 1.00 46.43  ? 143 ARG A CG  1 
ATOM   349  C CD  . ARG A 1 50  ? -10.678 6.912   -10.894 1.00 45.88  ? 143 ARG A CD  1 
ATOM   350  N NE  . ARG A 1 50  ? -11.314 6.135   -9.824  1.00 48.11  ? 143 ARG A NE  1 
ATOM   351  C CZ  . ARG A 1 50  ? -11.372 6.492   -8.537  1.00 47.46  ? 143 ARG A CZ  1 
ATOM   352  N NH1 . ARG A 1 50  ? -10.859 7.645   -8.142  1.00 46.56  ? 143 ARG A NH1 1 
ATOM   353  N NH2 . ARG A 1 50  ? -11.984 5.694   -7.642  1.00 49.59  ? 143 ARG A NH2 1 
ATOM   354  N N   . GLU A 1 51  ? -6.711  4.978   -8.702  1.00 41.59  ? 144 GLU A N   1 
ATOM   355  C CA  . GLU A 1 51  ? -6.135  5.536   -7.488  1.00 38.49  ? 144 GLU A CA  1 
ATOM   356  C C   . GLU A 1 51  ? -4.629  5.505   -7.583  1.00 40.53  ? 144 GLU A C   1 
ATOM   357  O O   . GLU A 1 51  ? -3.957  6.458   -7.205  1.00 38.77  ? 144 GLU A O   1 
ATOM   358  C CB  . GLU A 1 51  ? -6.654  4.841   -6.266  1.00 39.42  ? 144 GLU A CB  1 
ATOM   359  C CG  . GLU A 1 51  ? -8.147  5.117   -6.052  1.00 44.55  ? 144 GLU A CG  1 
ATOM   360  C CD  . GLU A 1 51  ? -8.462  6.474   -5.419  1.00 49.68  ? 144 GLU A CD  1 
ATOM   361  O OE1 . GLU A 1 51  ? -7.531  7.261   -5.126  1.00 52.72  ? 144 GLU A OE1 1 
ATOM   362  O OE2 . GLU A 1 51  ? -9.668  6.759   -5.175  1.00 56.66  ? 144 GLU A OE2 1 
ATOM   363  N N   . VAL A 1 52  ? -4.086  4.421   -8.116  1.00 39.41  ? 145 VAL A N   1 
ATOM   364  C CA  . VAL A 1 52  ? -2.647  4.290   -8.153  1.00 37.89  ? 145 VAL A CA  1 
ATOM   365  C C   . VAL A 1 52  ? -2.087  5.258   -9.186  1.00 38.98  ? 145 VAL A C   1 
ATOM   366  O O   . VAL A 1 52  ? -1.011  5.803   -8.980  1.00 36.34  ? 145 VAL A O   1 
ATOM   367  C CB  . VAL A 1 52  ? -2.234  2.839   -8.420  1.00 37.53  ? 145 VAL A CB  1 
ATOM   368  C CG1 . VAL A 1 52  ? -0.741  2.747   -8.709  1.00 39.66  ? 145 VAL A CG1 1 
ATOM   369  C CG2 . VAL A 1 52  ? -2.621  1.979   -7.246  1.00 36.94  ? 145 VAL A CG2 1 
ATOM   370  N N   . PHE A 1 53  ? -2.819  5.466   -10.289 1.00 39.75  ? 146 PHE A N   1 
ATOM   371  C CA  . PHE A 1 53  ? -2.428  6.471   -11.273 1.00 41.14  ? 146 PHE A CA  1 
ATOM   372  C C   . PHE A 1 53  ? -2.455  7.924   -10.706 1.00 40.60  ? 146 PHE A C   1 
ATOM   373  O O   . PHE A 1 53  ? -1.451  8.655   -10.813 1.00 41.68  ? 146 PHE A O   1 
ATOM   374  C CB  . PHE A 1 53  ? -3.255  6.355   -12.593 1.00 41.49  ? 146 PHE A CB  1 
ATOM   375  C CG  . PHE A 1 53  ? -2.674  7.188   -13.696 1.00 43.41  ? 146 PHE A CG  1 
ATOM   376  C CD1 . PHE A 1 53  ? -1.529  6.774   -14.352 1.00 48.79  ? 146 PHE A CD1 1 
ATOM   377  C CD2 . PHE A 1 53  ? -3.178  8.459   -13.969 1.00 50.32  ? 146 PHE A CD2 1 
ATOM   378  C CE1 . PHE A 1 53  ? -0.937  7.576   -15.304 1.00 53.04  ? 146 PHE A CE1 1 
ATOM   379  C CE2 . PHE A 1 53  ? -2.586  9.272   -14.925 1.00 52.67  ? 146 PHE A CE2 1 
ATOM   380  C CZ  . PHE A 1 53  ? -1.461  8.829   -15.591 1.00 50.91  ? 146 PHE A CZ  1 
ATOM   381  N N   . GLU A 1 54  ? -3.568  8.307   -10.081 1.00 39.02  ? 147 GLU A N   1 
ATOM   382  C CA  . GLU A 1 54  ? -3.713  9.613   -9.385  1.00 45.87  ? 147 GLU A CA  1 
ATOM   383  C C   . GLU A 1 54  ? -2.604  9.862   -8.381  1.00 42.74  ? 147 GLU A C   1 
ATOM   384  O O   . GLU A 1 54  ? -2.020  10.949  -8.327  1.00 43.10  ? 147 GLU A O   1 
ATOM   385  C CB  . GLU A 1 54  ? -5.052  9.711   -8.616  1.00 56.39  ? 147 GLU A CB  1 
ATOM   386  C CG  . GLU A 1 54  ? -6.323  10.062  -9.415  1.00 65.32  ? 147 GLU A CG  1 
ATOM   387  C CD  . GLU A 1 54  ? -7.629  9.920   -8.584  1.00 73.05  ? 147 GLU A CD  1 
ATOM   388  O OE1 . GLU A 1 54  ? -7.563  9.891   -7.329  1.00 81.29  ? 147 GLU A OE1 1 
ATOM   389  O OE2 . GLU A 1 54  ? -8.741  9.828   -9.176  1.00 75.67  ? 147 GLU A OE2 1 
ATOM   390  N N   . GLU A 1 55  ? -2.317  8.846   -7.572  1.00 39.92  ? 148 GLU A N   1 
ATOM   391  C CA  . GLU A 1 55  ? -1.346  8.995   -6.503  1.00 37.39  ? 148 GLU A CA  1 
ATOM   392  C C   . GLU A 1 55  ? 0.143   8.771   -6.864  1.00 35.56  ? 148 GLU A C   1 
ATOM   393  O O   . GLU A 1 55  ? 0.993   9.175   -6.101  1.00 34.76  ? 148 GLU A O   1 
ATOM   394  C CB  . GLU A 1 55  ? -1.759  8.124   -5.324  1.00 38.31  ? 148 GLU A CB  1 
ATOM   395  C CG  . GLU A 1 55  ? -3.075  8.545   -4.674  1.00 40.56  ? 148 GLU A CG  1 
ATOM   396  C CD  . GLU A 1 55  ? -3.642  7.477   -3.729  1.00 47.59  ? 148 GLU A CD  1 
ATOM   397  O OE1 . GLU A 1 55  ? -2.889  6.582   -3.291  1.00 43.89  ? 148 GLU A OE1 1 
ATOM   398  O OE2 . GLU A 1 55  ? -4.863  7.528   -3.427  1.00 46.13  ? 148 GLU A OE2 1 
ATOM   399  N N   . THR A 1 56  ? 0.463   8.094   -7.965  1.00 36.26  ? 149 THR A N   1 
ATOM   400  C CA  . THR A 1 56  ? 1.869   7.785   -8.311  1.00 39.60  ? 149 THR A CA  1 
ATOM   401  C C   . THR A 1 56  ? 2.295   8.124   -9.728  1.00 39.81  ? 149 THR A C   1 
ATOM   402  O O   . THR A 1 56  ? 3.466   7.986   -10.059 1.00 48.27  ? 149 THR A O   1 
ATOM   403  C CB  . THR A 1 56  ? 2.174   6.261   -8.135  1.00 38.98  ? 149 THR A CB  1 
ATOM   404  O OG1 . THR A 1 56  ? 1.545   5.475   -9.167  1.00 35.33  ? 149 THR A OG1 1 
ATOM   405  C CG2 . THR A 1 56  ? 1.698   5.775   -6.771  1.00 40.21  ? 149 THR A CG2 1 
ATOM   406  N N   . GLY A 1 57  ? 1.365   8.456   -10.597 1.00 41.78  ? 150 GLY A N   1 
ATOM   407  C CA  . GLY A 1 57  ? 1.706   8.622   -12.016 1.00 44.31  ? 150 GLY A CA  1 
ATOM   408  C C   . GLY A 1 57  ? 2.026   7.358   -12.800 1.00 46.98  ? 150 GLY A C   1 
ATOM   409  O O   . GLY A 1 57  ? 2.480   7.453   -13.933 1.00 53.23  ? 150 GLY A O   1 
ATOM   410  N N   . PHE A 1 58  ? 1.812   6.181   -12.225 1.00 46.03  ? 151 PHE A N   1 
ATOM   411  C CA  . PHE A 1 58  ? 2.196   4.953   -12.890 1.00 42.24  ? 151 PHE A CA  1 
ATOM   412  C C   . PHE A 1 58  ? 0.938   4.185   -13.084 1.00 41.95  ? 151 PHE A C   1 
ATOM   413  O O   . PHE A 1 58  ? 0.179   4.033   -12.149 1.00 43.88  ? 151 PHE A O   1 
ATOM   414  C CB  . PHE A 1 58  ? 3.165   4.153   -12.080 1.00 41.83  ? 151 PHE A CB  1 
ATOM   415  C CG  . PHE A 1 58  ? 3.587   2.865   -12.738 1.00 43.37  ? 151 PHE A CG  1 
ATOM   416  C CD1 . PHE A 1 58  ? 4.612   2.845   -13.680 1.00 46.58  ? 151 PHE A CD1 1 
ATOM   417  C CD2 . PHE A 1 58  ? 2.973   1.666   -12.411 1.00 45.84  ? 151 PHE A CD2 1 
ATOM   418  C CE1 . PHE A 1 58  ? 4.991   1.656   -14.287 1.00 47.14  ? 151 PHE A CE1 1 
ATOM   419  C CE2 . PHE A 1 58  ? 3.354   0.478   -13.006 1.00 42.05  ? 151 PHE A CE2 1 
ATOM   420  C CZ  . PHE A 1 58  ? 4.355   0.467   -13.948 1.00 43.67  ? 151 PHE A CZ  1 
ATOM   421  N N   . ASP A 1 59  ? 0.745   3.688   -14.307 1.00 41.39  ? 152 ASP A N   1 
ATOM   422  C CA  . ASP A 1 59  ? -0.464  3.013   -14.729 1.00 43.06  ? 152 ASP A CA  1 
ATOM   423  C C   . ASP A 1 59  ? -0.292  1.512   -14.644 1.00 41.33  ? 152 ASP A C   1 
ATOM   424  O O   . ASP A 1 59  ? 0.539   0.915   -15.349 1.00 42.69  ? 152 ASP A O   1 
ATOM   425  C CB  . ASP A 1 59  ? -0.775  3.400   -16.174 1.00 49.55  ? 152 ASP A CB  1 
ATOM   426  C CG  . ASP A 1 59  ? -2.113  2.796   -16.706 1.00 53.84  ? 152 ASP A CG  1 
ATOM   427  O OD1 . ASP A 1 59  ? -2.939  2.265   -15.924 1.00 59.14  ? 152 ASP A OD1 1 
ATOM   428  O OD2 . ASP A 1 59  ? -2.308  2.866   -17.934 1.00 54.82  ? 152 ASP A OD2 1 
ATOM   429  N N   . ILE A 1 60  ? -1.079  0.899   -13.784 1.00 39.71  ? 153 ILE A N   1 
ATOM   430  C CA  . ILE A 1 60  ? -0.968  -0.530  -13.560 1.00 43.14  ? 153 ILE A CA  1 
ATOM   431  C C   . ILE A 1 60  ? -1.932  -1.386  -14.391 1.00 43.08  ? 153 ILE A C   1 
ATOM   432  O O   . ILE A 1 60  ? -1.963  -2.585  -14.211 1.00 44.05  ? 153 ILE A O   1 
ATOM   433  C CB  . ILE A 1 60  ? -1.161  -0.878  -12.055 1.00 39.40  ? 153 ILE A CB  1 
ATOM   434  C CG1 . ILE A 1 60  ? -2.586  -0.654  -11.567 1.00 39.90  ? 153 ILE A CG1 1 
ATOM   435  C CG2 . ILE A 1 60  ? -0.199  -0.109  -11.220 1.00 43.06  ? 153 ILE A CG2 1 
ATOM   436  C CD1 . ILE A 1 60  ? -2.849  -1.320  -10.233 1.00 38.73  ? 153 ILE A CD1 1 
ATOM   437  N N   . LYS A 1 61  ? -2.744  -0.779  -15.247 1.00 47.21  ? 154 LYS A N   1 
ATOM   438  C CA  . LYS A 1 61  ? -3.848  -1.497  -15.898 1.00 53.40  ? 154 LYS A CA  1 
ATOM   439  C C   . LYS A 1 61  ? -3.356  -2.752  -16.638 1.00 48.49  ? 154 LYS A C   1 
ATOM   440  O O   . LYS A 1 61  ? -3.978  -3.816  -16.546 1.00 41.25  ? 154 LYS A O   1 
ATOM   441  C CB  . LYS A 1 61  ? -4.706  -0.545  -16.786 1.00 61.75  ? 154 LYS A CB  1 
ATOM   442  C CG  . LYS A 1 61  ? -5.198  -1.091  -18.146 1.00 82.14  ? 154 LYS A CG  1 
ATOM   443  C CD  . LYS A 1 61  ? -6.009  -0.100  -19.007 1.00 86.49  ? 154 LYS A CD  1 
ATOM   444  C CE  . LYS A 1 61  ? -5.246  1.167   -19.463 1.00 91.41  ? 154 LYS A CE  1 
ATOM   445  N NZ  . LYS A 1 61  ? -4.079  1.004   -20.390 1.00 83.65  ? 154 LYS A NZ  1 
ATOM   446  N N   . ASP A 1 62  ? -2.232  -2.633  -17.334 1.00 42.63  ? 155 ASP A N   1 
ATOM   447  C CA  . ASP A 1 62  ? -1.709  -3.762  -18.089 1.00 46.87  ? 155 ASP A CA  1 
ATOM   448  C C   . ASP A 1 62  ? -1.103  -4.882  -17.244 1.00 49.79  ? 155 ASP A C   1 
ATOM   449  O O   . ASP A 1 62  ? -0.842  -5.947  -17.788 1.00 53.53  ? 155 ASP A O   1 
ATOM   450  C CB  . ASP A 1 62  ? -0.635  -3.272  -19.051 1.00 55.70  ? 155 ASP A CB  1 
ATOM   451  C CG  . ASP A 1 62  ? -1.191  -2.393  -20.186 1.00 58.09  ? 155 ASP A CG  1 
ATOM   452  O OD1 . ASP A 1 62  ? -2.425  -2.406  -20.460 1.00 57.57  ? 155 ASP A OD1 1 
ATOM   453  O OD2 . ASP A 1 62  ? -0.358  -1.703  -20.806 1.00 56.47  ? 155 ASP A OD2 1 
ATOM   454  N N   . TYR A 1 63  ? -0.888  -4.635  -15.932 1.00 49.46  ? 156 TYR A N   1 
ATOM   455  C CA  . TYR A 1 63  ? -0.171  -5.537  -15.014 1.00 42.34  ? 156 TYR A CA  1 
ATOM   456  C C   . TYR A 1 63  ? -0.978  -6.152  -13.881 1.00 45.46  ? 156 TYR A C   1 
ATOM   457  O O   . TYR A 1 63  ? -0.495  -7.074  -13.214 1.00 50.77  ? 156 TYR A O   1 
ATOM   458  C CB  . TYR A 1 63  ? 1.001   -4.805  -14.409 1.00 44.14  ? 156 TYR A CB  1 
ATOM   459  C CG  . TYR A 1 63  ? 1.828   -4.145  -15.430 1.00 44.23  ? 156 TYR A CG  1 
ATOM   460  C CD1 . TYR A 1 63  ? 2.285   -4.854  -16.560 1.00 52.91  ? 156 TYR A CD1 1 
ATOM   461  C CD2 . TYR A 1 63  ? 2.104   -2.802  -15.334 1.00 50.02  ? 156 TYR A CD2 1 
ATOM   462  C CE1 . TYR A 1 63  ? 3.033   -4.223  -17.551 1.00 52.00  ? 156 TYR A CE1 1 
ATOM   463  C CE2 . TYR A 1 63  ? 2.838   -2.149  -16.302 1.00 50.26  ? 156 TYR A CE2 1 
ATOM   464  C CZ  . TYR A 1 63  ? 3.301   -2.854  -17.407 1.00 55.18  ? 156 TYR A CZ  1 
ATOM   465  O OH  . TYR A 1 63  ? 4.043   -2.173  -18.340 1.00 60.67  ? 156 TYR A OH  1 
ATOM   466  N N   . ILE A 1 64  ? -2.187  -5.655  -13.642 1.00 44.63  ? 157 ILE A N   1 
ATOM   467  C CA  . ILE A 1 64  ? -3.076  -6.244  -12.652 1.00 46.06  ? 157 ILE A CA  1 
ATOM   468  C C   . ILE A 1 64  ? -3.454  -7.646  -13.050 1.00 46.03  ? 157 ILE A C   1 
ATOM   469  O O   . ILE A 1 64  ? -3.952  -7.860  -14.185 1.00 49.19  ? 157 ILE A O   1 
ATOM   470  C CB  . ILE A 1 64  ? -4.443  -5.494  -12.528 1.00 52.68  ? 157 ILE A CB  1 
ATOM   471  C CG1 . ILE A 1 64  ? -4.249  -4.159  -11.841 1.00 56.86  ? 157 ILE A CG1 1 
ATOM   472  C CG2 . ILE A 1 64  ? -5.488  -6.316  -11.754 1.00 50.62  ? 157 ILE A CG2 1 
ATOM   473  C CD1 . ILE A 1 64  ? -5.505  -3.305  -11.817 1.00 60.88  ? 157 ILE A CD1 1 
ATOM   474  N N   A CYS A 1 65  ? -3.229  -8.587  -12.137 0.25 43.14  ? 158 CYS A N   1 
ATOM   475  N N   B CYS A 1 65  ? -3.201  -8.603  -12.156 0.25 48.05  ? 158 CYS A N   1 
ATOM   476  C CA  A CYS A 1 65  ? -3.760  -9.927  -12.236 0.25 43.54  ? 158 CYS A CA  1 
ATOM   477  C CA  B CYS A 1 65  ? -3.736  -9.954  -12.254 0.25 51.67  ? 158 CYS A CA  1 
ATOM   478  C C   A CYS A 1 65  ? -4.929  -10.035 -11.277 0.25 46.84  ? 158 CYS A C   1 
ATOM   479  C C   B CYS A 1 65  ? -4.916  -10.049 -11.287 0.25 51.58  ? 158 CYS A C   1 
ATOM   480  O O   A CYS A 1 65  ? -4.760  -9.871  -10.075 0.25 47.94  ? 158 CYS A O   1 
ATOM   481  O O   B CYS A 1 65  ? -4.741  -9.880  -10.086 0.25 52.34  ? 158 CYS A O   1 
ATOM   482  C CB  A CYS A 1 65  ? -2.689  -10.934 -11.879 0.25 41.22  ? 158 CYS A CB  1 
ATOM   483  C CB  B CYS A 1 65  ? -2.663  -10.992 -11.909 0.25 54.66  ? 158 CYS A CB  1 
ATOM   484  S SG  A CYS A 1 65  ? -1.270  -10.794 -12.960 0.25 38.03  ? 158 CYS A SG  1 
ATOM   485  S SG  B CYS A 1 65  ? -3.281  -12.691 -11.724 0.25 64.48  ? 158 CYS A SG  1 
ATOM   486  N N   . LYS A 1 66  ? -6.107  -10.320 -11.820 1.00 52.62  ? 159 LYS A N   1 
ATOM   487  C CA  . LYS A 1 66  ? -7.383  -10.298 -11.050 1.00 55.78  ? 159 LYS A CA  1 
ATOM   488  C C   . LYS A 1 66  ? -7.433  -11.073 -9.742  1.00 51.29  ? 159 LYS A C   1 
ATOM   489  O O   . LYS A 1 66  ? -8.117  -10.660 -8.804  1.00 55.38  ? 159 LYS A O   1 
ATOM   490  C CB  . LYS A 1 66  ? -8.542  -10.780 -11.953 1.00 61.21  ? 159 LYS A CB  1 
ATOM   491  C CG  . LYS A 1 66  ? -8.498  -12.266 -12.339 1.00 63.31  ? 159 LYS A CG  1 
ATOM   492  N N   . ASP A 1 67  ? -6.696  -12.171 -9.700  1.00 48.42  ? 160 ASP A N   1 
ATOM   493  C CA  . ASP A 1 67  ? -6.612  -13.046 -8.538  1.00 54.34  ? 160 ASP A CA  1 
ATOM   494  C C   . ASP A 1 67  ? -5.452  -12.789 -7.583  1.00 53.07  ? 160 ASP A C   1 
ATOM   495  O O   . ASP A 1 67  ? -5.386  -13.455 -6.557  1.00 57.50  ? 160 ASP A O   1 
ATOM   496  C CB  . ASP A 1 67  ? -6.533  -14.516 -9.028  1.00 70.48  ? 160 ASP A CB  1 
ATOM   497  C CG  . ASP A 1 67  ? -7.863  -15.012 -9.609  1.00 75.77  ? 160 ASP A CG  1 
ATOM   498  O OD1 . ASP A 1 67  ? -8.806  -15.179 -8.804  1.00 79.62  ? 160 ASP A OD1 1 
ATOM   499  O OD2 . ASP A 1 67  ? -7.970  -15.204 -10.850 1.00 80.40  ? 160 ASP A OD2 1 
ATOM   500  N N   . TYR A 1 69  ? -4.103  -10.411 -5.087  1.00 43.45  ? 162 TYR A N   1 
ATOM   501  C CA  . TYR A 1 69  ? -4.334  -9.249  -4.233  1.00 44.59  ? 162 TYR A CA  1 
ATOM   502  C C   . TYR A 1 69  ? -4.300  -9.704  -2.793  1.00 45.57  ? 162 TYR A C   1 
ATOM   503  O O   . TYR A 1 69  ? -4.335  -10.911 -2.532  1.00 40.70  ? 162 TYR A O   1 
ATOM   504  C CB  . TYR A 1 69  ? -5.659  -8.555  -4.585  1.00 45.00  ? 162 TYR A CB  1 
ATOM   505  C CG  . TYR A 1 69  ? -6.883  -9.453  -4.480  1.00 55.70  ? 162 TYR A CG  1 
ATOM   506  C CD1 . TYR A 1 69  ? -7.472  -9.722  -3.240  1.00 55.34  ? 162 TYR A CD1 1 
ATOM   507  C CD2 . TYR A 1 69  ? -7.424  -10.059 -5.615  1.00 59.33  ? 162 TYR A CD2 1 
ATOM   508  C CE1 . TYR A 1 69  ? -8.568  -10.542 -3.138  1.00 61.89  ? 162 TYR A CE1 1 
ATOM   509  C CE2 . TYR A 1 69  ? -8.523  -10.895 -5.521  1.00 60.49  ? 162 TYR A CE2 1 
ATOM   510  C CZ  . TYR A 1 69  ? -9.090  -11.124 -4.287  1.00 66.56  ? 162 TYR A CZ  1 
ATOM   511  O OH  . TYR A 1 69  ? -10.173 -11.938 -4.169  1.00 70.70  ? 162 TYR A OH  1 
ATOM   512  N N   . ILE A 1 70  ? -4.211  -8.728  -1.886  1.00 47.37  ? 163 ILE A N   1 
ATOM   513  C CA  . ILE A 1 70  ? -4.450  -8.912  -0.473  1.00 45.46  ? 163 ILE A CA  1 
ATOM   514  C C   . ILE A 1 70  ? -5.501  -7.949  -0.036  1.00 42.94  ? 163 ILE A C   1 
ATOM   515  O O   . ILE A 1 70  ? -5.420  -6.752  -0.315  1.00 42.49  ? 163 ILE A O   1 
ATOM   516  C CB  . ILE A 1 70  ? -3.203  -8.609  0.349   1.00 48.40  ? 163 ILE A CB  1 
ATOM   517  C CG1 . ILE A 1 70  ? -2.188  -9.695  0.096   1.00 49.62  ? 163 ILE A CG1 1 
ATOM   518  C CG2 . ILE A 1 70  ? -3.512  -8.571  1.851   1.00 46.66  ? 163 ILE A CG2 1 
ATOM   519  C CD1 . ILE A 1 70  ? -0.805  -9.300  0.529   1.00 55.92  ? 163 ILE A CD1 1 
ATOM   520  N N   . GLU A 1 71  ? -6.422  -8.482  0.750   1.00 45.78  ? 164 GLU A N   1 
ATOM   521  C CA  . GLU A 1 71  ? -7.657  -7.831  1.130   1.00 48.83  ? 164 GLU A CA  1 
ATOM   522  C C   . GLU A 1 71  ? -7.777  -7.926  2.644   1.00 50.09  ? 164 GLU A C   1 
ATOM   523  O O   . GLU A 1 71  ? -7.577  -9.003  3.195   1.00 53.10  ? 164 GLU A O   1 
ATOM   524  C CB  . GLU A 1 71  ? -8.782  -8.608  0.493   1.00 51.70  ? 164 GLU A CB  1 
ATOM   525  C CG  . GLU A 1 71  ? -10.176 -8.031  0.672   1.00 61.53  ? 164 GLU A CG  1 
ATOM   526  C CD  . GLU A 1 71  ? -11.157 -8.737  -0.247  1.00 68.82  ? 164 GLU A CD  1 
ATOM   527  O OE1 . GLU A 1 71  ? -11.400 -9.960  -0.028  1.00 71.10  ? 164 GLU A OE1 1 
ATOM   528  O OE2 . GLU A 1 71  ? -11.641 -8.080  -1.199  1.00 69.95  ? 164 GLU A OE2 1 
ATOM   529  N N   . LEU A 1 72  ? -8.085  -6.818  3.311   1.00 46.73  ? 165 LEU A N   1 
ATOM   530  C CA  . LEU A 1 72  ? -8.285  -6.802  4.741   1.00 48.27  ? 165 LEU A CA  1 
ATOM   531  C C   . LEU A 1 72  ? -9.519  -5.957  5.099   1.00 59.62  ? 165 LEU A C   1 
ATOM   532  O O   . LEU A 1 72  ? -9.694  -4.838  4.594   1.00 53.14  ? 165 LEU A O   1 
ATOM   533  C CB  . LEU A 1 72  ? -7.077  -6.198  5.466   1.00 52.74  ? 165 LEU A CB  1 
ATOM   534  C CG  . LEU A 1 72  ? -5.709  -6.859  5.379   1.00 53.22  ? 165 LEU A CG  1 
ATOM   535  C CD1 . LEU A 1 72  ? -4.742  -6.044  6.188   1.00 54.77  ? 165 LEU A CD1 1 
ATOM   536  C CD2 . LEU A 1 72  ? -5.685  -8.306  5.873   1.00 59.53  ? 165 LEU A CD2 1 
ATOM   537  N N   . ARG A 1 73  ? -10.350 -6.499  5.991   1.00 66.29  ? 166 ARG A N   1 
ATOM   538  C CA  . ARG A 1 73  ? -11.424 -5.763  6.646   1.00 69.63  ? 166 ARG A CA  1 
ATOM   539  C C   . ARG A 1 73  ? -10.798 -5.156  7.913   1.00 66.19  ? 166 ARG A C   1 
ATOM   540  O O   . ARG A 1 73  ? -10.432 -5.869  8.844   1.00 69.56  ? 166 ARG A O   1 
ATOM   541  C CB  . ARG A 1 73  ? -12.592 -6.704  6.957   1.00 74.84  ? 166 ARG A CB  1 
ATOM   542  C CG  . ARG A 1 73  ? -13.876 -6.015  7.392   1.00 89.25  ? 166 ARG A CG  1 
ATOM   543  C CD  . ARG A 1 73  ? -14.998 -7.017  7.699   1.00 100.56 ? 166 ARG A CD  1 
ATOM   544  N NE  . ARG A 1 73  ? -14.699 -7.941  8.809   1.00 96.72  ? 166 ARG A NE  1 
ATOM   545  C CZ  . ARG A 1 73  ? -15.243 -9.156  8.978   1.00 111.16 ? 166 ARG A CZ  1 
ATOM   546  N NH1 . ARG A 1 73  ? -16.139 -9.657  8.116   1.00 112.82 ? 166 ARG A NH1 1 
ATOM   547  N NH2 . ARG A 1 73  ? -14.887 -9.896  10.028  1.00 118.34 ? 166 ARG A NH2 1 
ATOM   548  N N   . ILE A 1 74  ? -10.633 -3.846  7.899   1.00 59.52  ? 167 ILE A N   1 
ATOM   549  C CA  . ILE A 1 74  ? -10.043 -3.091  8.982   1.00 68.71  ? 167 ILE A CA  1 
ATOM   550  C C   . ILE A 1 74  ? -11.160 -2.153  9.462   1.00 71.32  ? 167 ILE A C   1 
ATOM   551  O O   . ILE A 1 74  ? -11.525 -1.209  8.739   1.00 69.47  ? 167 ILE A O   1 
ATOM   552  C CB  . ILE A 1 74  ? -8.808  -2.286  8.487   1.00 69.76  ? 167 ILE A CB  1 
ATOM   553  C CG1 . ILE A 1 74  ? -7.598  -3.223  8.317   1.00 70.23  ? 167 ILE A CG1 1 
ATOM   554  C CG2 . ILE A 1 74  ? -8.477  -1.116  9.427   1.00 72.05  ? 167 ILE A CG2 1 
ATOM   555  C CD1 . ILE A 1 74  ? -6.372  -2.534  7.732   1.00 70.11  ? 167 ILE A CD1 1 
ATOM   556  N N   . ASN A 1 75  ? -11.725 -2.452  10.632  0.50 72.48  ? 168 ASN A N   1 
ATOM   557  C CA  . ASN A 1 75  ? -12.774 -1.637  11.263  0.50 73.83  ? 168 ASN A CA  1 
ATOM   558  C C   . ASN A 1 75  ? -13.940 -1.300  10.334  0.50 71.03  ? 168 ASN A C   1 
ATOM   559  O O   . ASN A 1 75  ? -14.217 -0.127  10.073  0.50 66.73  ? 168 ASN A O   1 
ATOM   560  C CB  . ASN A 1 75  ? -12.170 -0.346  11.827  0.50 76.92  ? 168 ASN A CB  1 
ATOM   561  C CG  . ASN A 1 75  ? -11.148 -0.610  12.917  0.50 77.54  ? 168 ASN A CG  1 
ATOM   562  O OD1 . ASN A 1 75  ? -11.446 -1.266  13.918  0.50 74.85  ? 168 ASN A OD1 1 
ATOM   563  N ND2 . ASN A 1 75  ? -9.935  -0.100  12.726  0.50 78.85  ? 168 ASN A ND2 1 
ATOM   564  N N   . ASP A 1 76  ? -14.602 -2.334  9.825   0.50 72.19  ? 169 ASP A N   1 
ATOM   565  C CA  . ASP A 1 76  ? -15.780 -2.155  8.977   0.50 74.91  ? 169 ASP A CA  1 
ATOM   566  C C   . ASP A 1 76  ? -15.475 -1.933  7.490   0.50 74.33  ? 169 ASP A C   1 
ATOM   567  O O   . ASP A 1 76  ? -16.338 -2.159  6.641   0.50 77.26  ? 169 ASP A O   1 
ATOM   568  N N   . GLN A 1 77  ? -14.253 -1.502  7.184   0.50 74.38  ? 170 GLN A N   1 
ATOM   569  C CA  . GLN A 1 77  ? -13.879 -1.116  5.816   0.50 74.30  ? 170 GLN A CA  1 
ATOM   570  C C   . GLN A 1 77  ? -12.955 -2.125  5.116   0.50 71.24  ? 170 GLN A C   1 
ATOM   571  O O   . GLN A 1 77  ? -11.867 -2.429  5.617   0.50 71.72  ? 170 GLN A O   1 
ATOM   572  C CB  . GLN A 1 77  ? -13.191 0.255   5.835   0.50 76.31  ? 170 GLN A CB  1 
ATOM   573  N N   . LEU A 1 78  ? -13.382 -2.621  3.953   1.00 67.17  ? 171 LEU A N   1 
ATOM   574  C CA  . LEU A 1 78  ? -12.539 -3.484  3.112   1.00 60.95  ? 171 LEU A CA  1 
ATOM   575  C C   . LEU A 1 78  ? -11.452 -2.632  2.421   1.00 55.02  ? 171 LEU A C   1 
ATOM   576  O O   . LEU A 1 78  ? -11.715 -1.487  2.055   1.00 54.90  ? 171 LEU A O   1 
ATOM   577  C CB  . LEU A 1 78  ? -13.392 -4.187  2.064   1.00 68.03  ? 171 LEU A CB  1 
ATOM   578  C CG  . LEU A 1 78  ? -12.829 -5.478  1.485   1.00 78.42  ? 171 LEU A CG  1 
ATOM   579  C CD1 . LEU A 1 78  ? -13.262 -6.634  2.383   1.00 90.68  ? 171 LEU A CD1 1 
ATOM   580  C CD2 . LEU A 1 78  ? -13.242 -5.695  0.022   1.00 78.97  ? 171 LEU A CD2 1 
ATOM   581  N N   . ALA A 1 79  ? -10.219 -3.160  2.330   1.00 45.50  ? 172 ALA A N   1 
ATOM   582  C CA  . ALA A 1 79  ? -9.103  -2.528  1.585   1.00 42.36  ? 172 ALA A CA  1 
ATOM   583  C C   . ALA A 1 79  ? -8.432  -3.622  0.804   1.00 39.35  ? 172 ALA A C   1 
ATOM   584  O O   . ALA A 1 79  ? -8.012  -4.617  1.381   1.00 42.13  ? 172 ALA A O   1 
ATOM   585  C CB  . ALA A 1 79  ? -8.119  -1.852  2.500   1.00 41.34  ? 172 ALA A CB  1 
ATOM   586  N N   . ARG A 1 80  ? -8.424  -3.501  -0.527  1.00 37.33  ? 173 ARG A N   1 
ATOM   587  C CA  . ARG A 1 80  ? -7.874  -4.545  -1.371  1.00 37.03  ? 173 ARG A CA  1 
ATOM   588  C C   . ARG A 1 80  ? -6.763  -3.945  -2.209  1.00 37.59  ? 173 ARG A C   1 
ATOM   589  O O   . ARG A 1 80  ? -6.959  -2.962  -2.913  1.00 43.51  ? 173 ARG A O   1 
ATOM   590  C CB  . ARG A 1 80  ? -8.955  -5.194  -2.242  1.00 38.93  ? 173 ARG A CB  1 
ATOM   591  C CG  . ARG A 1 80  ? -8.382  -6.231  -3.222  1.00 42.98  ? 173 ARG A CG  1 
ATOM   592  C CD  . ARG A 1 80  ? -9.315  -6.509  -4.378  1.00 42.03  ? 173 ARG A CD  1 
ATOM   593  N NE  . ARG A 1 80  ? -10.391 -7.388  -3.939  1.00 53.26  ? 173 ARG A NE  1 
ATOM   594  C CZ  . ARG A 1 80  ? -11.423 -7.785  -4.696  1.00 59.14  ? 173 ARG A CZ  1 
ATOM   595  N NH1 . ARG A 1 80  ? -11.560 -7.379  -5.966  1.00 57.12  ? 173 ARG A NH1 1 
ATOM   596  N NH2 . ARG A 1 80  ? -12.331 -8.595  -4.164  1.00 60.87  ? 173 ARG A NH2 1 
ATOM   597  N N   . LEU A 1 81  ? -5.596  -4.574  -2.145  1.00 37.82  ? 174 LEU A N   1 
ATOM   598  C CA  . LEU A 1 81  ? -4.424  -4.082  -2.824  1.00 33.80  ? 174 LEU A CA  1 
ATOM   599  C C   . LEU A 1 81  ? -3.992  -5.151  -3.741  1.00 32.71  ? 174 LEU A C   1 
ATOM   600  O O   . LEU A 1 81  ? -3.617  -6.186  -3.292  1.00 34.59  ? 174 LEU A O   1 
ATOM   601  C CB  . LEU A 1 81  ? -3.321  -3.792  -1.831  1.00 33.13  ? 174 LEU A CB  1 
ATOM   602  C CG  . LEU A 1 81  ? -3.687  -2.712  -0.811  1.00 33.31  ? 174 LEU A CG  1 
ATOM   603  C CD1 . LEU A 1 81  ? -2.472  -2.533  0.070   1.00 36.97  ? 174 LEU A CD1 1 
ATOM   604  C CD2 . LEU A 1 81  ? -4.150  -1.359  -1.350  1.00 33.49  ? 174 LEU A CD2 1 
ATOM   605  N N   . TYR A 1 82  ? -4.014  -4.883  -5.039  1.00 33.33  ? 175 TYR A N   1 
ATOM   606  C CA  . TYR A 1 82  ? -3.545  -5.813  -6.048  1.00 30.33  ? 175 TYR A CA  1 
ATOM   607  C C   . TYR A 1 82  ? -2.056  -5.847  -6.038  1.00 34.52  ? 175 TYR A C   1 
ATOM   608  O O   . TYR A 1 82  ? -1.402  -4.796  -5.890  1.00 34.45  ? 175 TYR A O   1 
ATOM   609  C CB  . TYR A 1 82  ? -4.038  -5.346  -7.447  1.00 34.17  ? 175 TYR A CB  1 
ATOM   610  C CG  . TYR A 1 82  ? -5.506  -5.584  -7.588  1.00 35.43  ? 175 TYR A CG  1 
ATOM   611  C CD1 . TYR A 1 82  ? -5.979  -6.819  -8.023  1.00 41.91  ? 175 TYR A CD1 1 
ATOM   612  C CD2 . TYR A 1 82  ? -6.433  -4.624  -7.211  1.00 40.66  ? 175 TYR A CD2 1 
ATOM   613  C CE1 . TYR A 1 82  ? -7.344  -7.076  -8.121  1.00 38.51  ? 175 TYR A CE1 1 
ATOM   614  C CE2 . TYR A 1 82  ? -7.791  -4.872  -7.297  1.00 43.55  ? 175 TYR A CE2 1 
ATOM   615  C CZ  . TYR A 1 82  ? -8.233  -6.114  -7.745  1.00 41.63  ? 175 TYR A CZ  1 
ATOM   616  O OH  . TYR A 1 82  ? -9.574  -6.374  -7.813  1.00 43.81  ? 175 TYR A OH  1 
ATOM   617  N N   . ILE A 1 83  ? -1.484  -7.031  -6.245  1.00 33.60  ? 176 ILE A N   1 
ATOM   618  C CA  . ILE A 1 83  ? -0.049  -7.177  -6.135  1.00 36.54  ? 176 ILE A CA  1 
ATOM   619  C C   . ILE A 1 83  ? 0.541   -7.100  -7.528  1.00 35.51  ? 176 ILE A C   1 
ATOM   620  O O   . ILE A 1 83  ? 0.162   -7.851  -8.398  1.00 38.53  ? 176 ILE A O   1 
ATOM   621  C CB  . ILE A 1 83  ? 0.304   -8.459  -5.379  1.00 37.06  ? 176 ILE A CB  1 
ATOM   622  C CG1 . ILE A 1 83  ? -0.206  -8.346  -3.952  1.00 41.70  ? 176 ILE A CG1 1 
ATOM   623  C CG2 . ILE A 1 83  ? 1.801   -8.684  -5.317  1.00 38.05  ? 176 ILE A CG2 1 
ATOM   624  C CD1 . ILE A 1 83  ? -0.183  -9.667  -3.234  1.00 51.23  ? 176 ILE A CD1 1 
ATOM   625  N N   . ILE A 1 84  ? 1.494   -6.193  -7.691  1.00 37.15  ? 177 ILE A N   1 
ATOM   626  C CA  . ILE A 1 84  ? 2.104   -5.883  -8.957  1.00 37.90  ? 177 ILE A CA  1 
ATOM   627  C C   . ILE A 1 84  ? 3.640   -6.010  -8.879  1.00 37.99  ? 177 ILE A C   1 
ATOM   628  O O   . ILE A 1 84  ? 4.330   -5.037  -8.622  1.00 38.20  ? 177 ILE A O   1 
ATOM   629  C CB  . ILE A 1 84  ? 1.753   -4.448  -9.319  1.00 36.84  ? 177 ILE A CB  1 
ATOM   630  C CG1 . ILE A 1 84  ? 0.248   -4.165  -9.140  1.00 40.66  ? 177 ILE A CG1 1 
ATOM   631  C CG2 . ILE A 1 84  ? 2.181   -4.153  -10.736 1.00 39.50  ? 177 ILE A CG2 1 
ATOM   632  C CD1 . ILE A 1 84  ? -0.636  -4.854  -10.145 1.00 41.33  ? 177 ILE A CD1 1 
ATOM   633  N N   . PRO A 1 85  ? 4.185   -7.210  -9.082  1.00 39.13  ? 178 PRO A N   1 
ATOM   634  C CA  . PRO A 1 85  ? 5.635   -7.363  -8.974  1.00 36.23  ? 178 PRO A CA  1 
ATOM   635  C C   . PRO A 1 85  ? 6.407   -6.815  -10.144 1.00 38.17  ? 178 PRO A C   1 
ATOM   636  O O   . PRO A 1 85  ? 5.855   -6.585  -11.224 1.00 41.06  ? 178 PRO A O   1 
ATOM   637  C CB  . PRO A 1 85  ? 5.845   -8.877  -8.929  1.00 39.22  ? 178 PRO A CB  1 
ATOM   638  C CG  . PRO A 1 85  ? 4.521   -9.459  -8.620  1.00 37.95  ? 178 PRO A CG  1 
ATOM   639  C CD  . PRO A 1 85  ? 3.489   -8.506  -9.122  1.00 38.70  ? 178 PRO A CD  1 
ATOM   640  N N   . GLY A 1 86  ? 7.703   -6.620  -9.946  1.00 37.60  ? 179 GLY A N   1 
ATOM   641  C CA  . GLY A 1 86  ? 8.593   -6.429  -11.100 1.00 38.62  ? 179 GLY A CA  1 
ATOM   642  C C   . GLY A 1 86  ? 8.615   -5.079  -11.761 1.00 38.07  ? 179 GLY A C   1 
ATOM   643  O O   . GLY A 1 86  ? 8.958   -4.958  -12.922 1.00 45.01  ? 179 GLY A O   1 
ATOM   644  N N   . ILE A 1 87  ? 8.241   -4.052  -11.031 1.00 42.47  ? 180 ILE A N   1 
ATOM   645  C CA  . ILE A 1 87  ? 8.244   -2.692  -11.562 1.00 41.20  ? 180 ILE A CA  1 
ATOM   646  C C   . ILE A 1 87  ? 9.625   -2.148  -11.249 1.00 40.48  ? 180 ILE A C   1 
ATOM   647  O O   . ILE A 1 87  ? 9.994   -2.122  -10.092 1.00 44.58  ? 180 ILE A O   1 
ATOM   648  C CB  . ILE A 1 87  ? 7.128   -1.828  -10.924 1.00 39.31  ? 180 ILE A CB  1 
ATOM   649  C CG1 . ILE A 1 87  ? 5.759   -2.458  -11.178 1.00 41.14  ? 180 ILE A CG1 1 
ATOM   650  C CG2 . ILE A 1 87  ? 7.171   -0.395  -11.435 1.00 40.24  ? 180 ILE A CG2 1 
ATOM   651  C CD1 . ILE A 1 87  ? 5.538   -2.951  -12.605 1.00 44.11  ? 180 ILE A CD1 1 
ATOM   652  N N   . PRO A 1 88  ? 10.396  -1.760  -12.271 1.00 43.02  ? 181 PRO A N   1 
ATOM   653  C CA  . PRO A 1 88  ? 11.787  -1.313  -12.051 1.00 45.96  ? 181 PRO A CA  1 
ATOM   654  C C   . PRO A 1 88  ? 11.916  -0.164  -11.048 1.00 48.32  ? 181 PRO A C   1 
ATOM   655  O O   . PRO A 1 88  ? 11.109  0.785   -11.104 1.00 47.44  ? 181 PRO A O   1 
ATOM   656  C CB  . PRO A 1 88  ? 12.227  -0.825  -13.438 1.00 47.93  ? 181 PRO A CB  1 
ATOM   657  C CG  . PRO A 1 88  ? 11.337  -1.514  -14.413 1.00 51.36  ? 181 PRO A CG  1 
ATOM   658  C CD  . PRO A 1 88  ? 10.018  -1.730  -13.705 1.00 46.40  ? 181 PRO A CD  1 
ATOM   659  N N   . LYS A 1 89  ? 12.915  -0.249  -10.164 1.00 53.77  ? 182 LYS A N   1 
ATOM   660  C CA  . LYS A 1 89  ? 13.197  0.823   -9.203  1.00 61.75  ? 182 LYS A CA  1 
ATOM   661  C C   . LYS A 1 89  ? 13.480  2.195   -9.811  1.00 56.22  ? 182 LYS A C   1 
ATOM   662  O O   . LYS A 1 89  ? 13.304  3.174   -9.116  1.00 56.29  ? 182 LYS A O   1 
ATOM   663  C CB  . LYS A 1 89  ? 14.350  0.470   -8.236  1.00 72.87  ? 182 LYS A CB  1 
ATOM   664  C CG  . LYS A 1 89  ? 13.897  0.171   -6.806  1.00 83.93  ? 182 LYS A CG  1 
ATOM   665  C CD  . LYS A 1 89  ? 14.813  0.761   -5.731  1.00 97.03  ? 182 LYS A CD  1 
ATOM   666  C CE  . LYS A 1 89  ? 16.239  0.248   -5.820  1.00 105.68 ? 182 LYS A CE  1 
ATOM   667  N NZ  . LYS A 1 89  ? 16.278  -1.244  -5.875  1.00 118.69 ? 182 LYS A NZ  1 
ATOM   668  N N   . ASP A 1 90  ? 13.907  2.276   -11.072 1.00 53.50  ? 183 ASP A N   1 
ATOM   669  C CA  . ASP A 1 90  ? 14.191  3.584   -11.713 1.00 59.33  ? 183 ASP A CA  1 
ATOM   670  C C   . ASP A 1 90  ? 12.997  4.253   -12.451 1.00 57.65  ? 183 ASP A C   1 
ATOM   671  O O   . ASP A 1 90  ? 13.162  5.280   -13.118 1.00 59.36  ? 183 ASP A O   1 
ATOM   672  C CB  . ASP A 1 90  ? 15.412  3.460   -12.642 1.00 60.91  ? 183 ASP A CB  1 
ATOM   673  C CG  . ASP A 1 90  ? 15.138  2.628   -13.893 1.00 65.69  ? 183 ASP A CG  1 
ATOM   674  O OD1 . ASP A 1 90  ? 14.081  1.983   -14.023 1.00 67.15  ? 183 ASP A OD1 1 
ATOM   675  O OD2 . ASP A 1 90  ? 16.010  2.618   -14.773 1.00 74.02  ? 183 ASP A OD2 1 
ATOM   676  N N   . THR A 1 91  ? 11.804  3.665   -12.328 1.00 54.59  ? 184 THR A N   1 
ATOM   677  C CA  . THR A 1 91  ? 10.559  4.296   -12.776 1.00 52.17  ? 184 THR A CA  1 
ATOM   678  C C   . THR A 1 91  ? 10.372  5.675   -12.120 1.00 55.12  ? 184 THR A C   1 
ATOM   679  O O   . THR A 1 91  ? 10.616  5.857   -10.939 1.00 62.89  ? 184 THR A O   1 
ATOM   680  C CB  . THR A 1 91  ? 9.347   3.414   -12.442 1.00 49.97  ? 184 THR A CB  1 
ATOM   681  O OG1 . THR A 1 91  ? 9.566   2.082   -12.943 1.00 50.28  ? 184 THR A OG1 1 
ATOM   682  C CG2 . THR A 1 91  ? 8.046   3.972   -13.030 1.00 46.90  ? 184 THR A CG2 1 
ATOM   683  N N   . LYS A 1 92  ? 9.970   6.645   -12.912 1.00 59.03  ? 185 LYS A N   1 
ATOM   684  C CA  . LYS A 1 92  ? 9.775   7.990   -12.431 1.00 63.33  ? 185 LYS A CA  1 
ATOM   685  C C   . LYS A 1 92  ? 8.298   8.059   -12.073 1.00 54.36  ? 185 LYS A C   1 
ATOM   686  O O   . LYS A 1 92  ? 7.418   7.843   -12.911 1.00 52.26  ? 185 LYS A O   1 
ATOM   687  C CB  . LYS A 1 92  ? 10.198  9.027   -13.509 1.00 72.86  ? 185 LYS A CB  1 
ATOM   688  C CG  . LYS A 1 92  ? 11.713  9.099   -13.822 1.00 74.94  ? 185 LYS A CG  1 
ATOM   689  C CD  . LYS A 1 92  ? 12.646  9.012   -12.598 1.00 75.82  ? 185 LYS A CD  1 
ATOM   690  N N   . PHE A 1 93  ? 8.036   8.265   -10.794 1.00 50.53  ? 186 PHE A N   1 
ATOM   691  C CA  . PHE A 1 93  ? 6.684   8.297   -10.291 1.00 49.18  ? 186 PHE A CA  1 
ATOM   692  C C   . PHE A 1 93  ? 6.400   9.738   -10.012 1.00 53.98  ? 186 PHE A C   1 
ATOM   693  O O   . PHE A 1 93  ? 7.256   10.426  -9.463  1.00 58.73  ? 186 PHE A O   1 
ATOM   694  C CB  . PHE A 1 93  ? 6.584   7.534   -8.994  1.00 46.28  ? 186 PHE A CB  1 
ATOM   695  C CG  . PHE A 1 93  ? 6.816   6.063   -9.134  1.00 45.02  ? 186 PHE A CG  1 
ATOM   696  C CD1 . PHE A 1 93  ? 5.834   5.253   -9.674  1.00 43.46  ? 186 PHE A CD1 1 
ATOM   697  C CD2 . PHE A 1 93  ? 8.013   5.491   -8.711  1.00 41.73  ? 186 PHE A CD2 1 
ATOM   698  C CE1 . PHE A 1 93  ? 6.034   3.895   -9.802  1.00 44.79  ? 186 PHE A CE1 1 
ATOM   699  C CE2 . PHE A 1 93  ? 8.233   4.133   -8.851  1.00 42.83  ? 186 PHE A CE2 1 
ATOM   700  C CZ  . PHE A 1 93  ? 7.245   3.323   -9.377  1.00 41.69  ? 186 PHE A CZ  1 
ATOM   701  N N   . ASN A 1 94  ? 5.201   10.188  -10.358 1.00 60.57  ? 187 ASN A N   1 
ATOM   702  C CA  . ASN A 1 94  ? 4.783   11.562  -10.121 1.00 61.38  ? 187 ASN A CA  1 
ATOM   703  C C   . ASN A 1 94  ? 3.297   11.659  -9.911  1.00 58.69  ? 187 ASN A C   1 
ATOM   704  O O   . ASN A 1 94  ? 2.523   11.386  -10.824 1.00 62.61  ? 187 ASN A O   1 
ATOM   705  C CB  . ASN A 1 94  ? 5.178   12.438  -11.307 1.00 70.75  ? 187 ASN A CB  1 
ATOM   706  C CG  . ASN A 1 94  ? 6.583   12.971  -11.170 1.00 83.87  ? 187 ASN A CG  1 
ATOM   707  O OD1 . ASN A 1 94  ? 7.494   12.572  -11.917 1.00 97.17  ? 187 ASN A OD1 1 
ATOM   708  N ND2 . ASN A 1 94  ? 6.784   13.848  -10.180 1.00 80.93  ? 187 ASN A ND2 1 
ATOM   709  N N   . PRO A 1 95  ? 2.875   12.097  -8.726  1.00 57.54  ? 188 PRO A N   1 
ATOM   710  C CA  . PRO A 1 95  ? 1.437   12.188  -8.539  1.00 55.36  ? 188 PRO A CA  1 
ATOM   711  C C   . PRO A 1 95  ? 0.822   13.220  -9.440  1.00 61.88  ? 188 PRO A C   1 
ATOM   712  O O   . PRO A 1 95  ? 1.484   14.180  -9.854  1.00 59.40  ? 188 PRO A O   1 
ATOM   713  C CB  . PRO A 1 95  ? 1.293   12.604  -7.090  1.00 57.73  ? 188 PRO A CB  1 
ATOM   714  C CG  . PRO A 1 95  ? 2.534   13.328  -6.810  1.00 64.94  ? 188 PRO A CG  1 
ATOM   715  C CD  . PRO A 1 95  ? 3.615   12.649  -7.587  1.00 62.33  ? 188 PRO A CD  1 
ATOM   716  N N   . LYS A 1 96  ? -0.429  12.968  -9.784  1.00 64.77  ? 189 LYS A N   1 
ATOM   717  C CA  . LYS A 1 96  ? -1.257  13.960  -10.398 1.00 71.32  ? 189 LYS A CA  1 
ATOM   718  C C   . LYS A 1 96  ? -1.542  15.028  -9.333  1.00 76.81  ? 189 LYS A C   1 
ATOM   719  O O   . LYS A 1 96  ? -1.177  16.210  -9.516  1.00 70.03  ? 189 LYS A O   1 
ATOM   720  C CB  . LYS A 1 96  ? -2.551  13.334  -10.956 1.00 79.01  ? 189 LYS A CB  1 
ATOM   721  C CG  . LYS A 1 96  ? -2.374  12.218  -12.024 1.00 84.45  ? 189 LYS A CG  1 
ATOM   722  C CD  . LYS A 1 96  ? -1.296  12.478  -13.099 1.00 86.02  ? 189 LYS A CD  1 
ATOM   723  C CE  . LYS A 1 96  ? 0.018   11.738  -12.834 1.00 82.72  ? 189 LYS A CE  1 
ATOM   724  N NZ  . LYS A 1 96  ? 1.256   12.433  -13.303 1.00 79.26  ? 189 LYS A NZ  1 
ATOM   725  N N   . THR A 1 97  ? -2.217  14.653  -8.248  0.42 80.52  ? 190 THR A N   1 
ATOM   726  C CA  . THR A 1 97  ? -2.627  15.638  -7.237  0.42 82.21  ? 190 THR A CA  1 
ATOM   727  C C   . THR A 1 97  ? -1.541  15.782  -6.167  0.42 78.00  ? 190 THR A C   1 
ATOM   728  O O   . THR A 1 97  ? -1.511  15.030  -5.184  0.42 72.82  ? 190 THR A O   1 
ATOM   729  C CB  . THR A 1 97  ? -3.995  15.292  -6.594  0.42 87.31  ? 190 THR A CB  1 
ATOM   730  O OG1 . THR A 1 97  ? -4.908  14.834  -7.604  0.42 94.17  ? 190 THR A OG1 1 
ATOM   731  C CG2 . THR A 1 97  ? -4.589  16.521  -5.887  0.42 85.43  ? 190 THR A CG2 1 
ATOM   732  N N   . ARG A 1 98  ? -0.650  16.757  -6.366  0.42 72.24  ? 191 ARG A N   1 
ATOM   733  C CA  . ARG A 1 98  ? 0.397   17.062  -5.381  0.42 67.95  ? 191 ARG A CA  1 
ATOM   734  C C   . ARG A 1 98  ? -0.161  17.750  -4.121  0.42 64.23  ? 191 ARG A C   1 
ATOM   735  O O   . ARG A 1 98  ? 0.561   17.927  -3.135  0.42 62.84  ? 191 ARG A O   1 
ATOM   736  C CB  . ARG A 1 98  ? 1.515   17.900  -6.007  0.42 69.05  ? 191 ARG A CB  1 
ATOM   737  C CG  . ARG A 1 98  ? 2.266   17.193  -7.130  0.42 68.97  ? 191 ARG A CG  1 
ATOM   738  N N   . ARG A 1 99  ? -1.437  18.140  -4.162  1.00 57.63  ? 192 ARG A N   1 
ATOM   739  C CA  . ARG A 1 99  ? -2.166  18.596  -2.993  1.00 55.50  ? 192 ARG A CA  1 
ATOM   740  C C   . ARG A 1 99  ? -2.509  17.458  -1.977  1.00 53.98  ? 192 ARG A C   1 
ATOM   741  O O   . ARG A 1 99  ? -2.825  17.776  -0.820  1.00 48.92  ? 192 ARG A O   1 
ATOM   742  C CB  . ARG A 1 99  ? -3.447  19.380  -3.414  1.00 65.93  ? 192 ARG A CB  1 
ATOM   743  C CG  . ARG A 1 99  ? -3.212  20.727  -4.138  1.00 68.68  ? 192 ARG A CG  1 
ATOM   744  C CD  . ARG A 1 99  ? -4.492  21.402  -4.667  1.00 73.03  ? 192 ARG A CD  1 
ATOM   745  N NE  . ARG A 1 99  ? -4.590  22.811  -4.239  1.00 84.52  ? 192 ARG A NE  1 
ATOM   746  C CZ  . ARG A 1 99  ? -4.112  23.879  -4.889  1.00 87.81  ? 192 ARG A CZ  1 
ATOM   747  N NH1 . ARG A 1 99  ? -3.500  23.770  -6.074  1.00 98.21  ? 192 ARG A NH1 1 
ATOM   748  N NH2 . ARG A 1 99  ? -4.264  25.088  -4.349  1.00 81.87  ? 192 ARG A NH2 1 
ATOM   749  N N   . GLU A 1 100 ? -2.444  16.192  -2.402  0.42 53.13  ? 193 GLU A N   1 
ATOM   750  C CA  . GLU A 1 100 ? -2.772  15.050  -1.531  0.42 51.73  ? 193 GLU A CA  1 
ATOM   751  C C   . GLU A 1 100 ? -1.576  14.136  -1.194  0.42 47.67  ? 193 GLU A C   1 
ATOM   752  O O   . GLU A 1 100 ? -1.617  13.441  -0.179  0.42 46.05  ? 193 GLU A O   1 
ATOM   753  C CB  . GLU A 1 100 ? -3.942  14.265  -2.140  0.42 55.27  ? 193 GLU A CB  1 
ATOM   754  C CG  . GLU A 1 100 ? -5.156  15.164  -2.413  0.42 61.43  ? 193 GLU A CG  1 
ATOM   755  C CD  . GLU A 1 100 ? -6.397  14.425  -2.895  0.42 64.11  ? 193 GLU A CD  1 
ATOM   756  O OE1 . GLU A 1 100 ? -7.188  13.945  -2.043  0.42 64.32  ? 193 GLU A OE1 1 
ATOM   757  O OE2 . GLU A 1 100 ? -6.595  14.361  -4.132  0.42 66.62  ? 193 GLU A OE2 1 
ATOM   758  N N   . ILE A 1 101 ? -0.523  14.154  -2.022  1.00 42.80  ? 194 ILE A N   1 
ATOM   759  C CA  . ILE A 1 101 ? 0.674   13.321  -1.835  1.00 43.01  ? 194 ILE A CA  1 
ATOM   760  C C   . ILE A 1 101 ? 1.999   14.097  -1.696  1.00 41.12  ? 194 ILE A C   1 
ATOM   761  O O   . ILE A 1 101 ? 2.446   14.781  -2.627  1.00 43.32  ? 194 ILE A O   1 
ATOM   762  C CB  . ILE A 1 101 ? 0.846   12.358  -3.041  1.00 39.66  ? 194 ILE A CB  1 
ATOM   763  C CG1 . ILE A 1 101 ? -0.369  11.425  -3.175  1.00 39.39  ? 194 ILE A CG1 1 
ATOM   764  C CG2 . ILE A 1 101 ? 2.147   11.567  -2.970  1.00 39.97  ? 194 ILE A CG2 1 
ATOM   765  C CD1 . ILE A 1 101 ? -0.593  10.476  -2.048  1.00 38.56  ? 194 ILE A CD1 1 
ATOM   766  N N   . ARG A 1 102 ? 2.656   13.916  -0.556  1.00 38.57  ? 195 ARG A N   1 
ATOM   767  C CA  . ARG A 1 102 ? 3.897   14.605  -0.270  1.00 41.54  ? 195 ARG A CA  1 
ATOM   768  C C   . ARG A 1 102 ? 5.079   13.951  -0.979  1.00 40.58  ? 195 ARG A C   1 
ATOM   769  O O   . ARG A 1 102 ? 5.921   14.632  -1.517  1.00 39.57  ? 195 ARG A O   1 
ATOM   770  C CB  . ARG A 1 102 ? 4.181   14.668  1.245   1.00 38.89  ? 195 ARG A CB  1 
ATOM   771  C CG  . ARG A 1 102 ? 5.352   15.594  1.569   1.00 39.23  ? 195 ARG A CG  1 
ATOM   772  C CD  . ARG A 1 102 ? 5.849   15.355  2.961   1.00 39.08  ? 195 ARG A CD  1 
ATOM   773  N NE  . ARG A 1 102 ? 4.838   15.729  3.934   1.00 41.00  ? 195 ARG A NE  1 
ATOM   774  C CZ  . ARG A 1 102 ? 4.602   16.979  4.333   1.00 41.27  ? 195 ARG A CZ  1 
ATOM   775  N NH1 . ARG A 1 102 ? 5.270   17.991  3.813   1.00 41.68  ? 195 ARG A NH1 1 
ATOM   776  N NH2 . ARG A 1 102 ? 3.671   17.235  5.231   1.00 41.28  ? 195 ARG A NH2 1 
ATOM   777  N N   . ASN A 1 103 ? 5.150   12.627  -0.921  1.00 43.52  ? 196 ASN A N   1 
ATOM   778  C CA  . ASN A 1 103 ? 6.327   11.926  -1.359  1.00 39.00  ? 196 ASN A CA  1 
ATOM   779  C C   . ASN A 1 103 ? 5.958   10.500  -1.724  1.00 37.75  ? 196 ASN A C   1 
ATOM   780  O O   . ASN A 1 103 ? 4.897   10.008  -1.365  1.00 38.55  ? 196 ASN A O   1 
ATOM   781  C CB  . ASN A 1 103 ? 7.367   11.978  -0.239  1.00 38.66  ? 196 ASN A CB  1 
ATOM   782  C CG  . ASN A 1 103 ? 8.776   11.938  -0.764  1.00 46.02  ? 196 ASN A CG  1 
ATOM   783  O OD1 . ASN A 1 103 ? 8.992   11.741  -1.966  1.00 43.79  ? 196 ASN A OD1 1 
ATOM   784  N ND2 . ASN A 1 103 ? 9.752   12.067  0.134   1.00 46.59  ? 196 ASN A ND2 1 
ATOM   785  N N   . ILE A 1 104 ? 6.838   9.864   -2.471  1.00 37.55  ? 197 ILE A N   1 
ATOM   786  C CA  . ILE A 1 104 ? 6.664   8.530   -3.025  1.00 38.74  ? 197 ILE A CA  1 
ATOM   787  C C   . ILE A 1 104 ? 8.039   7.915   -2.934  1.00 39.86  ? 197 ILE A C   1 
ATOM   788  O O   . ILE A 1 104 ? 8.961   8.491   -3.481  1.00 39.38  ? 197 ILE A O   1 
ATOM   789  C CB  . ILE A 1 104 ? 6.287   8.566   -4.530  1.00 40.30  ? 197 ILE A CB  1 
ATOM   790  C CG1 . ILE A 1 104 ? 5.004   9.324   -4.731  1.00 46.49  ? 197 ILE A CG1 1 
ATOM   791  C CG2 . ILE A 1 104 ? 6.139   7.145   -5.116  1.00 39.17  ? 197 ILE A CG2 1 
ATOM   792  C CD1 . ILE A 1 104 ? 4.634   9.569   -6.164  1.00 50.08  ? 197 ILE A CD1 1 
ATOM   793  N N   . GLU A 1 105 ? 8.169   6.776   -2.248  1.00 40.50  ? 198 GLU A N   1 
ATOM   794  C CA  . GLU A 1 105 ? 9.465   6.126   -2.047  1.00 39.01  ? 198 GLU A CA  1 
ATOM   795  C C   . GLU A 1 105 ? 9.312   4.636   -2.037  1.00 33.88  ? 198 GLU A C   1 
ATOM   796  O O   . GLU A 1 105 ? 8.243   4.113   -1.673  1.00 33.36  ? 198 GLU A O   1 
ATOM   797  C CB  . GLU A 1 105 ? 10.093  6.517   -0.701  1.00 41.20  ? 198 GLU A CB  1 
ATOM   798  C CG  . GLU A 1 105 ? 10.658  7.906   -0.633  1.00 47.08  ? 198 GLU A CG  1 
ATOM   799  C CD  . GLU A 1 105 ? 11.267  8.223   0.727   1.00 53.32  ? 198 GLU A CD  1 
ATOM   800  O OE1 . GLU A 1 105 ? 11.752  7.295   1.420   1.00 57.50  ? 198 GLU A OE1 1 
ATOM   801  O OE2 . GLU A 1 105 ? 11.302  9.413   1.086   1.00 66.63  ? 198 GLU A OE2 1 
ATOM   802  N N   . TRP A 1 106 ? 10.422  3.982   -2.375  1.00 31.89  ? 199 TRP A N   1 
ATOM   803  C CA  . TRP A 1 106 ? 10.637  2.540   -2.181  1.00 34.46  ? 199 TRP A CA  1 
ATOM   804  C C   . TRP A 1 106 ? 11.108  2.286   -0.792  1.00 36.02  ? 199 TRP A C   1 
ATOM   805  O O   . TRP A 1 106 ? 11.988  2.994   -0.311  1.00 40.36  ? 199 TRP A O   1 
ATOM   806  C CB  . TRP A 1 106 ? 11.768  1.992   -3.110  1.00 36.23  ? 199 TRP A CB  1 
ATOM   807  C CG  . TRP A 1 106 ? 11.407  2.019   -4.528  1.00 37.42  ? 199 TRP A CG  1 
ATOM   808  C CD1 . TRP A 1 106 ? 11.755  2.965   -5.424  1.00 40.81  ? 199 TRP A CD1 1 
ATOM   809  C CD2 . TRP A 1 106 ? 10.528  1.105   -5.223  1.00 37.18  ? 199 TRP A CD2 1 
ATOM   810  N NE1 . TRP A 1 106 ? 11.183  2.688   -6.644  1.00 43.28  ? 199 TRP A NE1 1 
ATOM   811  C CE2 . TRP A 1 106 ? 10.424  1.555   -6.544  1.00 37.34  ? 199 TRP A CE2 1 
ATOM   812  C CE3 . TRP A 1 106 ? 9.795   -0.017  -4.839  1.00 39.65  ? 199 TRP A CE3 1 
ATOM   813  C CZ2 . TRP A 1 106 ? 9.663   0.887   -7.513  1.00 42.63  ? 199 TRP A CZ2 1 
ATOM   814  C CZ3 . TRP A 1 106 ? 9.018   -0.692  -5.811  1.00 40.23  ? 199 TRP A CZ3 1 
ATOM   815  C CH2 . TRP A 1 106 ? 8.957   -0.236  -7.120  1.00 40.32  ? 199 TRP A CH2 1 
ATOM   816  N N   . PHE A 1 107 ? 10.610  1.216   -0.197  1.00 34.67  ? 200 PHE A N   1 
ATOM   817  C CA  . PHE A 1 107 ? 10.993  0.787   1.121   1.00 36.13  ? 200 PHE A CA  1 
ATOM   818  C C   . PHE A 1 107 ? 11.263  -0.667  1.082   1.00 40.53  ? 200 PHE A C   1 
ATOM   819  O O   . PHE A 1 107 ? 10.488  -1.440  0.456   1.00 41.79  ? 200 PHE A O   1 
ATOM   820  C CB  . PHE A 1 107 ? 9.886   1.044   2.174   1.00 35.50  ? 200 PHE A CB  1 
ATOM   821  C CG  . PHE A 1 107 ? 9.707   2.496   2.494   1.00 34.22  ? 200 PHE A CG  1 
ATOM   822  C CD1 . PHE A 1 107 ? 8.867   3.268   1.730   1.00 34.66  ? 200 PHE A CD1 1 
ATOM   823  C CD2 . PHE A 1 107 ? 10.482  3.108   3.495   1.00 35.32  ? 200 PHE A CD2 1 
ATOM   824  C CE1 . PHE A 1 107 ? 8.742   4.617   1.981   1.00 37.68  ? 200 PHE A CE1 1 
ATOM   825  C CE2 . PHE A 1 107 ? 10.362  4.472   3.752   1.00 33.88  ? 200 PHE A CE2 1 
ATOM   826  C CZ  . PHE A 1 107 ? 9.483   5.218   2.981   1.00 34.49  ? 200 PHE A CZ  1 
ATOM   827  N N   . SER A 1 108 ? 12.303  -1.052  1.832   1.00 42.75  ? 201 SER A N   1 
ATOM   828  C CA  . SER A 1 108 ? 12.707  -2.451  1.933   1.00 42.02  ? 201 SER A CA  1 
ATOM   829  C C   . SER A 1 108 ? 11.691  -3.170  2.752   1.00 39.38  ? 201 SER A C   1 
ATOM   830  O O   . SER A 1 108 ? 11.467  -2.797  3.882   1.00 39.69  ? 201 SER A O   1 
ATOM   831  C CB  . SER A 1 108 ? 14.075  -2.602  2.588   1.00 43.93  ? 201 SER A CB  1 
ATOM   832  O OG  . SER A 1 108 ? 14.241  -3.911  3.054   1.00 47.23  ? 201 SER A OG  1 
ATOM   833  N N   . ILE A 1 109 ? 11.107  -4.232  2.193   1.00 43.02  ? 202 ILE A N   1 
ATOM   834  C CA  . ILE A 1 109 ? 10.089  -5.015  2.889   1.00 43.54  ? 202 ILE A CA  1 
ATOM   835  C C   . ILE A 1 109 ? 10.592  -5.559  4.207   1.00 48.05  ? 202 ILE A C   1 
ATOM   836  O O   . ILE A 1 109 ? 9.861   -5.562  5.199   1.00 44.88  ? 202 ILE A O   1 
ATOM   837  C CB  . ILE A 1 109 ? 9.643   -6.196  2.047   1.00 49.97  ? 202 ILE A CB  1 
ATOM   838  C CG1 . ILE A 1 109 ? 8.827   -5.715  0.863   1.00 55.79  ? 202 ILE A CG1 1 
ATOM   839  C CG2 . ILE A 1 109 ? 8.728   -7.117  2.856   1.00 53.09  ? 202 ILE A CG2 1 
ATOM   840  C CD1 . ILE A 1 109 ? 8.403   -6.848  -0.052  1.00 58.11  ? 202 ILE A CD1 1 
ATOM   841  N N   . GLU A 1 110 ? 11.847  -6.024  4.213   1.00 51.00  ? 203 GLU A N   1 
ATOM   842  C CA  . GLU A 1 110 ? 12.383  -6.673  5.392   1.00 57.95  ? 203 GLU A CA  1 
ATOM   843  C C   . GLU A 1 110 ? 12.668  -5.708  6.561   1.00 52.17  ? 203 GLU A C   1 
ATOM   844  O O   . GLU A 1 110 ? 12.712  -6.146  7.702   1.00 47.97  ? 203 GLU A O   1 
ATOM   845  C CB  . GLU A 1 110 ? 13.560  -7.606  5.028   1.00 69.22  ? 203 GLU A CB  1 
ATOM   846  C CG  . GLU A 1 110 ? 14.876  -6.962  4.602   1.00 82.80  ? 203 GLU A CG  1 
ATOM   847  C CD  . GLU A 1 110 ? 15.891  -7.971  4.031   1.00 93.51  ? 203 GLU A CD  1 
ATOM   848  O OE1 . GLU A 1 110 ? 15.587  -9.196  3.958   1.00 90.62  ? 203 GLU A OE1 1 
ATOM   849  O OE2 . GLU A 1 110 ? 17.007  -7.525  3.659   1.00 97.23  ? 203 GLU A OE2 1 
ATOM   850  N N   . LYS A 1 111 ? 12.779  -4.406  6.286   1.00 50.81  ? 204 LYS A N   1 
ATOM   851  C CA  . LYS A 1 111 ? 12.964  -3.381  7.317   1.00 47.65  ? 204 LYS A CA  1 
ATOM   852  C C   . LYS A 1 111 ? 11.681  -2.674  7.752   1.00 47.49  ? 204 LYS A C   1 
ATOM   853  O O   . LYS A 1 111 ? 11.718  -1.909  8.686   1.00 54.22  ? 204 LYS A O   1 
ATOM   854  C CB  . LYS A 1 111 ? 13.925  -2.313  6.824   1.00 54.44  ? 204 LYS A CB  1 
ATOM   855  C CG  . LYS A 1 111 ? 15.284  -2.815  6.358   1.00 64.36  ? 204 LYS A CG  1 
ATOM   856  C CD  . LYS A 1 111 ? 16.220  -1.614  6.190   1.00 73.57  ? 204 LYS A CD  1 
ATOM   857  C CE  . LYS A 1 111 ? 17.207  -1.763  5.038   1.00 82.47  ? 204 LYS A CE  1 
ATOM   858  N NZ  . LYS A 1 111 ? 17.355  -0.466  4.295   1.00 86.96  ? 204 LYS A NZ  1 
ATOM   859  N N   . LEU A 1 112 ? 10.558  -2.874  7.065   1.00 50.09  ? 205 LEU A N   1 
ATOM   860  C CA  . LEU A 1 112 ? 9.298   -2.321  7.527   1.00 46.55  ? 205 LEU A CA  1 
ATOM   861  C C   . LEU A 1 112 ? 8.852   -3.145  8.727   1.00 46.89  ? 205 LEU A C   1 
ATOM   862  O O   . LEU A 1 112 ? 9.074   -4.350  8.786   1.00 50.92  ? 205 LEU A O   1 
ATOM   863  C CB  . LEU A 1 112 ? 8.223   -2.364  6.430   1.00 46.89  ? 205 LEU A CB  1 
ATOM   864  C CG  . LEU A 1 112 ? 8.414   -1.395  5.246   1.00 44.70  ? 205 LEU A CG  1 
ATOM   865  C CD1 . LEU A 1 112 ? 7.515   -1.800  4.072   1.00 42.29  ? 205 LEU A CD1 1 
ATOM   866  C CD2 . LEU A 1 112 ? 8.149   0.050   5.692   1.00 41.81  ? 205 LEU A CD2 1 
ATOM   867  N N   . PRO A 1 113 ? 8.211   -2.502  9.697   1.00 48.61  ? 206 PRO A N   1 
ATOM   868  C CA  . PRO A 1 113 ? 7.611   -3.304  10.777  1.00 50.49  ? 206 PRO A CA  1 
ATOM   869  C C   . PRO A 1 113 ? 6.392   -4.086  10.259  1.00 50.58  ? 206 PRO A C   1 
ATOM   870  O O   . PRO A 1 113 ? 5.799   -3.697  9.246   1.00 43.87  ? 206 PRO A O   1 
ATOM   871  C CB  . PRO A 1 113 ? 7.190   -2.245  11.786  1.00 46.17  ? 206 PRO A CB  1 
ATOM   872  C CG  . PRO A 1 113 ? 6.898   -1.051  10.923  1.00 49.22  ? 206 PRO A CG  1 
ATOM   873  C CD  . PRO A 1 113 ? 7.866   -1.074  9.785   1.00 48.36  ? 206 PRO A CD  1 
ATOM   874  N N   . CYS A 1 114 ? 6.032   -5.181  10.921  1.00 51.76  ? 207 CYS A N   1 
ATOM   875  C CA  . CYS A 1 114 ? 4.779   -5.863  10.629  1.00 57.25  ? 207 CYS A CA  1 
ATOM   876  C C   . CYS A 1 114 ? 3.895   -5.886  11.864  1.00 60.85  ? 207 CYS A C   1 
ATOM   877  O O   . CYS A 1 114 ? 2.936   -6.650  11.934  1.00 64.60  ? 207 CYS A O   1 
ATOM   878  C CB  . CYS A 1 114 ? 5.037   -7.258  10.111  1.00 59.01  ? 207 CYS A CB  1 
ATOM   879  S SG  . CYS A 1 114 ? 6.053   -8.161  11.255  1.00 73.64  ? 207 CYS A SG  1 
ATOM   880  N N   . HIS A 1 115 ? 4.200   -5.004  12.811  1.00 64.13  ? 208 HIS A N   1 
ATOM   881  C CA  . HIS A 1 115 ? 3.357   -4.734  13.991  1.00 66.71  ? 208 HIS A CA  1 
ATOM   882  C C   . HIS A 1 115 ? 3.928   -3.452  14.529  1.00 64.13  ? 208 HIS A C   1 
ATOM   883  O O   . HIS A 1 115 ? 5.118   -3.179  14.300  1.00 68.95  ? 208 HIS A O   1 
ATOM   884  C CB  . HIS A 1 115 ? 3.549   -5.832  15.059  1.00 70.82  ? 208 HIS A CB  1 
ATOM   885  C CG  . HIS A 1 115 ? 4.979   -5.977  15.518  1.00 76.87  ? 208 HIS A CG  1 
ATOM   886  N ND1 . HIS A 1 115 ? 5.574   -5.105  16.409  1.00 75.64  ? 208 HIS A ND1 1 
ATOM   887  C CD2 . HIS A 1 115 ? 5.944   -6.851  15.156  1.00 72.88  ? 208 HIS A CD2 1 
ATOM   888  C CE1 . HIS A 1 115 ? 6.835   -5.445  16.583  1.00 75.24  ? 208 HIS A CE1 1 
ATOM   889  N NE2 . HIS A 1 115 ? 7.085   -6.501  15.836  1.00 76.09  ? 208 HIS A NE2 1 
ATOM   890  N N   . ARG A 1 116 ? 3.117   -2.669  15.235  0.42 66.77  ? 209 ARG A N   1 
ATOM   891  C CA  . ARG A 1 116 ? 3.630   -1.517  15.986  0.42 68.11  ? 209 ARG A CA  1 
ATOM   892  C C   . ARG A 1 116 ? 4.126   -1.991  17.351  0.42 69.83  ? 209 ARG A C   1 
ATOM   893  O O   . ARG A 1 116 ? 3.611   -2.970  17.897  0.42 72.22  ? 209 ARG A O   1 
ATOM   894  C CB  . ARG A 1 116 ? 2.558   -0.442  16.143  0.42 66.14  ? 209 ARG A CB  1 
ATOM   895  C CG  . ARG A 1 116 ? 2.181   0.220   14.829  0.42 65.91  ? 209 ARG A CG  1 
ATOM   896  C CD  . ARG A 1 116 ? 0.790   0.813   14.876  0.42 66.06  ? 209 ARG A CD  1 
ATOM   897  N NE  . ARG A 1 116 ? 0.746   2.067   15.630  0.42 65.90  ? 209 ARG A NE  1 
ATOM   898  C CZ  . ARG A 1 116 ? -0.318  2.558   16.279  0.42 66.80  ? 209 ARG A CZ  1 
ATOM   899  N NH1 . ARG A 1 116 ? -1.488  1.911   16.315  0.42 68.28  ? 209 ARG A NH1 1 
ATOM   900  N NH2 . ARG A 1 116 ? -0.210  3.720   16.919  0.42 63.90  ? 209 ARG A NH2 1 
ATOM   901  N N   . ASN A 1 117 ? 5.143   -1.316  17.880  1.00 73.14  ? 210 ASN A N   1 
ATOM   902  C CA  . ASN A 1 117 ? 5.662   -1.589  19.218  1.00 79.80  ? 210 ASN A CA  1 
ATOM   903  C C   . ASN A 1 117 ? 4.721   -1.040  20.265  1.00 82.11  ? 210 ASN A C   1 
ATOM   904  O O   . ASN A 1 117 ? 4.015   -0.020  20.065  1.00 60.02  ? 210 ASN A O   1 
ATOM   905  C CB  . ASN A 1 117 ? 7.042   -0.942  19.427  1.00 83.92  ? 210 ASN A CB  1 
ATOM   906  C CG  . ASN A 1 117 ? 8.015   -1.301  18.330  1.00 83.32  ? 210 ASN A CG  1 
ATOM   907  O OD1 . ASN A 1 117 ? 8.003   -2.437  17.816  1.00 68.42  ? 210 ASN A OD1 1 
ATOM   908  N ND2 . ASN A 1 117 ? 8.839   -0.332  17.935  1.00 75.69  ? 210 ASN A ND2 1 
ATOM   909  N N   . ASP A 1 118 ? 4.738   -1.737  21.394  1.00 91.46  ? 211 ASP A N   1 
ATOM   910  C CA  . ASP A 1 118 ? 3.989   -1.311  22.554  1.00 94.98  ? 211 ASP A CA  1 
ATOM   911  C C   . ASP A 1 118 ? 4.850   -0.281  23.325  1.00 93.26  ? 211 ASP A C   1 
ATOM   912  O O   . ASP A 1 118 ? 5.823   0.278   22.760  1.00 73.33  ? 211 ASP A O   1 
ATOM   913  C CB  . ASP A 1 118 ? 3.429   -2.532  23.353  1.00 90.56  ? 211 ASP A CB  1 
ATOM   914  C CG  . ASP A 1 118 ? 4.477   -3.511  23.823  1.00 86.97  ? 211 ASP A CG  1 
ATOM   915  O OD1 . ASP A 1 118 ? 5.695   -3.206  23.801  1.00 85.31  ? 211 ASP A OD1 1 
ATOM   916  O OD2 . ASP A 1 118 ? 4.038   -4.606  24.240  1.00 85.72  ? 211 ASP A OD2 1 
ATOM   917  N N   . MET A 1 119 ? 4.430   0.034   24.551  1.00 101.32 ? 212 MET A N   1 
ATOM   918  C CA  . MET A 1 119 ? 5.135   0.967   25.424  1.00 100.79 ? 212 MET A CA  1 
ATOM   919  C C   . MET A 1 119 ? 5.342   0.288   26.796  1.00 115.50 ? 212 MET A C   1 
ATOM   920  O O   . MET A 1 119 ? 5.219   0.935   27.843  1.00 122.55 ? 212 MET A O   1 
ATOM   921  C CB  . MET A 1 119 ? 4.324   2.278   25.517  1.00 88.86  ? 212 MET A CB  1 
ATOM   922  C CG  . MET A 1 119 ? 3.811   2.748   24.156  1.00 82.44  ? 212 MET A CG  1 
ATOM   923  S SD  . MET A 1 119 ? 3.210   4.440   23.942  1.00 81.01  ? 212 MET A SD  1 
ATOM   924  C CE  . MET A 1 119 ? 1.433   4.229   24.024  1.00 81.96  ? 212 MET A CE  1 
ATOM   925  N N   . THR A 1 120 ? 5.677   -1.014  26.777  1.00 118.88 ? 213 THR A N   1 
ATOM   926  C CA  . THR A 1 120 ? 5.937   -1.806  27.998  1.00 118.60 ? 213 THR A CA  1 
ATOM   927  C C   . THR A 1 120 ? 7.190   -1.371  28.804  1.00 117.43 ? 213 THR A C   1 
ATOM   928  O O   . THR A 1 120 ? 7.190   -1.536  30.019  1.00 102.18 ? 213 THR A O   1 
ATOM   929  C CB  . THR A 1 120 ? 5.990   -3.347  27.734  1.00 120.87 ? 213 THR A CB  1 
ATOM   930  O OG1 . THR A 1 120 ? 6.985   -3.663  26.754  1.00 128.79 ? 213 THR A OG1 1 
ATOM   931  C CG2 . THR A 1 120 ? 4.641   -3.887  27.265  1.00 118.11 ? 213 THR A CG2 1 
ATOM   932  N N   . PRO A 1 121 ? 8.248   -0.815  28.142  1.00 137.34 ? 214 PRO A N   1 
ATOM   933  C CA  . PRO A 1 121 ? 9.276   -0.113  28.952  1.00 129.22 ? 214 PRO A CA  1 
ATOM   934  C C   . PRO A 1 121 ? 8.875   1.298   29.494  1.00 116.37 ? 214 PRO A C   1 
ATOM   935  O O   . PRO A 1 121 ? 9.746   2.017   29.984  1.00 113.11 ? 214 PRO A O   1 
ATOM   936  C CB  . PRO A 1 121 ? 10.488  -0.039  27.996  1.00 132.38 ? 214 PRO A CB  1 
ATOM   937  C CG  . PRO A 1 121 ? 9.910   -0.123  26.626  1.00 135.12 ? 214 PRO A CG  1 
ATOM   938  C CD  . PRO A 1 121 ? 8.717   -1.028  26.750  1.00 138.82 ? 214 PRO A CD  1 
ATOM   939  N N   . LYS A 1 122 ? 7.597   1.691   29.381  1.00 104.32 ? 215 LYS A N   1 
ATOM   940  C CA  . LYS A 1 122 ? 7.015   2.864   30.069  1.00 96.98  ? 215 LYS A CA  1 
ATOM   941  C C   . LYS A 1 122 ? 5.806   2.494   31.003  1.00 99.34  ? 215 LYS A C   1 
ATOM   942  O O   . LYS A 1 122 ? 5.261   3.379   31.685  1.00 104.14 ? 215 LYS A O   1 
ATOM   943  C CB  . LYS A 1 122 ? 6.594   3.911   29.016  1.00 90.18  ? 215 LYS A CB  1 
ATOM   944  C CG  . LYS A 1 122 ? 6.401   5.335   29.531  1.00 84.82  ? 215 LYS A CG  1 
ATOM   945  N N   . SER A 1 123 ? 5.416   1.204   31.054  1.00 85.20  ? 216 SER A N   1 
ATOM   946  C CA  . SER A 1 123 ? 4.217   0.721   31.787  1.00 69.80  ? 216 SER A CA  1 
ATOM   947  C C   . SER A 1 123 ? 2.871   1.385   31.347  1.00 62.19  ? 216 SER A C   1 
ATOM   948  O O   . SER A 1 123 ? 1.962   1.648   32.133  1.00 54.99  ? 216 SER A O   1 
ATOM   949  C CB  . SER A 1 123 ? 4.447   0.843   33.286  1.00 69.41  ? 216 SER A CB  1 
ATOM   950  O OG  . SER A 1 123 ? 5.596   0.110   33.664  1.00 76.08  ? 216 SER A OG  1 
ATOM   951  N N   . LYS A 1 124 ? 2.755   1.616   30.051  1.00 54.13  ? 217 LYS A N   1 
ATOM   952  C CA  . LYS A 1 124 ? 1.680   2.375   29.476  1.00 51.98  ? 217 LYS A CA  1 
ATOM   953  C C   . LYS A 1 124 ? 1.034   1.510   28.392  1.00 51.37  ? 217 LYS A C   1 
ATOM   954  O O   . LYS A 1 124 ? 1.740   0.803   27.610  1.00 46.03  ? 217 LYS A O   1 
ATOM   955  C CB  . LYS A 1 124 ? 2.277   3.679   28.921  1.00 58.85  ? 217 LYS A CB  1 
ATOM   956  C CG  . LYS A 1 124 ? 1.321   4.673   28.299  1.00 66.27  ? 217 LYS A CG  1 
ATOM   957  C CD  . LYS A 1 124 ? 2.081   5.903   27.815  1.00 71.77  ? 217 LYS A CD  1 
ATOM   958  N N   . LEU A 1 125 ? -0.297  1.544   28.354  1.00 44.54  ? 218 LEU A N   1 
ATOM   959  C CA  . LEU A 1 125 ? -1.048  0.795   27.341  1.00 48.32  ? 218 LEU A CA  1 
ATOM   960  C C   . LEU A 1 125 ? -1.067  1.503   26.004  1.00 46.37  ? 218 LEU A C   1 
ATOM   961  O O   . LEU A 1 125 ? -1.167  2.736   25.937  1.00 46.18  ? 218 LEU A O   1 
ATOM   962  C CB  . LEU A 1 125 ? -2.521  0.576   27.729  1.00 44.33  ? 218 LEU A CB  1 
ATOM   963  C CG  . LEU A 1 125 ? -2.851  -0.065  29.075  1.00 44.81  ? 218 LEU A CG  1 
ATOM   964  C CD1 . LEU A 1 125 ? -4.347  -0.211  29.227  1.00 49.96  ? 218 LEU A CD1 1 
ATOM   965  C CD2 . LEU A 1 125 ? -2.161  -1.392  29.294  1.00 43.83  ? 218 LEU A CD2 1 
ATOM   966  N N   . GLY A 1 126 ? -1.074  0.671   24.969  1.00 45.37  ? 219 GLY A N   1 
ATOM   967  C CA  . GLY A 1 126 ? -1.393  1.057   23.598  1.00 46.50  ? 219 GLY A CA  1 
ATOM   968  C C   . GLY A 1 126 ? -0.153  0.865   22.763  1.00 46.78  ? 219 GLY A C   1 
ATOM   969  O O   . GLY A 1 126 ? 0.795   0.162   23.162  1.00 47.15  ? 219 GLY A O   1 
ATOM   970  N N   . LEU A 1 127 ? -0.131  1.560   21.635  1.00 51.97  ? 220 LEU A N   1 
ATOM   971  C CA  . LEU A 1 127 ? 0.950   1.444   20.648  1.00 50.51  ? 220 LEU A CA  1 
ATOM   972  C C   . LEU A 1 127 ? 1.639   2.779   20.477  1.00 43.88  ? 220 LEU A C   1 
ATOM   973  O O   . LEU A 1 127 ? 0.967   3.786   20.482  1.00 41.71  ? 220 LEU A O   1 
ATOM   974  C CB  . LEU A 1 127 ? 0.344   0.986   19.327  1.00 52.91  ? 220 LEU A CB  1 
ATOM   975  C CG  . LEU A 1 127 ? -0.251  -0.422  19.390  1.00 55.60  ? 220 LEU A CG  1 
ATOM   976  C CD1 . LEU A 1 127 ? -1.050  -0.631  18.127  1.00 59.35  ? 220 LEU A CD1 1 
ATOM   977  C CD2 . LEU A 1 127 ? 0.861   -1.469  19.548  1.00 58.36  ? 220 LEU A CD2 1 
ATOM   978  N N   . ALA A 1 128 ? 2.968   2.778   20.340  1.00 45.70  ? 221 ALA A N   1 
ATOM   979  C CA  . ALA A 1 128 ? 3.724   3.977   19.939  1.00 52.30  ? 221 ALA A CA  1 
ATOM   980  C C   . ALA A 1 128 ? 3.348   4.360   18.509  1.00 51.40  ? 221 ALA A C   1 
ATOM   981  O O   . ALA A 1 128 ? 3.008   3.488   17.703  1.00 53.23  ? 221 ALA A O   1 
ATOM   982  C CB  . ALA A 1 128 ? 5.229   3.723   19.993  1.00 55.95  ? 221 ALA A CB  1 
ATOM   983  N N   . PRO A 1 129 ? 3.475   5.648   18.171  1.00 59.89  ? 222 PRO A N   1 
ATOM   984  C CA  . PRO A 1 129 ? 3.143   6.043   16.816  1.00 55.60  ? 222 PRO A CA  1 
ATOM   985  C C   . PRO A 1 129 ? 4.186   5.470   15.883  1.00 51.28  ? 222 PRO A C   1 
ATOM   986  O O   . PRO A 1 129 ? 5.310   5.147   16.306  1.00 44.87  ? 222 PRO A O   1 
ATOM   987  C CB  . PRO A 1 129 ? 3.172   7.580   16.862  1.00 60.25  ? 222 PRO A CB  1 
ATOM   988  C CG  . PRO A 1 129 ? 3.381   7.959   18.324  1.00 63.05  ? 222 PRO A CG  1 
ATOM   989  C CD  . PRO A 1 129 ? 4.066   6.777   18.928  1.00 66.28  ? 222 PRO A CD  1 
ATOM   990  N N   . ASN A 1 130 ? 3.760   5.237   14.653  1.00 45.88  ? 223 ASN A N   1 
ATOM   991  C CA  . ASN A 1 130 ? 4.621   4.639   13.673  1.00 43.78  ? 223 ASN A CA  1 
ATOM   992  C C   . ASN A 1 130 ? 4.230   5.255   12.391  1.00 41.98  ? 223 ASN A C   1 
ATOM   993  O O   . ASN A 1 130 ? 3.057   5.235   12.072  1.00 36.18  ? 223 ASN A O   1 
ATOM   994  C CB  . ASN A 1 130 ? 4.429   3.134   13.599  1.00 47.56  ? 223 ASN A CB  1 
ATOM   995  C CG  . ASN A 1 130 ? 5.529   2.469   12.790  1.00 52.99  ? 223 ASN A CG  1 
ATOM   996  O OD1 . ASN A 1 130 ? 5.523   2.579   11.588  1.00 48.00  ? 223 ASN A OD1 1 
ATOM   997  N ND2 . ASN A 1 130 ? 6.502   1.855   13.440  1.00 54.87  ? 223 ASN A ND2 1 
ATOM   998  N N   . LYS A 1 131 ? 5.207   5.783   11.644  1.00 36.30  ? 224 LYS A N   1 
ATOM   999  C CA  . LYS A 1 131 ? 4.897   6.428   10.371  1.00 37.47  ? 224 LYS A CA  1 
ATOM   1000 C C   . LYS A 1 131 ? 4.362   5.459   9.283   1.00 35.20  ? 224 LYS A C   1 
ATOM   1001 O O   . LYS A 1 131 ? 3.817   5.898   8.285   1.00 35.85  ? 224 LYS A O   1 
ATOM   1002 C CB  . LYS A 1 131 ? 6.075   7.270   9.871   1.00 39.47  ? 224 LYS A CB  1 
ATOM   1003 C CG  . LYS A 1 131 ? 7.385   6.538   9.658   1.00 42.54  ? 224 LYS A CG  1 
ATOM   1004 C CD  . LYS A 1 131 ? 8.339   7.457   8.956   1.00 49.55  ? 224 LYS A CD  1 
ATOM   1005 C CE  . LYS A 1 131 ? 9.673   6.809   8.651   1.00 60.57  ? 224 LYS A CE  1 
ATOM   1006 N NZ  . LYS A 1 131 ? 10.528  7.817   7.932   1.00 69.30  ? 224 LYS A NZ  1 
ATOM   1007 N N   . PHE A 1 132 ? 4.510   4.149   9.501   1.00 34.73  ? 225 PHE A N   1 
ATOM   1008 C CA  . PHE A 1 132 ? 4.008   3.120   8.606   1.00 35.39  ? 225 PHE A CA  1 
ATOM   1009 C C   . PHE A 1 132 ? 2.691   2.432   9.054   1.00 39.32  ? 225 PHE A C   1 
ATOM   1010 O O   . PHE A 1 132 ? 2.380   1.341   8.565   1.00 33.97  ? 225 PHE A O   1 
ATOM   1011 C CB  . PHE A 1 132 ? 5.085   2.101   8.448   1.00 32.80  ? 225 PHE A CB  1 
ATOM   1012 C CG  . PHE A 1 132 ? 6.391   2.681   7.941   1.00 34.20  ? 225 PHE A CG  1 
ATOM   1013 C CD1 . PHE A 1 132 ? 6.505   3.075   6.623   1.00 35.05  ? 225 PHE A CD1 1 
ATOM   1014 C CD2 . PHE A 1 132 ? 7.494   2.797   8.761   1.00 37.48  ? 225 PHE A CD2 1 
ATOM   1015 C CE1 . PHE A 1 132 ? 7.685   3.594   6.142   1.00 38.15  ? 225 PHE A CE1 1 
ATOM   1016 C CE2 . PHE A 1 132 ? 8.704   3.297   8.283   1.00 39.50  ? 225 PHE A CE2 1 
ATOM   1017 C CZ  . PHE A 1 132 ? 8.785   3.705   6.975   1.00 39.28  ? 225 PHE A CZ  1 
ATOM   1018 N N   . PHE A 1 133 ? 1.937   3.090   9.942   0.42 38.74  ? 226 PHE A N   1 
ATOM   1019 C CA  . PHE A 1 133 ? 0.667   2.568   10.475  0.42 39.83  ? 226 PHE A CA  1 
ATOM   1020 C C   . PHE A 1 133 ? -0.203  1.915   9.406   0.42 36.95  ? 226 PHE A C   1 
ATOM   1021 O O   . PHE A 1 133 ? -0.624  0.782   9.573   0.42 37.43  ? 226 PHE A O   1 
ATOM   1022 C CB  . PHE A 1 133 ? -0.118  3.691   11.181  0.42 41.37  ? 226 PHE A CB  1 
ATOM   1023 C CG  . PHE A 1 133 ? -1.479  3.273   11.684  0.42 43.34  ? 226 PHE A CG  1 
ATOM   1024 C CD1 . PHE A 1 133 ? -1.615  2.594   12.892  0.42 46.75  ? 226 PHE A CD1 1 
ATOM   1025 C CD2 . PHE A 1 133 ? -2.626  3.577   10.962  0.42 46.53  ? 226 PHE A CD2 1 
ATOM   1026 C CE1 . PHE A 1 133 ? -2.868  2.211   13.364  0.42 46.97  ? 226 PHE A CE1 1 
ATOM   1027 C CE2 . PHE A 1 133 ? -3.881  3.193   11.426  0.42 48.04  ? 226 PHE A CE2 1 
ATOM   1028 C CZ  . PHE A 1 133 ? -4.001  2.509   12.626  0.42 47.48  ? 226 PHE A CZ  1 
ATOM   1029 N N   . MET A 1 134 ? -0.458  2.621   8.311   0.42 35.30  ? 227 MET A N   1 
ATOM   1030 C CA  . MET A 1 134 ? -1.372  2.120   7.270   0.42 34.67  ? 227 MET A CA  1 
ATOM   1031 C C   . MET A 1 134 ? -0.817  0.983   6.426   0.42 36.65  ? 227 MET A C   1 
ATOM   1032 O O   . MET A 1 134 ? -1.594  0.204   5.884   0.42 37.29  ? 227 MET A O   1 
ATOM   1033 C CB  . MET A 1 134 ? -1.827  3.242   6.335   0.42 32.65  ? 227 MET A CB  1 
ATOM   1034 C CG  . MET A 1 134 ? -2.774  4.246   6.961   0.42 31.71  ? 227 MET A CG  1 
ATOM   1035 S SD  . MET A 1 134 ? -4.312  3.594   7.614   0.42 29.94  ? 227 MET A SD  1 
ATOM   1036 C CE  . MET A 1 134 ? -5.153  3.128   6.110   0.42 30.59  ? 227 MET A CE  1 
ATOM   1037 N N   . ALA A 1 135 ? 0.506   0.899   6.289   1.00 39.02  ? 228 ALA A N   1 
ATOM   1038 C CA  . ALA A 1 135 ? 1.120   -0.209  5.567   1.00 35.81  ? 228 ALA A CA  1 
ATOM   1039 C C   . ALA A 1 135 ? 1.205   -1.491  6.365   1.00 38.35  ? 228 ALA A C   1 
ATOM   1040 O O   . ALA A 1 135 ? 1.022   -2.599  5.835   1.00 36.56  ? 228 ALA A O   1 
ATOM   1041 C CB  . ALA A 1 135 ? 2.498   0.189   5.147   1.00 36.24  ? 228 ALA A CB  1 
ATOM   1042 N N   . ILE A 1 136 ? 1.512   -1.341  7.650   1.00 37.46  ? 229 ILE A N   1 
ATOM   1043 C CA  . ILE A 1 136 ? 1.747   -2.454  8.566   1.00 38.09  ? 229 ILE A CA  1 
ATOM   1044 C C   . ILE A 1 136 ? 0.818   -3.658  8.472   1.00 38.05  ? 229 ILE A C   1 
ATOM   1045 O O   . ILE A 1 136 ? 1.295   -4.792  8.429   1.00 36.74  ? 229 ILE A O   1 
ATOM   1046 C CB  . ILE A 1 136 ? 1.815   -1.905  10.017  1.00 44.32  ? 229 ILE A CB  1 
ATOM   1047 C CG1 . ILE A 1 136 ? 3.234   -1.390  10.237  1.00 44.28  ? 229 ILE A CG1 1 
ATOM   1048 C CG2 . ILE A 1 136 ? 1.464   -2.945  11.087  1.00 40.14  ? 229 ILE A CG2 1 
ATOM   1049 C CD1 . ILE A 1 136 ? 3.375   -0.575  11.495  1.00 46.26  ? 229 ILE A CD1 1 
ATOM   1050 N N   . PRO A 1 137 ? -0.506  -3.448  8.476   1.00 36.19  ? 230 PRO A N   1 
ATOM   1051 C CA  . PRO A 1 137 ? -1.346  -4.649  8.448   1.00 39.43  ? 230 PRO A CA  1 
ATOM   1052 C C   . PRO A 1 137 ? -1.177  -5.522  7.171   1.00 39.63  ? 230 PRO A C   1 
ATOM   1053 O O   . PRO A 1 137 ? -1.576  -6.665  7.158   1.00 44.49  ? 230 PRO A O   1 
ATOM   1054 C CB  . PRO A 1 137 ? -2.781  -4.093  8.532   1.00 41.52  ? 230 PRO A CB  1 
ATOM   1055 C CG  . PRO A 1 137 ? -2.669  -2.701  8.975   1.00 43.92  ? 230 PRO A CG  1 
ATOM   1056 C CD  . PRO A 1 137 ? -1.293  -2.215  8.578   1.00 41.04  ? 230 PRO A CD  1 
ATOM   1057 N N   . PHE A 1 138 ? -0.618  -4.987  6.098   1.00 37.78  ? 231 PHE A N   1 
ATOM   1058 C CA  . PHE A 1 138 ? -0.373  -5.785  4.912   1.00 35.54  ? 231 PHE A CA  1 
ATOM   1059 C C   . PHE A 1 138 ? 0.956   -6.484  4.850   1.00 34.42  ? 231 PHE A C   1 
ATOM   1060 O O   . PHE A 1 138 ? 1.157   -7.299  3.962   1.00 36.64  ? 231 PHE A O   1 
ATOM   1061 C CB  . PHE A 1 138 ? -0.522  -4.906  3.687   1.00 37.31  ? 231 PHE A CB  1 
ATOM   1062 C CG  . PHE A 1 138 ? -1.912  -4.306  3.539   1.00 37.81  ? 231 PHE A CG  1 
ATOM   1063 C CD1 . PHE A 1 138 ? -2.903  -4.989  2.837   1.00 37.16  ? 231 PHE A CD1 1 
ATOM   1064 C CD2 . PHE A 1 138 ? -2.217  -3.063  4.092   1.00 37.77  ? 231 PHE A CD2 1 
ATOM   1065 C CE1 . PHE A 1 138 ? -4.161  -4.449  2.692   1.00 35.34  ? 231 PHE A CE1 1 
ATOM   1066 C CE2 . PHE A 1 138 ? -3.470  -2.498  3.942   1.00 40.07  ? 231 PHE A CE2 1 
ATOM   1067 C CZ  . PHE A 1 138 ? -4.450  -3.199  3.243   1.00 41.39  ? 231 PHE A CZ  1 
ATOM   1068 N N   . ILE A 1 139 ? 1.883   -6.194  5.738   1.00 33.57  ? 232 ILE A N   1 
ATOM   1069 C CA  . ILE A 1 139 ? 3.268   -6.664  5.532   1.00 37.52  ? 232 ILE A CA  1 
ATOM   1070 C C   . ILE A 1 139 ? 3.447   -8.173  5.774   1.00 45.75  ? 232 ILE A C   1 
ATOM   1071 O O   . ILE A 1 139 ? 4.132   -8.868  5.017   1.00 45.25  ? 232 ILE A O   1 
ATOM   1072 C CB  . ILE A 1 139 ? 4.240   -5.915  6.422   1.00 38.68  ? 232 ILE A CB  1 
ATOM   1073 C CG1 . ILE A 1 139 ? 4.230   -4.431  6.116   1.00 43.93  ? 232 ILE A CG1 1 
ATOM   1074 C CG2 . ILE A 1 139 ? 5.638   -6.447  6.236   1.00 42.79  ? 232 ILE A CG2 1 
ATOM   1075 C CD1 . ILE A 1 139 ? 4.623   -4.066  4.692   1.00 43.89  ? 232 ILE A CD1 1 
ATOM   1076 N N   . ARG A 1 140 ? 2.835   -8.690  6.830   1.00 49.52  ? 233 ARG A N   1 
ATOM   1077 C CA  . ARG A 1 140 ? 2.912   -10.125 7.100   1.00 50.25  ? 233 ARG A CA  1 
ATOM   1078 C C   . ARG A 1 140 ? 2.145   -10.908 6.019   1.00 44.86  ? 233 ARG A C   1 
ATOM   1079 O O   . ARG A 1 140 ? 2.679   -11.865 5.452   1.00 45.57  ? 233 ARG A O   1 
ATOM   1080 C CB  . ARG A 1 140 ? 2.450   -10.431 8.545   1.00 58.26  ? 233 ARG A CB  1 
ATOM   1081 C CG  . ARG A 1 140 ? 2.234   -11.900 8.918   1.00 69.52  ? 233 ARG A CG  1 
ATOM   1082 C CD  . ARG A 1 140 ? 3.405   -12.801 8.555   1.00 83.71  ? 233 ARG A CD  1 
ATOM   1083 N NE  . ARG A 1 140 ? 4.699   -12.194 8.910   1.00 100.15 ? 233 ARG A NE  1 
ATOM   1084 C CZ  . ARG A 1 140 ? 5.897   -12.623 8.494   1.00 101.54 ? 233 ARG A CZ  1 
ATOM   1085 N NH1 . ARG A 1 140 ? 6.031   -13.696 7.696   1.00 95.75  ? 233 ARG A NH1 1 
ATOM   1086 N NH2 . ARG A 1 140 ? 6.983   -11.966 8.892   1.00 99.44  ? 233 ARG A NH2 1 
ATOM   1087 N N   . PRO A 1 141 ? 0.898   -10.513 5.723   1.00 41.64  ? 234 PRO A N   1 
ATOM   1088 C CA  . PRO A 1 141 ? 0.238   -11.207 4.626   1.00 41.69  ? 234 PRO A CA  1 
ATOM   1089 C C   . PRO A 1 141 ? 1.005   -11.102 3.272   1.00 44.47  ? 234 PRO A C   1 
ATOM   1090 O O   . PRO A 1 141 ? 0.983   -12.032 2.477   1.00 47.39  ? 234 PRO A O   1 
ATOM   1091 C CB  . PRO A 1 141 ? -1.140  -10.539 4.547   1.00 41.85  ? 234 PRO A CB  1 
ATOM   1092 C CG  . PRO A 1 141 ? -1.341  -9.833  5.800   1.00 43.95  ? 234 PRO A CG  1 
ATOM   1093 C CD  . PRO A 1 141 ? -0.026  -9.682  6.507   1.00 41.02  ? 234 PRO A CD  1 
ATOM   1094 N N   . LEU A 1 142 ? 1.735   -10.022 3.026   1.00 41.76  ? 235 LEU A N   1 
ATOM   1095 C CA  . LEU A 1 142 ? 2.466   -9.921  1.761   1.00 39.77  ? 235 LEU A CA  1 
ATOM   1096 C C   . LEU A 1 142 ? 3.656   -10.859 1.764   1.00 40.82  ? 235 LEU A C   1 
ATOM   1097 O O   . LEU A 1 142 ? 3.947   -11.489 0.754   1.00 40.62  ? 235 LEU A O   1 
ATOM   1098 C CB  . LEU A 1 142 ? 2.929   -8.477  1.489   1.00 38.44  ? 235 LEU A CB  1 
ATOM   1099 C CG  . LEU A 1 142 ? 3.902   -8.260  0.308   1.00 35.98  ? 235 LEU A CG  1 
ATOM   1100 C CD1 . LEU A 1 142 ? 3.166   -8.471  -1.012  1.00 35.53  ? 235 LEU A CD1 1 
ATOM   1101 C CD2 . LEU A 1 142 ? 4.522   -6.885  0.383   1.00 34.49  ? 235 LEU A CD2 1 
ATOM   1102 N N   . ARG A 1 143 ? 4.380   -10.877 2.880   1.00 44.26  ? 236 ARG A N   1 
ATOM   1103 C CA  . ARG A 1 143 ? 5.491   -11.788 3.048   1.00 46.57  ? 236 ARG A CA  1 
ATOM   1104 C C   . ARG A 1 143 ? 5.012   -13.228 2.849   1.00 48.42  ? 236 ARG A C   1 
ATOM   1105 O O   . ARG A 1 143 ? 5.681   -13.980 2.166   1.00 45.78  ? 236 ARG A O   1 
ATOM   1106 C CB  . ARG A 1 143 ? 6.132   -11.631 4.414   1.00 47.79  ? 236 ARG A CB  1 
ATOM   1107 C CG  . ARG A 1 143 ? 6.980   -10.383 4.545   1.00 52.40  ? 236 ARG A CG  1 
ATOM   1108 C CD  . ARG A 1 143 ? 7.545   -10.216 5.956   1.00 58.03  ? 236 ARG A CD  1 
ATOM   1109 N NE  . ARG A 1 143 ? 8.292   -8.955  6.085   1.00 68.85  ? 236 ARG A NE  1 
ATOM   1110 C CZ  . ARG A 1 143 ? 8.523   -8.254  7.217   1.00 71.06  ? 236 ARG A CZ  1 
ATOM   1111 N NH1 . ARG A 1 143 ? 8.086   -8.666  8.408   1.00 67.50  ? 236 ARG A NH1 1 
ATOM   1112 N NH2 . ARG A 1 143 ? 9.204   -7.094  7.155   1.00 69.42  ? 236 ARG A NH2 1 
ATOM   1113 N N   . ASP A 1 144 ? 3.841   -13.593 3.382   1.00 48.33  ? 237 ASP A N   1 
ATOM   1114 C CA  . ASP A 1 144 ? 3.348   -14.970 3.237   1.00 49.97  ? 237 ASP A CA  1 
ATOM   1115 C C   . ASP A 1 144 ? 2.917   -15.249 1.826   1.00 52.56  ? 237 ASP A C   1 
ATOM   1116 O O   . ASP A 1 144 ? 3.186   -16.314 1.294   1.00 58.44  ? 237 ASP A O   1 
ATOM   1117 C CB  . ASP A 1 144 ? 2.218   -15.302 4.226   1.00 54.07  ? 237 ASP A CB  1 
ATOM   1118 C CG  . ASP A 1 144 ? 2.709   -15.350 5.703   1.00 64.47  ? 237 ASP A CG  1 
ATOM   1119 O OD1 . ASP A 1 144 ? 3.960   -15.406 5.964   1.00 59.14  ? 237 ASP A OD1 1 
ATOM   1120 O OD2 . ASP A 1 144 ? 1.835   -15.291 6.610   1.00 65.96  ? 237 ASP A OD2 1 
ATOM   1121 N N   . TRP A 1 145 ? 2.268   -14.284 1.194   1.00 52.97  ? 238 TRP A N   1 
ATOM   1122 C CA  . TRP A 1 145 ? 1.898   -14.432 -0.214  1.00 51.45  ? 238 TRP A CA  1 
ATOM   1123 C C   . TRP A 1 145 ? 3.128   -14.571 -1.141  1.00 48.84  ? 238 TRP A C   1 
ATOM   1124 O O   . TRP A 1 145 ? 3.096   -15.359 -2.085  1.00 50.59  ? 238 TRP A O   1 
ATOM   1125 C CB  . TRP A 1 145 ? 1.035   -13.251 -0.614  1.00 49.38  ? 238 TRP A CB  1 
ATOM   1126 C CG  . TRP A 1 145 ? 0.358   -13.338 -1.894  1.00 47.63  ? 238 TRP A CG  1 
ATOM   1127 C CD1 . TRP A 1 145 ? -0.979  -13.593 -2.111  1.00 45.62  ? 238 TRP A CD1 1 
ATOM   1128 C CD2 . TRP A 1 145 ? 0.933   -13.049 -3.170  1.00 43.70  ? 238 TRP A CD2 1 
ATOM   1129 N NE1 . TRP A 1 145 ? -1.256  -13.508 -3.460  1.00 46.71  ? 238 TRP A NE1 1 
ATOM   1130 C CE2 . TRP A 1 145 ? -0.097  -13.182 -4.129  1.00 43.94  ? 238 TRP A CE2 1 
ATOM   1131 C CE3 . TRP A 1 145 ? 2.220   -12.672 -3.596  1.00 44.96  ? 238 TRP A CE3 1 
ATOM   1132 C CZ2 . TRP A 1 145 ? 0.126   -12.980 -5.493  1.00 44.15  ? 238 TRP A CZ2 1 
ATOM   1133 C CZ3 . TRP A 1 145 ? 2.446   -12.457 -4.964  1.00 46.70  ? 238 TRP A CZ3 1 
ATOM   1134 C CH2 . TRP A 1 145 ? 1.404   -12.628 -5.896  1.00 43.27  ? 238 TRP A CH2 1 
ATOM   1135 N N   . LEU A 1 146 ? 4.195   -13.823 -0.871  1.00 43.57  ? 239 LEU A N   1 
ATOM   1136 C CA  . LEU A 1 146 ? 5.431   -13.942 -1.670  1.00 47.73  ? 239 LEU A CA  1 
ATOM   1137 C C   . LEU A 1 146 ? 6.142   -15.286 -1.513  1.00 53.31  ? 239 LEU A C   1 
ATOM   1138 O O   . LEU A 1 146 ? 6.683   -15.812 -2.488  1.00 52.09  ? 239 LEU A O   1 
ATOM   1139 C CB  . LEU A 1 146 ? 6.423   -12.816 -1.352  1.00 43.77  ? 239 LEU A CB  1 
ATOM   1140 C CG  . LEU A 1 146 ? 6.013   -11.376 -1.694  1.00 45.33  ? 239 LEU A CG  1 
ATOM   1141 C CD1 . LEU A 1 146 ? 7.034   -10.328 -1.246  1.00 42.23  ? 239 LEU A CD1 1 
ATOM   1142 C CD2 . LEU A 1 146 ? 5.803   -11.272 -3.192  1.00 42.12  ? 239 LEU A CD2 1 
ATOM   1143 N N   . SER A 1 147 ? 6.178   -15.811 -0.292  1.00 58.06  ? 240 SER A N   1 
ATOM   1144 C CA  . SER A 1 147 ? 6.651   -17.192 -0.049  1.00 63.03  ? 240 SER A CA  1 
ATOM   1145 C C   . SER A 1 147 ? 5.871   -18.263 -0.810  1.00 56.61  ? 240 SER A C   1 
ATOM   1146 O O   . SER A 1 147 ? 6.486   -19.024 -1.536  1.00 62.01  ? 240 SER A O   1 
ATOM   1147 C CB  . SER A 1 147 ? 6.671   -17.525 1.445   1.00 65.22  ? 240 SER A CB  1 
ATOM   1148 O OG  . SER A 1 147 ? 7.893   -17.072 1.974   1.00 75.51  ? 240 SER A OG  1 
ATOM   1149 N N   . ARG A 1 148 ? 4.544   -18.299 -0.674  1.00 52.41  ? 241 ARG A N   1 
ATOM   1150 C CA  . ARG A 1 148 ? 3.680   -19.178 -1.496  1.00 62.62  ? 241 ARG A CA  1 
ATOM   1151 C C   . ARG A 1 148 ? 3.850   -19.072 -3.049  1.00 71.66  ? 241 ARG A C   1 
ATOM   1152 O O   . ARG A 1 148 ? 4.089   -20.091 -3.721  1.00 75.99  ? 241 ARG A O   1 
ATOM   1153 C CB  . ARG A 1 148 ? 2.190   -19.008 -1.130  1.00 67.58  ? 241 ARG A CB  1 
ATOM   1154 C CG  . ARG A 1 148 ? 1.783   -19.493 0.261   1.00 66.44  ? 241 ARG A CG  1 
ATOM   1155 N N   . ARG A 1 149 ? 3.734   -17.853 -3.577  0.50 72.03  ? 242 ARG A N   1 
ATOM   1156 C CA  . ARG A 1 149 ? 3.829   -17.592 -5.017  0.50 71.82  ? 242 ARG A CA  1 
ATOM   1157 C C   . ARG A 1 149 ? 5.233   -17.777 -5.614  0.50 72.91  ? 242 ARG A C   1 
ATOM   1158 O O   . ARG A 1 149 ? 5.356   -18.207 -6.762  0.50 79.61  ? 242 ARG A O   1 
ATOM   1159 C CB  . ARG A 1 149 ? 3.332   -16.179 -5.312  0.50 73.66  ? 242 ARG A CB  1 
ATOM   1160 C CG  . ARG A 1 149 ? 3.641   -15.685 -6.715  0.50 75.11  ? 242 ARG A CG  1 
ATOM   1161 C CD  . ARG A 1 149 ? 2.946   -16.517 -7.779  0.50 75.04  ? 242 ARG A CD  1 
ATOM   1162 N NE  . ARG A 1 149 ? 1.491   -16.472 -7.673  0.50 74.27  ? 242 ARG A NE  1 
ATOM   1163 C CZ  . ARG A 1 149 ? 0.715   -15.703 -8.427  0.50 74.40  ? 242 ARG A CZ  1 
ATOM   1164 N NH1 . ARG A 1 149 ? -0.600  -15.736 -8.271  0.50 75.09  ? 242 ARG A NH1 1 
ATOM   1165 N NH2 . ARG A 1 149 ? 1.258   -14.904 -9.337  0.50 75.26  ? 242 ARG A NH2 1 
ATOM   1166 N N   . PHE A 1 150 ? 6.275   -17.462 -4.843  1.00 70.65  ? 243 PHE A N   1 
ATOM   1167 C CA  . PHE A 1 150 ? 7.704   -17.585 -5.304  1.00 67.74  ? 243 PHE A CA  1 
ATOM   1168 C C   . PHE A 1 150 ? 8.558   -18.613 -4.482  1.00 79.96  ? 243 PHE A C   1 
ATOM   1169 O O   . PHE A 1 150 ? 8.569   -19.803 -4.810  1.00 99.02  ? 243 PHE A O   1 
ATOM   1170 C CB  . PHE A 1 150 ? 8.379   -16.197 -5.328  1.00 66.78  ? 243 PHE A CB  1 
ATOM   1171 C CG  . PHE A 1 150 ? 7.677   -15.167 -6.206  1.00 69.85  ? 243 PHE A CG  1 
ATOM   1172 C CD1 . PHE A 1 150 ? 7.969   -15.060 -7.577  1.00 67.66  ? 243 PHE A CD1 1 
ATOM   1173 C CD2 . PHE A 1 150 ? 6.756   -14.269 -5.668  1.00 57.21  ? 243 PHE A CD2 1 
ATOM   1174 C CE1 . PHE A 1 150 ? 7.327   -14.120 -8.384  1.00 65.39  ? 243 PHE A CE1 1 
ATOM   1175 C CE2 . PHE A 1 150 ? 6.117   -13.332 -6.478  1.00 57.91  ? 243 PHE A CE2 1 
ATOM   1176 C CZ  . PHE A 1 150 ? 6.391   -13.261 -7.834  1.00 62.83  ? 243 PHE A CZ  1 
ATOM   1177 N N   . GLY A 1 151 ? 9.266   -18.189 -3.430  1.00 84.06  ? 244 GLY A N   1 
ATOM   1178 C CA  . GLY A 1 151 ? 10.146  -19.097 -2.681  1.00 88.45  ? 244 GLY A CA  1 
ATOM   1179 C C   . GLY A 1 151 ? 10.900  -18.423 -1.542  1.00 93.46  ? 244 GLY A C   1 
ATOM   1180 O O   . GLY A 1 151 ? 12.071  -18.053 -1.685  1.00 100.34 ? 244 GLY A O   1 
HETATM 1181 C C1  . EDO B 2 .   ? -6.431  5.109   -15.121 1.00 90.66  ? 301 EDO A C1  1 
HETATM 1182 O O1  . EDO B 2 .   ? -5.895  6.362   -15.562 1.00 86.31  ? 301 EDO A O1  1 
HETATM 1183 C C2  . EDO B 2 .   ? -5.394  4.011   -15.351 1.00 90.41  ? 301 EDO A C2  1 
HETATM 1184 O O2  . EDO B 2 .   ? -5.938  2.951   -16.156 1.00 93.37  ? 301 EDO A O2  1 
HETATM 1185 C C1  . EDO C 2 .   ? 3.593   9.675   11.722  1.00 90.27  ? 302 EDO A C1  1 
HETATM 1186 O O1  . EDO C 2 .   ? 2.303   9.613   11.091  1.00 85.33  ? 302 EDO A O1  1 
HETATM 1187 C C2  . EDO C 2 .   ? 3.628   8.901   13.057  1.00 86.81  ? 302 EDO A C2  1 
HETATM 1188 O O2  . EDO C 2 .   ? 4.914   9.012   13.735  1.00 70.44  ? 302 EDO A O2  1 
HETATM 1189 S S   . DMS D 3 .   ? 15.152  1.155   -1.560  1.00 88.40  ? 303 DMS A S   1 
HETATM 1190 O O   . DMS D 3 .   ? 14.636  1.354   -0.193  1.00 91.80  ? 303 DMS A O   1 
HETATM 1191 C C1  . DMS D 3 .   ? 16.134  2.484   -2.003  1.00 82.94  ? 303 DMS A C1  1 
HETATM 1192 C C2  . DMS D 3 .   ? 16.267  -0.139  -1.507  1.00 90.64  ? 303 DMS A C2  1 
HETATM 1193 C C   . ACT E 4 .   ? 2.029   16.555  9.879   1.00 67.68  ? 304 ACT A C   1 
HETATM 1194 O O   . ACT E 4 .   ? 2.714   16.188  8.921   1.00 76.69  ? 304 ACT A O   1 
HETATM 1195 O OXT . ACT E 4 .   ? 0.797   16.497  9.795   1.00 62.60  ? 304 ACT A OXT 1 
HETATM 1196 C CH3 . ACT E 4 .   ? 2.695   17.117  11.112  1.00 77.60  ? 304 ACT A CH3 1 
HETATM 1197 C C   . ACT F 4 .   ? -0.236  6.322   14.371  1.00 68.27  ? 305 ACT A C   1 
HETATM 1198 O O   . ACT F 4 .   ? 0.762   5.564   14.431  1.00 57.80  ? 305 ACT A O   1 
HETATM 1199 O OXT . ACT F 4 .   ? -0.120  7.508   14.002  1.00 73.96  ? 305 ACT A OXT 1 
HETATM 1200 C CH3 . ACT F 4 .   ? -1.598  5.812   14.752  1.00 67.80  ? 305 ACT A CH3 1 
HETATM 1201 N N1  . LE7 G 5 .   ? -1.843  8.035   7.189   0.42 38.73  ? 306 LE7 A N1  1 
HETATM 1202 N N3  . LE7 G 5 .   ? -1.342  7.640   4.402   0.42 35.58  ? 306 LE7 A N3  1 
HETATM 1203 C C4  . LE7 G 5 .   ? -3.625  7.824   8.385   0.42 37.96  ? 306 LE7 A C4  1 
HETATM 1204 C C5  . LE7 G 5 .   ? -3.934  7.390   7.091   0.42 37.29  ? 306 LE7 A C5  1 
HETATM 1205 C C6  . LE7 G 5 .   ? -2.775  7.534   6.341   0.42 37.45  ? 306 LE7 A C6  1 
HETATM 1206 C C7  . LE7 G 5 .   ? -2.497  7.223   4.933   0.42 36.56  ? 306 LE7 A C7  1 
HETATM 1207 C C8  . LE7 G 5 .   ? -0.877  7.160   3.103   0.42 34.85  ? 306 LE7 A C8  1 
HETATM 1208 C C10 . LE7 G 5 .   ? -2.203  6.946   0.964   0.42 35.21  ? 306 LE7 A C10 1 
HETATM 1209 C C13 . LE7 G 5 .   ? -2.508  9.688   0.786   0.42 34.45  ? 306 LE7 A C13 1 
HETATM 1210 C C1  . LE7 G 5 .   ? -4.542  6.429   11.650  0.42 39.17  ? 306 LE7 A C1  1 
HETATM 1211 C C11 . LE7 G 5 .   ? -2.909  7.494   -0.097  0.42 35.70  ? 306 LE7 A C11 1 
HETATM 1212 C C12 . LE7 G 5 .   ? -3.041  8.855   -0.151  0.42 36.22  ? 306 LE7 A C12 1 
HETATM 1213 C C14 . LE7 G 5 .   ? -1.807  9.122   1.840   0.42 34.87  ? 306 LE7 A C14 1 
HETATM 1214 C C2  . LE7 G 5 .   ? -3.847  7.548   10.910  0.42 38.92  ? 306 LE7 A C2  1 
HETATM 1215 C C3  . LE7 G 5 .   ? -4.530  7.893   9.580   0.42 37.37  ? 306 LE7 A C3  1 
HETATM 1216 C C9  . LE7 G 5 .   ? -1.645  7.752   1.945   0.42 35.16  ? 306 LE7 A C9  1 
HETATM 1217 F F1  . LE7 G 5 .   ? -3.727  9.406   -1.190  0.42 35.96  ? 306 LE7 A F1  1 
HETATM 1218 N N2  . LE7 G 5 .   ? -2.348  8.219   8.436   0.42 37.59  ? 306 LE7 A N2  1 
HETATM 1219 O O1  . LE7 G 5 .   ? -3.313  6.569   4.279   0.42 39.82  ? 306 LE7 A O1  1 
HETATM 1220 O O   . HOH H 6 .   ? 7.963   -13.504 1.883   1.00 51.87  ? 401 HOH A O   1 
HETATM 1221 O O   . HOH H 6 .   ? 3.047   17.878  -2.583  1.00 60.63  ? 402 HOH A O   1 
HETATM 1222 O O   . HOH H 6 .   ? -6.217  9.677   -5.310  1.00 65.81  ? 403 HOH A O   1 
HETATM 1223 O O   . HOH H 6 .   ? 10.877  -10.185 -0.675  1.00 53.24  ? 404 HOH A O   1 
HETATM 1224 O O   . HOH H 6 .   ? 1.030   -8.333  -11.701 1.00 35.86  ? 405 HOH A O   1 
HETATM 1225 O O   . HOH H 6 .   ? -12.570 4.219   -13.332 1.00 64.22  ? 406 HOH A O   1 
HETATM 1226 O O   . HOH H 6 .   ? -6.510  -3.662  -16.086 1.00 55.89  ? 407 HOH A O   1 
HETATM 1227 O O   . HOH H 6 .   ? -16.642 -2.435  -4.489  1.00 50.94  ? 408 HOH A O   1 
HETATM 1228 O O   . HOH H 6 .   ? 1.297   1.946   34.620  1.00 39.50  ? 409 HOH A O   1 
HETATM 1229 O O   . HOH H 6 .   ? 12.863  4.885   1.271   1.00 60.71  ? 410 HOH A O   1 
HETATM 1230 O O   . HOH H 6 .   ? -0.794  -0.443  -17.425 1.00 52.62  ? 411 HOH A O   1 
HETATM 1231 O O   . HOH H 6 .   ? -2.385  2.773   -12.142 1.00 40.95  ? 412 HOH A O   1 
HETATM 1232 O O   . HOH H 6 .   ? 1.631   -7.325  9.122   1.00 37.71  ? 413 HOH A O   1 
HETATM 1233 O O   . HOH H 6 .   ? 2.522   0.104   -3.890  1.00 33.36  ? 414 HOH A O   1 
HETATM 1234 O O   . HOH H 6 .   ? 1.825   -0.948  25.369  1.00 51.20  ? 415 HOH A O   1 
HETATM 1235 O O   . HOH H 6 .   ? 3.013   14.412  5.575   1.00 38.04  ? 416 HOH A O   1 
HETATM 1236 O O   . HOH H 6 .   ? -4.833  -13.701 -3.938  1.00 57.15  ? 417 HOH A O   1 
HETATM 1237 O O   . HOH H 6 .   ? -11.267 -1.406  16.601  1.00 62.36  ? 418 HOH A O   1 
HETATM 1238 O O   . HOH H 6 .   ? 9.299   9.822   6.621   1.00 46.50  ? 419 HOH A O   1 
HETATM 1239 O O   . HOH H 6 .   ? 0.841   5.264   7.843   1.00 34.25  ? 420 HOH A O   1 
HETATM 1240 O O   . HOH H 6 .   ? -10.038 -8.767  -9.108  1.00 59.24  ? 421 HOH A O   1 
HETATM 1241 O O   . HOH H 6 .   ? 13.865  -11.727 -3.366  1.00 63.62  ? 422 HOH A O   1 
HETATM 1242 O O   . HOH H 6 .   ? 6.632   -15.509 5.483   1.00 58.40  ? 423 HOH A O   1 
HETATM 1243 O O   . HOH H 6 .   ? -3.688  -6.668  -16.614 1.00 57.32  ? 424 HOH A O   1 
HETATM 1244 O O   . HOH H 6 .   ? 9.063   12.536  2.727   1.00 63.78  ? 425 HOH A O   1 
HETATM 1245 O O   . HOH H 6 .   ? 11.791  10.405  3.581   1.00 56.25  ? 426 HOH A O   1 
HETATM 1246 O O   . HOH H 6 .   ? -2.614  3.409   2.516   1.00 34.41  ? 427 HOH A O   1 
HETATM 1247 O O   . HOH H 6 .   ? -2.435  -7.957  -9.242  1.00 35.40  ? 428 HOH A O   1 
HETATM 1248 O O   . HOH H 6 .   ? 13.592  -6.550  1.605   1.00 46.07  ? 429 HOH A O   1 
HETATM 1249 O O   . HOH H 6 .   ? -12.474 -5.870  -11.093 1.00 51.97  ? 430 HOH A O   1 
HETATM 1250 O O   . HOH H 6 .   ? 11.638  -5.367  10.105  1.00 54.05  ? 431 HOH A O   1 
HETATM 1251 O O   . HOH H 6 .   ? -5.486  26.704  -2.466  1.00 54.58  ? 432 HOH A O   1 
HETATM 1252 O O   . HOH H 6 .   ? 0.814   17.064  7.080   1.00 47.92  ? 433 HOH A O   1 
HETATM 1253 O O   . HOH H 6 .   ? 2.554   1.814   -17.041 1.00 51.70  ? 434 HOH A O   1 
HETATM 1254 O O   . HOH H 6 .   ? -1.469  -0.607  11.851  1.00 54.31  ? 435 HOH A O   1 
HETATM 1255 O O   . HOH H 6 .   ? 2.633   4.291   -16.314 1.00 45.47  ? 436 HOH A O   1 
HETATM 1256 O O   . HOH H 6 .   ? -19.575 -1.661  -10.244 1.00 75.31  ? 437 HOH A O   1 
HETATM 1257 O O   . HOH H 6 .   ? -1.702  1.134   3.066   1.00 36.09  ? 438 HOH A O   1 
HETATM 1258 O O   . HOH H 6 .   ? -10.257 7.819   -0.922  1.00 56.90  ? 439 HOH A O   1 
HETATM 1259 O O   . HOH H 6 .   ? -3.138  -7.902  9.300   1.00 52.26  ? 440 HOH A O   1 
HETATM 1260 O O   . HOH H 6 .   ? 14.016  0.810   3.360   1.00 32.76  ? 441 HOH A O   1 
HETATM 1261 O O   . HOH H 6 .   ? 0.897   -10.446 -9.639  1.00 51.62  ? 442 HOH A O   1 
HETATM 1262 O O   . HOH H 6 .   ? -5.092  -3.721  -20.363 1.00 58.67  ? 443 HOH A O   1 
HETATM 1263 O O   . HOH H 6 .   ? -8.808  3.111   -14.265 1.00 55.47  ? 444 HOH A O   1 
HETATM 1264 O O   . HOH H 6 .   ? -16.240 -12.504 10.540  1.00 48.78  ? 445 HOH A O   1 
HETATM 1265 O O   . HOH H 6 .   ? 8.265   1.142   -15.488 1.00 61.48  ? 446 HOH A O   1 
HETATM 1266 O O   . HOH H 6 .   ? 12.763  5.605   -3.407  1.00 43.75  ? 447 HOH A O   1 
HETATM 1267 O O   . HOH H 6 .   ? -8.136  0.547   -15.796 1.00 47.89  ? 448 HOH A O   1 
HETATM 1268 O O   . HOH H 6 .   ? 7.833   6.049   13.254  1.00 46.47  ? 449 HOH A O   1 
HETATM 1269 O O   . HOH H 6 .   ? 12.653  12.498  -0.848  1.00 60.62  ? 450 HOH A O   1 
HETATM 1270 O O   . HOH H 6 .   ? 5.620   10.442  8.363   1.00 59.46  ? 451 HOH A O   1 
HETATM 1271 O O   . HOH H 6 .   ? -6.850  -11.608 0.984   1.00 56.65  ? 452 HOH A O   1 
HETATM 1272 O O   . HOH H 6 .   ? 10.157  5.881   -16.001 1.00 57.87  ? 453 HOH A O   1 
HETATM 1273 O O   . HOH H 6 .   ? -9.082  -9.004  7.525   1.00 59.82  ? 454 HOH A O   1 
HETATM 1274 O O   . HOH H 6 .   ? 12.754  5.272   -16.541 1.00 63.86  ? 455 HOH A O   1 
HETATM 1275 O O   . HOH H 6 .   ? -4.598  11.442  -4.105  1.00 61.73  ? 456 HOH A O   1 
HETATM 1276 O O   . HOH H 6 .   ? -1.656  -14.576 5.247   1.00 61.81  ? 457 HOH A O   1 
HETATM 1277 O O   . HOH H 6 .   ? 5.115   5.333   -15.829 1.00 60.90  ? 458 HOH A O   1 
HETATM 1278 O O   . HOH H 6 .   ? 12.204  2.294   7.160   1.00 58.84  ? 459 HOH A O   1 
HETATM 1279 O O   . HOH H 6 .   ? 1.288   6.041   -18.440 1.00 56.87  ? 460 HOH A O   1 
# 
